data_6V1C
# 
_entry.id   6V1C 
# 
_audit_conform.dict_name       mmcif_pdbx.dic 
_audit_conform.dict_version    5.380 
_audit_conform.dict_location   http://mmcif.pdb.org/dictionaries/ascii/mmcif_pdbx.dic 
# 
loop_
_database_2.database_id 
_database_2.database_code 
_database_2.pdbx_database_accession 
_database_2.pdbx_DOI 
PDB   6V1C         pdb_00006v1c 10.2210/pdb6v1c/pdb 
WWPDB D_1000245280 ?            ?                   
# 
_pdbx_database_status.status_code                     REL 
_pdbx_database_status.status_code_sf                  REL 
_pdbx_database_status.status_code_mr                  ? 
_pdbx_database_status.entry_id                        6V1C 
_pdbx_database_status.recvd_initial_deposition_date   2019-11-20 
_pdbx_database_status.SG_entry                        N 
_pdbx_database_status.deposit_site                    RCSB 
_pdbx_database_status.process_site                    RCSB 
_pdbx_database_status.status_code_cs                  ? 
_pdbx_database_status.methods_development_category    ? 
_pdbx_database_status.pdb_format_compatible           Y 
_pdbx_database_status.status_code_nmr_data            ? 
# 
loop_
_audit_author.name 
_audit_author.pdbx_ordinal 
_audit_author.identifier_ORCID 
'Jarva, M.A.'          1 0000-0002-8519-5622 
'Lingford, J.P.'       2 0000-0003-1980-3949 
'John, A.'             3 0000-0002-6855-5470 
'Scott, N.E.'          4 0000-0003-2556-8316 
'Goddard-Borger, E.D.' 5 0000-0002-8181-9733 
# 
_citation.abstract                  ? 
_citation.abstract_id_CAS           ? 
_citation.book_id_ISBN              ? 
_citation.book_publisher            ? 
_citation.book_publisher_city       ? 
_citation.book_title                ? 
_citation.coordinate_linkage        ? 
_citation.country                   UK 
_citation.database_id_Medline       ? 
_citation.details                   ? 
_citation.id                        primary 
_citation.journal_abbrev            'Nat Commun' 
_citation.journal_id_ASTM           ? 
_citation.journal_id_CSD            ? 
_citation.journal_id_ISSN           2041-1723 
_citation.journal_full              ? 
_citation.journal_issue             ? 
_citation.journal_volume            11 
_citation.language                  ? 
_citation.page_first                2265 
_citation.page_last                 2265 
_citation.title                     'Trefoil factors share a lectin activity that defines their role in mucus.' 
_citation.year                      2020 
_citation.database_id_CSD           ? 
_citation.pdbx_database_id_DOI      10.1038/s41467-020-16223-7 
_citation.pdbx_database_id_PubMed   32404934 
_citation.unpublished_flag          ? 
# 
loop_
_citation_author.citation_id 
_citation_author.name 
_citation_author.ordinal 
_citation_author.identifier_ORCID 
primary 'Jarva, M.A.'          1 0000-0002-8519-5622 
primary 'Lingford, J.P.'       2 ?                   
primary 'John, A.'             3 ?                   
primary 'Soler, N.M.'          4 ?                   
primary 'Scott, N.E.'          5 0000-0003-2556-8316 
primary 'Goddard-Borger, E.D.' 6 0000-0002-8181-9733 
# 
_cell.angle_alpha                  90.000 
_cell.angle_alpha_esd              ? 
_cell.angle_beta                   90.000 
_cell.angle_beta_esd               ? 
_cell.angle_gamma                  90.000 
_cell.angle_gamma_esd              ? 
_cell.entry_id                     6V1C 
_cell.details                      ? 
_cell.formula_units_Z              ? 
_cell.length_a                     37.588 
_cell.length_a_esd                 ? 
_cell.length_b                     37.588 
_cell.length_b_esd                 ? 
_cell.length_c                     87.480 
_cell.length_c_esd                 ? 
_cell.volume                       ? 
_cell.volume_esd                   ? 
_cell.Z_PDB                        8 
_cell.reciprocal_angle_alpha       ? 
_cell.reciprocal_angle_beta        ? 
_cell.reciprocal_angle_gamma       ? 
_cell.reciprocal_angle_alpha_esd   ? 
_cell.reciprocal_angle_beta_esd    ? 
_cell.reciprocal_angle_gamma_esd   ? 
_cell.reciprocal_length_a          ? 
_cell.reciprocal_length_b          ? 
_cell.reciprocal_length_c          ? 
_cell.reciprocal_length_a_esd      ? 
_cell.reciprocal_length_b_esd      ? 
_cell.reciprocal_length_c_esd      ? 
_cell.pdbx_unique_axis             ? 
# 
_symmetry.entry_id                         6V1C 
_symmetry.cell_setting                     ? 
_symmetry.Int_Tables_number                92 
_symmetry.space_group_name_Hall            ? 
_symmetry.space_group_name_H-M             'P 41 21 2' 
_symmetry.pdbx_full_space_group_name_H-M   ? 
# 
loop_
_entity.id 
_entity.type 
_entity.src_method 
_entity.pdbx_description 
_entity.formula_weight 
_entity.pdbx_number_of_molecules 
_entity.pdbx_ec 
_entity.pdbx_mutation 
_entity.pdbx_fragment 
_entity.details 
1 polymer  man 'Trefoil factor 3'                                                       6903.853 1  ? C57S ? ? 
2 branched man '2-acetamido-2-deoxy-alpha-D-glucopyranose-(1-4)-beta-D-galactopyranose' 383.349  1  ? ?    ? ? 
3 water    nat water                                                                    18.015   38 ? ?    ? ? 
# 
_entity_name_com.entity_id   1 
_entity_name_com.name        'Intestinal trefoil factor,hITF,Polypeptide P1.B,hP1.B' 
# 
_entity_poly.entity_id                      1 
_entity_poly.type                           'polypeptide(L)' 
_entity_poly.nstd_linkage                   no 
_entity_poly.nstd_monomer                   yes 
_entity_poly.pdbx_seq_one_letter_code       'EEYVGLSANQCAVPA(MLY)DRVDCGYPHVTP(MLY)ECNNRGCCFDSRIPGVPWCF(MLY)PLQEAESTLE(MLY)' 
_entity_poly.pdbx_seq_one_letter_code_can   EEYVGLSANQCAVPAKDRVDCGYPHVTPKECNNRGCCFDSRIPGVPWCFKPLQEAESTLEK 
_entity_poly.pdbx_strand_id                 A 
_entity_poly.pdbx_target_identifier         ? 
# 
loop_
_entity_poly_seq.entity_id 
_entity_poly_seq.num 
_entity_poly_seq.mon_id 
_entity_poly_seq.hetero 
1 1  GLU n 
1 2  GLU n 
1 3  TYR n 
1 4  VAL n 
1 5  GLY n 
1 6  LEU n 
1 7  SER n 
1 8  ALA n 
1 9  ASN n 
1 10 GLN n 
1 11 CYS n 
1 12 ALA n 
1 13 VAL n 
1 14 PRO n 
1 15 ALA n 
1 16 MLY n 
1 17 ASP n 
1 18 ARG n 
1 19 VAL n 
1 20 ASP n 
1 21 CYS n 
1 22 GLY n 
1 23 TYR n 
1 24 PRO n 
1 25 HIS n 
1 26 VAL n 
1 27 THR n 
1 28 PRO n 
1 29 MLY n 
1 30 GLU n 
1 31 CYS n 
1 32 ASN n 
1 33 ASN n 
1 34 ARG n 
1 35 GLY n 
1 36 CYS n 
1 37 CYS n 
1 38 PHE n 
1 39 ASP n 
1 40 SER n 
1 41 ARG n 
1 42 ILE n 
1 43 PRO n 
1 44 GLY n 
1 45 VAL n 
1 46 PRO n 
1 47 TRP n 
1 48 CYS n 
1 49 PHE n 
1 50 MLY n 
1 51 PRO n 
1 52 LEU n 
1 53 GLN n 
1 54 GLU n 
1 55 ALA n 
1 56 GLU n 
1 57 SER n 
1 58 THR n 
1 59 LEU n 
1 60 GLU n 
1 61 MLY n 
# 
_entity_src_gen.entity_id                          1 
_entity_src_gen.pdbx_src_id                        1 
_entity_src_gen.pdbx_alt_source_flag               sample 
_entity_src_gen.pdbx_seq_type                      'Biological sequence' 
_entity_src_gen.pdbx_beg_seq_num                   1 
_entity_src_gen.pdbx_end_seq_num                   61 
_entity_src_gen.gene_src_common_name               Human 
_entity_src_gen.gene_src_genus                     ? 
_entity_src_gen.pdbx_gene_src_gene                 'TFF3, ITF, TFI' 
_entity_src_gen.gene_src_species                   ? 
_entity_src_gen.gene_src_strain                    ? 
_entity_src_gen.gene_src_tissue                    ? 
_entity_src_gen.gene_src_tissue_fraction           ? 
_entity_src_gen.gene_src_details                   ? 
_entity_src_gen.pdbx_gene_src_fragment             ? 
_entity_src_gen.pdbx_gene_src_scientific_name      'Homo sapiens' 
_entity_src_gen.pdbx_gene_src_ncbi_taxonomy_id     9606 
_entity_src_gen.pdbx_gene_src_variant              ? 
_entity_src_gen.pdbx_gene_src_cell_line            ? 
_entity_src_gen.pdbx_gene_src_atcc                 ? 
_entity_src_gen.pdbx_gene_src_organ                ? 
_entity_src_gen.pdbx_gene_src_organelle            ? 
_entity_src_gen.pdbx_gene_src_cell                 ? 
_entity_src_gen.pdbx_gene_src_cellular_location    ? 
_entity_src_gen.host_org_common_name               ? 
_entity_src_gen.pdbx_host_org_scientific_name      'Escherichia coli' 
_entity_src_gen.pdbx_host_org_ncbi_taxonomy_id     562 
_entity_src_gen.host_org_genus                     ? 
_entity_src_gen.pdbx_host_org_gene                 ? 
_entity_src_gen.pdbx_host_org_organ                ? 
_entity_src_gen.host_org_species                   ? 
_entity_src_gen.pdbx_host_org_tissue               ? 
_entity_src_gen.pdbx_host_org_tissue_fraction      ? 
_entity_src_gen.pdbx_host_org_strain               ? 
_entity_src_gen.pdbx_host_org_variant              ? 
_entity_src_gen.pdbx_host_org_cell_line            ? 
_entity_src_gen.pdbx_host_org_atcc                 ? 
_entity_src_gen.pdbx_host_org_culture_collection   ? 
_entity_src_gen.pdbx_host_org_cell                 ? 
_entity_src_gen.pdbx_host_org_organelle            ? 
_entity_src_gen.pdbx_host_org_cellular_location    ? 
_entity_src_gen.pdbx_host_org_vector_type          ? 
_entity_src_gen.pdbx_host_org_vector               ? 
_entity_src_gen.host_org_details                   ? 
_entity_src_gen.expression_system_id               ? 
_entity_src_gen.plasmid_name                       ? 
_entity_src_gen.plasmid_details                    ? 
_entity_src_gen.pdbx_description                   ? 
# 
_struct_ref.id                         1 
_struct_ref.db_name                    UNP 
_struct_ref.db_code                    TFF3_HUMAN 
_struct_ref.pdbx_db_accession          Q07654 
_struct_ref.pdbx_db_isoform            ? 
_struct_ref.entity_id                  1 
_struct_ref.pdbx_seq_one_letter_code   EEYVGLSANQCAVPAKDRVDCGYPHVTPKECNNRGCCFDSRIPGVPWCFKPLQEAECT 
_struct_ref.pdbx_align_begin           36 
# 
_struct_ref_seq.align_id                      1 
_struct_ref_seq.ref_id                        1 
_struct_ref_seq.pdbx_PDB_id_code              6V1C 
_struct_ref_seq.pdbx_strand_id                A 
_struct_ref_seq.seq_align_beg                 1 
_struct_ref_seq.pdbx_seq_align_beg_ins_code   ? 
_struct_ref_seq.seq_align_end                 58 
_struct_ref_seq.pdbx_seq_align_end_ins_code   ? 
_struct_ref_seq.pdbx_db_accession             Q07654 
_struct_ref_seq.db_align_beg                  36 
_struct_ref_seq.pdbx_db_align_beg_ins_code    ? 
_struct_ref_seq.db_align_end                  93 
_struct_ref_seq.pdbx_db_align_end_ins_code    ? 
_struct_ref_seq.pdbx_auth_seq_align_beg       1 
_struct_ref_seq.pdbx_auth_seq_align_end       58 
# 
loop_
_struct_ref_seq_dif.align_id 
_struct_ref_seq_dif.pdbx_pdb_id_code 
_struct_ref_seq_dif.mon_id 
_struct_ref_seq_dif.pdbx_pdb_strand_id 
_struct_ref_seq_dif.seq_num 
_struct_ref_seq_dif.pdbx_pdb_ins_code 
_struct_ref_seq_dif.pdbx_seq_db_name 
_struct_ref_seq_dif.pdbx_seq_db_accession_code 
_struct_ref_seq_dif.db_mon_id 
_struct_ref_seq_dif.pdbx_seq_db_seq_num 
_struct_ref_seq_dif.details 
_struct_ref_seq_dif.pdbx_auth_seq_num 
_struct_ref_seq_dif.pdbx_ordinal 
1 6V1C SER A 57 ? UNP Q07654 CYS 92 'engineered mutation' 57 1 
1 6V1C LEU A 59 ? UNP Q07654 ?   ?  'expression tag'      59 2 
1 6V1C GLU A 60 ? UNP Q07654 ?   ?  'expression tag'      60 3 
1 6V1C MLY A 61 ? UNP Q07654 ?   ?  'expression tag'      61 4 
# 
loop_
_chem_comp.id 
_chem_comp.type 
_chem_comp.mon_nstd_flag 
_chem_comp.name 
_chem_comp.pdbx_synonyms 
_chem_comp.formula 
_chem_comp.formula_weight 
ALA 'L-peptide linking'           y ALANINE                                   ? 'C3 H7 N O2'     89.093  
ARG 'L-peptide linking'           y ARGININE                                  ? 'C6 H15 N4 O2 1' 175.209 
ASN 'L-peptide linking'           y ASPARAGINE                                ? 'C4 H8 N2 O3'    132.118 
ASP 'L-peptide linking'           y 'ASPARTIC ACID'                           ? 'C4 H7 N O4'     133.103 
CYS 'L-peptide linking'           y CYSTEINE                                  ? 'C3 H7 N O2 S'   121.158 
GAL 'D-saccharide, beta linking'  . beta-D-galactopyranose                    'beta-D-galactose; D-galactose; galactose' 
'C6 H12 O6'      180.156 
GLN 'L-peptide linking'           y GLUTAMINE                                 ? 'C5 H10 N2 O3'   146.144 
GLU 'L-peptide linking'           y 'GLUTAMIC ACID'                           ? 'C5 H9 N O4'     147.129 
GLY 'peptide linking'             y GLYCINE                                   ? 'C2 H5 N O2'     75.067  
HIS 'L-peptide linking'           y HISTIDINE                                 ? 'C6 H10 N3 O2 1' 156.162 
HOH non-polymer                   . WATER                                     ? 'H2 O'           18.015  
ILE 'L-peptide linking'           y ISOLEUCINE                                ? 'C6 H13 N O2'    131.173 
LEU 'L-peptide linking'           y LEUCINE                                   ? 'C6 H13 N O2'    131.173 
MLY 'L-peptide linking'           n N-DIMETHYL-LYSINE                         ? 'C8 H18 N2 O2'   174.241 
NDG 'D-saccharide, alpha linking' . 2-acetamido-2-deoxy-alpha-D-glucopyranose 
;N-acetyl-alpha-D-glucosamine; 2-acetamido-2-deoxy-alpha-D-glucose; 2-acetamido-2-deoxy-D-glucose; 2-acetamido-2-deoxy-glucose; 2-(ACETYLAMINO)-2-DEOXY-A-D-GLUCOPYRANOSE
;
'C8 H15 N O6'    221.208 
PHE 'L-peptide linking'           y PHENYLALANINE                             ? 'C9 H11 N O2'    165.189 
PRO 'L-peptide linking'           y PROLINE                                   ? 'C5 H9 N O2'     115.130 
SER 'L-peptide linking'           y SERINE                                    ? 'C3 H7 N O3'     105.093 
THR 'L-peptide linking'           y THREONINE                                 ? 'C4 H9 N O3'     119.119 
TRP 'L-peptide linking'           y TRYPTOPHAN                                ? 'C11 H12 N2 O2'  204.225 
TYR 'L-peptide linking'           y TYROSINE                                  ? 'C9 H11 N O3'    181.189 
VAL 'L-peptide linking'           y VALINE                                    ? 'C5 H11 N O2'    117.146 
# 
_exptl.absorpt_coefficient_mu     ? 
_exptl.absorpt_correction_T_max   ? 
_exptl.absorpt_correction_T_min   ? 
_exptl.absorpt_correction_type    ? 
_exptl.absorpt_process_details    ? 
_exptl.entry_id                   6V1C 
_exptl.crystals_number            1 
_exptl.details                    ? 
_exptl.method                     'X-RAY DIFFRACTION' 
_exptl.method_details             ? 
# 
_exptl_crystal.colour                      ? 
_exptl_crystal.density_diffrn              ? 
_exptl_crystal.density_Matthews            2.24 
_exptl_crystal.density_method              ? 
_exptl_crystal.density_percent_sol         45.04 
_exptl_crystal.description                 ? 
_exptl_crystal.F_000                       ? 
_exptl_crystal.id                          1 
_exptl_crystal.preparation                 ? 
_exptl_crystal.size_max                    ? 
_exptl_crystal.size_mid                    ? 
_exptl_crystal.size_min                    ? 
_exptl_crystal.size_rad                    ? 
_exptl_crystal.colour_lustre               ? 
_exptl_crystal.colour_modifier             ? 
_exptl_crystal.colour_primary              ? 
_exptl_crystal.density_meas                ? 
_exptl_crystal.density_meas_esd            ? 
_exptl_crystal.density_meas_gt             ? 
_exptl_crystal.density_meas_lt             ? 
_exptl_crystal.density_meas_temp           ? 
_exptl_crystal.density_meas_temp_esd       ? 
_exptl_crystal.density_meas_temp_gt        ? 
_exptl_crystal.density_meas_temp_lt        ? 
_exptl_crystal.pdbx_crystal_image_url      ? 
_exptl_crystal.pdbx_crystal_image_format   ? 
_exptl_crystal.pdbx_mosaicity              ? 
_exptl_crystal.pdbx_mosaicity_esd          ? 
# 
_exptl_crystal_grow.apparatus       ? 
_exptl_crystal_grow.atmosphere      ? 
_exptl_crystal_grow.crystal_id      1 
_exptl_crystal_grow.details         ? 
_exptl_crystal_grow.method          'VAPOR DIFFUSION, SITTING DROP' 
_exptl_crystal_grow.method_ref      ? 
_exptl_crystal_grow.pH              5.6 
_exptl_crystal_grow.pressure        ? 
_exptl_crystal_grow.pressure_esd    ? 
_exptl_crystal_grow.seeding         ? 
_exptl_crystal_grow.seeding_ref     ? 
_exptl_crystal_grow.temp            298 
_exptl_crystal_grow.temp_details    ? 
_exptl_crystal_grow.temp_esd        ? 
_exptl_crystal_grow.time            ? 
_exptl_crystal_grow.pdbx_details    '2 M NH4SO4, 0.2 M potassium sodium tartrate, and 0.1 M trisodium citrate-citric acid, pH 5.6' 
_exptl_crystal_grow.pdbx_pH_range   ? 
# 
_diffrn.ambient_environment              ? 
_diffrn.ambient_temp                     100 
_diffrn.ambient_temp_details             ? 
_diffrn.ambient_temp_esd                 ? 
_diffrn.crystal_id                       1 
_diffrn.crystal_support                  ? 
_diffrn.crystal_treatment                ? 
_diffrn.details                          ? 
_diffrn.id                               1 
_diffrn.ambient_pressure                 ? 
_diffrn.ambient_pressure_esd             ? 
_diffrn.ambient_pressure_gt              ? 
_diffrn.ambient_pressure_lt              ? 
_diffrn.ambient_temp_gt                  ? 
_diffrn.ambient_temp_lt                  ? 
_diffrn.pdbx_serial_crystal_experiment   N 
# 
_diffrn_detector.details                      ? 
_diffrn_detector.detector                     PIXEL 
_diffrn_detector.diffrn_id                    1 
_diffrn_detector.type                         'DECTRIS EIGER X 16M' 
_diffrn_detector.area_resol_mean              ? 
_diffrn_detector.dtime                        ? 
_diffrn_detector.pdbx_frames_total            ? 
_diffrn_detector.pdbx_collection_time_total   ? 
_diffrn_detector.pdbx_collection_date         2019-02-23 
_diffrn_detector.pdbx_frequency               ? 
# 
_diffrn_radiation.collimation                      ? 
_diffrn_radiation.diffrn_id                        1 
_diffrn_radiation.filter_edge                      ? 
_diffrn_radiation.inhomogeneity                    ? 
_diffrn_radiation.monochromator                    ? 
_diffrn_radiation.polarisn_norm                    ? 
_diffrn_radiation.polarisn_ratio                   ? 
_diffrn_radiation.probe                            ? 
_diffrn_radiation.type                             ? 
_diffrn_radiation.xray_symbol                      ? 
_diffrn_radiation.wavelength_id                    1 
_diffrn_radiation.pdbx_monochromatic_or_laue_m_l   M 
_diffrn_radiation.pdbx_wavelength_list             ? 
_diffrn_radiation.pdbx_wavelength                  ? 
_diffrn_radiation.pdbx_diffrn_protocol             'SINGLE WAVELENGTH' 
_diffrn_radiation.pdbx_analyzer                    ? 
_diffrn_radiation.pdbx_scattering_type             x-ray 
# 
_diffrn_radiation_wavelength.id           1 
_diffrn_radiation_wavelength.wavelength   0.9536 
_diffrn_radiation_wavelength.wt           1.0 
# 
_diffrn_source.current                     ? 
_diffrn_source.details                     ? 
_diffrn_source.diffrn_id                   1 
_diffrn_source.power                       ? 
_diffrn_source.size                        ? 
_diffrn_source.source                      SYNCHROTRON 
_diffrn_source.target                      ? 
_diffrn_source.type                        'AUSTRALIAN SYNCHROTRON BEAMLINE MX2' 
_diffrn_source.voltage                     ? 
_diffrn_source.take-off_angle              ? 
_diffrn_source.pdbx_wavelength_list        0.9536 
_diffrn_source.pdbx_wavelength             ? 
_diffrn_source.pdbx_synchrotron_beamline   MX2 
_diffrn_source.pdbx_synchrotron_site       'Australian Synchrotron' 
# 
_reflns.B_iso_Wilson_estimate            ? 
_reflns.entry_id                         6V1C 
_reflns.data_reduction_details           ? 
_reflns.data_reduction_method            ? 
_reflns.d_resolution_high                1.550 
_reflns.d_resolution_low                 43.740 
_reflns.details                          ? 
_reflns.limit_h_max                      ? 
_reflns.limit_h_min                      ? 
_reflns.limit_k_max                      ? 
_reflns.limit_k_min                      ? 
_reflns.limit_l_max                      ? 
_reflns.limit_l_min                      ? 
_reflns.number_all                       ? 
_reflns.number_obs                       9760 
_reflns.observed_criterion               ? 
_reflns.observed_criterion_F_max         ? 
_reflns.observed_criterion_F_min         ? 
_reflns.observed_criterion_I_max         ? 
_reflns.observed_criterion_I_min         ? 
_reflns.observed_criterion_sigma_F       ? 
_reflns.observed_criterion_sigma_I       ? 
_reflns.percent_possible_obs             100.000 
_reflns.R_free_details                   ? 
_reflns.Rmerge_F_all                     ? 
_reflns.Rmerge_F_obs                     ? 
_reflns.Friedel_coverage                 ? 
_reflns.number_gt                        ? 
_reflns.threshold_expression             ? 
_reflns.pdbx_redundancy                  11.500 
_reflns.pdbx_Rmerge_I_obs                0.084 
_reflns.pdbx_Rmerge_I_all                ? 
_reflns.pdbx_Rsym_value                  ? 
_reflns.pdbx_netI_over_av_sigmaI         ? 
_reflns.pdbx_netI_over_sigmaI            15.800 
_reflns.pdbx_res_netI_over_av_sigmaI_2   ? 
_reflns.pdbx_res_netI_over_sigmaI_2      ? 
_reflns.pdbx_chi_squared                 ? 
_reflns.pdbx_scaling_rejects             1 
_reflns.pdbx_d_res_high_opt              ? 
_reflns.pdbx_d_res_low_opt               ? 
_reflns.pdbx_d_res_opt_method            ? 
_reflns.phase_calculation_details        ? 
_reflns.pdbx_Rrim_I_all                  0.088 
_reflns.pdbx_Rpim_I_all                  0.026 
_reflns.pdbx_d_opt                       ? 
_reflns.pdbx_number_measured_all         112139 
_reflns.pdbx_diffrn_id                   1 
_reflns.pdbx_ordinal                     1 
_reflns.pdbx_CC_half                     0.999 
_reflns.pdbx_CC_star                     ? 
_reflns.pdbx_R_split                     ? 
# 
loop_
_reflns_shell.d_res_high 
_reflns_shell.d_res_low 
_reflns_shell.meanI_over_sigI_all 
_reflns_shell.meanI_over_sigI_obs 
_reflns_shell.number_measured_all 
_reflns_shell.number_measured_obs 
_reflns_shell.number_possible 
_reflns_shell.number_unique_all 
_reflns_shell.number_unique_obs 
_reflns_shell.percent_possible_all 
_reflns_shell.percent_possible_obs 
_reflns_shell.Rmerge_F_all 
_reflns_shell.Rmerge_F_obs 
_reflns_shell.Rmerge_I_all 
_reflns_shell.Rmerge_I_obs 
_reflns_shell.meanI_over_sigI_gt 
_reflns_shell.meanI_over_uI_all 
_reflns_shell.meanI_over_uI_gt 
_reflns_shell.number_measured_gt 
_reflns_shell.number_unique_gt 
_reflns_shell.percent_possible_gt 
_reflns_shell.Rmerge_F_gt 
_reflns_shell.Rmerge_I_gt 
_reflns_shell.pdbx_redundancy 
_reflns_shell.pdbx_Rsym_value 
_reflns_shell.pdbx_chi_squared 
_reflns_shell.pdbx_netI_over_sigmaI_all 
_reflns_shell.pdbx_netI_over_sigmaI_obs 
_reflns_shell.pdbx_Rrim_I_all 
_reflns_shell.pdbx_Rpim_I_all 
_reflns_shell.pdbx_rejects 
_reflns_shell.pdbx_ordinal 
_reflns_shell.pdbx_diffrn_id 
_reflns_shell.pdbx_CC_half 
_reflns_shell.pdbx_CC_star 
_reflns_shell.pdbx_R_split 
1.550 1.580  ? ? 5477 ? ? ? 478 100.000 ? ? ? ? 2.021 ? ? ? ? ? ? ? ? 11.500 ? ? ? 1.300  2.117 0.622 ? 1 1 0.526 ? ? 
8.490 43.740 ? ? 581  ? ? ? 91  99.800  ? ? ? ? 0.031 ? ? ? ? ? ? ? ? 6.400  ? ? ? 42.500 0.034 0.012 ? 2 1 0.999 ? ? 
# 
_refine.aniso_B[1][1]                            ? 
_refine.aniso_B[1][2]                            ? 
_refine.aniso_B[1][3]                            ? 
_refine.aniso_B[2][2]                            ? 
_refine.aniso_B[2][3]                            ? 
_refine.aniso_B[3][3]                            ? 
_refine.B_iso_max                                78.370 
_refine.B_iso_mean                               30.5421 
_refine.B_iso_min                                17.650 
_refine.correlation_coeff_Fo_to_Fc               ? 
_refine.correlation_coeff_Fo_to_Fc_free          ? 
_refine.details                                  ? 
_refine.diff_density_max                         ? 
_refine.diff_density_max_esd                     ? 
_refine.diff_density_min                         ? 
_refine.diff_density_min_esd                     ? 
_refine.diff_density_rms                         ? 
_refine.diff_density_rms_esd                     ? 
_refine.entry_id                                 6V1C 
_refine.pdbx_refine_id                           'X-RAY DIFFRACTION' 
_refine.ls_abs_structure_details                 ? 
_refine.ls_abs_structure_Flack                   ? 
_refine.ls_abs_structure_Flack_esd               ? 
_refine.ls_abs_structure_Rogers                  ? 
_refine.ls_abs_structure_Rogers_esd              ? 
_refine.ls_d_res_high                            1.5500 
_refine.ls_d_res_low                             34.5350 
_refine.ls_extinction_coef                       ? 
_refine.ls_extinction_coef_esd                   ? 
_refine.ls_extinction_expression                 ? 
_refine.ls_extinction_method                     ? 
_refine.ls_goodness_of_fit_all                   ? 
_refine.ls_goodness_of_fit_all_esd               ? 
_refine.ls_goodness_of_fit_obs                   ? 
_refine.ls_goodness_of_fit_obs_esd               ? 
_refine.ls_hydrogen_treatment                    ? 
_refine.ls_matrix_type                           ? 
_refine.ls_number_constraints                    ? 
_refine.ls_number_parameters                     ? 
_refine.ls_number_reflns_all                     ? 
_refine.ls_number_reflns_obs                     9706 
_refine.ls_number_reflns_R_free                  464 
_refine.ls_number_reflns_R_work                  ? 
_refine.ls_number_restraints                     ? 
_refine.ls_percent_reflns_obs                    100.0000 
_refine.ls_percent_reflns_R_free                 4.7800 
_refine.ls_R_factor_all                          ? 
_refine.ls_R_factor_obs                          0.1745 
_refine.ls_R_factor_R_free                       0.1882 
_refine.ls_R_factor_R_free_error                 ? 
_refine.ls_R_factor_R_free_error_details         ? 
_refine.ls_R_factor_R_work                       0.1738 
_refine.ls_R_Fsqd_factor_obs                     ? 
_refine.ls_R_I_factor_obs                        ? 
_refine.ls_redundancy_reflns_all                 ? 
_refine.ls_redundancy_reflns_obs                 ? 
_refine.ls_restrained_S_all                      ? 
_refine.ls_restrained_S_obs                      ? 
_refine.ls_shift_over_esd_max                    ? 
_refine.ls_shift_over_esd_mean                   ? 
_refine.ls_structure_factor_coef                 ? 
_refine.ls_weighting_details                     ? 
_refine.ls_weighting_scheme                      ? 
_refine.ls_wR_factor_all                         ? 
_refine.ls_wR_factor_obs                         ? 
_refine.ls_wR_factor_R_free                      ? 
_refine.ls_wR_factor_R_work                      ? 
_refine.occupancy_max                            ? 
_refine.occupancy_min                            ? 
_refine.solvent_model_details                    ? 
_refine.solvent_model_param_bsol                 ? 
_refine.solvent_model_param_ksol                 ? 
_refine.pdbx_R_complete                          ? 
_refine.ls_R_factor_gt                           ? 
_refine.ls_goodness_of_fit_gt                    ? 
_refine.ls_goodness_of_fit_ref                   ? 
_refine.ls_shift_over_su_max                     ? 
_refine.ls_shift_over_su_max_lt                  ? 
_refine.ls_shift_over_su_mean                    ? 
_refine.ls_shift_over_su_mean_lt                 ? 
_refine.pdbx_ls_sigma_I                          ? 
_refine.pdbx_ls_sigma_F                          1.340 
_refine.pdbx_ls_sigma_Fsqd                       ? 
_refine.pdbx_data_cutoff_high_absF               ? 
_refine.pdbx_data_cutoff_high_rms_absF           ? 
_refine.pdbx_data_cutoff_low_absF                ? 
_refine.pdbx_isotropic_thermal_model             ? 
_refine.pdbx_ls_cross_valid_method               THROUGHOUT 
_refine.pdbx_method_to_determine_struct          'MOLECULAR REPLACEMENT' 
_refine.pdbx_starting_model                      2PSP 
_refine.pdbx_stereochemistry_target_values       ? 
_refine.pdbx_R_Free_selection_details            ? 
_refine.pdbx_stereochem_target_val_spec_case     ? 
_refine.pdbx_overall_ESU_R                       ? 
_refine.pdbx_overall_ESU_R_Free                  ? 
_refine.pdbx_solvent_vdw_probe_radii             1.1100 
_refine.pdbx_solvent_ion_probe_radii             ? 
_refine.pdbx_solvent_shrinkage_radii             0.9000 
_refine.pdbx_real_space_R                        ? 
_refine.pdbx_density_correlation                 ? 
_refine.pdbx_pd_number_of_powder_patterns        ? 
_refine.pdbx_pd_number_of_points                 ? 
_refine.pdbx_pd_meas_number_of_points            ? 
_refine.pdbx_pd_proc_ls_prof_R_factor            ? 
_refine.pdbx_pd_proc_ls_prof_wR_factor           ? 
_refine.pdbx_pd_Marquardt_correlation_coeff      ? 
_refine.pdbx_pd_Fsqrd_R_factor                   ? 
_refine.pdbx_pd_ls_matrix_band_width             ? 
_refine.pdbx_overall_phase_error                 24.1500 
_refine.pdbx_overall_SU_R_free_Cruickshank_DPI   ? 
_refine.pdbx_overall_SU_R_free_Blow_DPI          ? 
_refine.pdbx_overall_SU_R_Blow_DPI               ? 
_refine.pdbx_TLS_residual_ADP_flag               ? 
_refine.pdbx_diffrn_id                           1 
_refine.overall_SU_B                             ? 
_refine.overall_SU_ML                            0.1200 
_refine.overall_SU_R_Cruickshank_DPI             ? 
_refine.overall_SU_R_free                        ? 
_refine.overall_FOM_free_R_set                   ? 
_refine.overall_FOM_work_R_set                   ? 
_refine.pdbx_average_fsc_overall                 ? 
_refine.pdbx_average_fsc_work                    ? 
_refine.pdbx_average_fsc_free                    ? 
# 
_refine_hist.pdbx_refine_id                   'X-RAY DIFFRACTION' 
_refine_hist.cycle_id                         final 
_refine_hist.details                          ? 
_refine_hist.d_res_high                       1.5500 
_refine_hist.d_res_low                        34.5350 
_refine_hist.number_atoms_solvent             38 
_refine_hist.number_atoms_total               493 
_refine_hist.number_reflns_all                ? 
_refine_hist.number_reflns_obs                ? 
_refine_hist.number_reflns_R_free             ? 
_refine_hist.number_reflns_R_work             ? 
_refine_hist.R_factor_all                     ? 
_refine_hist.R_factor_obs                     ? 
_refine_hist.R_factor_R_free                  ? 
_refine_hist.R_factor_R_work                  ? 
_refine_hist.pdbx_number_residues_total       53 
_refine_hist.pdbx_B_iso_mean_ligand           29.07 
_refine_hist.pdbx_B_iso_mean_solvent          37.51 
_refine_hist.pdbx_number_atoms_protein        404 
_refine_hist.pdbx_number_atoms_nucleic_acid   0 
_refine_hist.pdbx_number_atoms_ligand         51 
_refine_hist.pdbx_number_atoms_lipid          ? 
_refine_hist.pdbx_number_atoms_carb           ? 
_refine_hist.pdbx_pseudo_atom_details         ? 
# 
loop_
_refine_ls_shell.pdbx_refine_id 
_refine_ls_shell.d_res_high 
_refine_ls_shell.d_res_low 
_refine_ls_shell.number_reflns_all 
_refine_ls_shell.number_reflns_obs 
_refine_ls_shell.number_reflns_R_free 
_refine_ls_shell.number_reflns_R_work 
_refine_ls_shell.percent_reflns_obs 
_refine_ls_shell.percent_reflns_R_free 
_refine_ls_shell.R_factor_all 
_refine_ls_shell.R_factor_obs 
_refine_ls_shell.R_factor_R_free 
_refine_ls_shell.R_factor_R_free_error 
_refine_ls_shell.R_factor_R_work 
_refine_ls_shell.redundancy_reflns_all 
_refine_ls_shell.redundancy_reflns_obs 
_refine_ls_shell.wR_factor_all 
_refine_ls_shell.wR_factor_obs 
_refine_ls_shell.wR_factor_R_free 
_refine_ls_shell.wR_factor_R_work 
_refine_ls_shell.pdbx_R_complete 
_refine_ls_shell.pdbx_total_number_of_bins_used 
_refine_ls_shell.pdbx_phase_error 
_refine_ls_shell.pdbx_fsc_work 
_refine_ls_shell.pdbx_fsc_free 
'X-RAY DIFFRACTION' 1.5502 1.7745  . . 143 3006 100.0000 . . . 0.2617 0.0000 0.1748 . . . . . . . . . . . 
'X-RAY DIFFRACTION' 1.7745 2.2356  . . 165 3015 100.0000 . . . 0.1556 0.0000 0.1718 . . . . . . . . . . . 
'X-RAY DIFFRACTION' 2.2356 34.5350 . . 156 3221 100.0000 . . . 0.1926 0.0000 0.1742 . . . . . . . . . . . 
# 
_struct.entry_id                     6V1C 
_struct.title                        'Crystal structure of human trefoil factor 3 in complex with its cognate ligand' 
_struct.pdbx_model_details           ? 
_struct.pdbx_formula_weight          ? 
_struct.pdbx_formula_weight_method   ? 
_struct.pdbx_model_type_details      ? 
_struct.pdbx_CASP_flag               N 
# 
_struct_keywords.entry_id        6V1C 
_struct_keywords.text            'Trefoil factor, lectin, mucin binding protein, SUGAR BINDING PROTEIN' 
_struct_keywords.pdbx_keywords   'SUGAR BINDING PROTEIN' 
# 
loop_
_struct_asym.id 
_struct_asym.pdbx_blank_PDB_chainid_flag 
_struct_asym.pdbx_modified 
_struct_asym.entity_id 
_struct_asym.details 
A N N 1 ? 
B N N 2 ? 
C N N 3 ? 
# 
loop_
_struct_conf.conf_type_id 
_struct_conf.id 
_struct_conf.pdbx_PDB_helix_id 
_struct_conf.beg_label_comp_id 
_struct_conf.beg_label_asym_id 
_struct_conf.beg_label_seq_id 
_struct_conf.pdbx_beg_PDB_ins_code 
_struct_conf.end_label_comp_id 
_struct_conf.end_label_asym_id 
_struct_conf.end_label_seq_id 
_struct_conf.pdbx_end_PDB_ins_code 
_struct_conf.beg_auth_comp_id 
_struct_conf.beg_auth_asym_id 
_struct_conf.beg_auth_seq_id 
_struct_conf.end_auth_comp_id 
_struct_conf.end_auth_asym_id 
_struct_conf.end_auth_seq_id 
_struct_conf.pdbx_PDB_helix_class 
_struct_conf.details 
_struct_conf.pdbx_PDB_helix_length 
HELX_P HELX_P1 AA1 ALA A 8  ? ALA A 12 ? ALA A 8  ALA A 12 5 ? 5 
HELX_P HELX_P2 AA2 PRO A 14 ? ARG A 18 ? PRO A 14 ARG A 18 5 ? 5 
HELX_P HELX_P3 AA3 THR A 27 ? ARG A 34 ? THR A 27 ARG A 34 1 ? 8 
# 
_struct_conf_type.id          HELX_P 
_struct_conf_type.criteria    ? 
_struct_conf_type.reference   ? 
# 
loop_
_struct_conn.id 
_struct_conn.conn_type_id 
_struct_conn.pdbx_leaving_atom_flag 
_struct_conn.pdbx_PDB_id 
_struct_conn.ptnr1_label_asym_id 
_struct_conn.ptnr1_label_comp_id 
_struct_conn.ptnr1_label_seq_id 
_struct_conn.ptnr1_label_atom_id 
_struct_conn.pdbx_ptnr1_label_alt_id 
_struct_conn.pdbx_ptnr1_PDB_ins_code 
_struct_conn.pdbx_ptnr1_standard_comp_id 
_struct_conn.ptnr1_symmetry 
_struct_conn.ptnr2_label_asym_id 
_struct_conn.ptnr2_label_comp_id 
_struct_conn.ptnr2_label_seq_id 
_struct_conn.ptnr2_label_atom_id 
_struct_conn.pdbx_ptnr2_label_alt_id 
_struct_conn.pdbx_ptnr2_PDB_ins_code 
_struct_conn.ptnr1_auth_asym_id 
_struct_conn.ptnr1_auth_comp_id 
_struct_conn.ptnr1_auth_seq_id 
_struct_conn.ptnr2_auth_asym_id 
_struct_conn.ptnr2_auth_comp_id 
_struct_conn.ptnr2_auth_seq_id 
_struct_conn.ptnr2_symmetry 
_struct_conn.pdbx_ptnr3_label_atom_id 
_struct_conn.pdbx_ptnr3_label_seq_id 
_struct_conn.pdbx_ptnr3_label_comp_id 
_struct_conn.pdbx_ptnr3_label_asym_id 
_struct_conn.pdbx_ptnr3_label_alt_id 
_struct_conn.pdbx_ptnr3_PDB_ins_code 
_struct_conn.details 
_struct_conn.pdbx_dist_value 
_struct_conn.pdbx_value_order 
_struct_conn.pdbx_role 
disulf1 disulf ?    ? A CYS 11 SG ? ? ? 1_555 A CYS 37 SG ? ? A CYS 11 A CYS 37 1_555 ? ? ? ? ? ? ? 2.014 ?    ? 
disulf2 disulf ?    ? A CYS 21 SG ? ? ? 1_555 A CYS 36 SG ? ? A CYS 21 A CYS 36 1_555 ? ? ? ? ? ? ? 1.998 ?    ? 
disulf3 disulf ?    ? A CYS 31 SG ? ? ? 1_555 A CYS 48 SG ? ? A CYS 31 A CYS 48 1_555 ? ? ? ? ? ? ? 2.091 ?    ? 
covale1 covale both ? A ALA 15 C  ? ? ? 1_555 A MLY 16 N  ? ? A ALA 15 A MLY 16 1_555 ? ? ? ? ? ? ? 1.330 ?    ? 
covale2 covale both ? A MLY 16 C  ? ? ? 1_555 A ASP 17 N  ? ? A MLY 16 A ASP 17 1_555 ? ? ? ? ? ? ? 1.326 ?    ? 
covale3 covale both ? A PRO 28 C  ? ? ? 1_555 A MLY 29 N  ? ? A PRO 28 A MLY 29 1_555 ? ? ? ? ? ? ? 1.331 ?    ? 
covale4 covale both ? A MLY 29 C  ? ? ? 1_555 A GLU 30 N  ? ? A MLY 29 A GLU 30 1_555 ? ? ? ? ? ? ? 1.328 ?    ? 
covale5 covale both ? A PHE 49 C  ? ? ? 1_555 A MLY 50 N  ? ? A PHE 49 A MLY 50 1_555 ? ? ? ? ? ? ? 1.333 ?    ? 
covale6 covale both ? A MLY 50 C  ? ? ? 1_555 A PRO 51 N  ? ? A MLY 50 A PRO 51 1_555 ? ? ? ? ? ? ? 1.347 ?    ? 
covale7 covale both ? B GAL .  O4 ? ? ? 1_555 B NDG .  C1 ? ? B GAL 1  B NDG 2  1_555 ? ? ? ? ? ? ? 1.422 sing ? 
# 
loop_
_struct_conn_type.id 
_struct_conn_type.criteria 
_struct_conn_type.reference 
disulf ? ? 
covale ? ? 
# 
_struct_sheet.id               AA1 
_struct_sheet.type             ? 
_struct_sheet.number_strands   2 
_struct_sheet.details          ? 
# 
_struct_sheet_order.sheet_id     AA1 
_struct_sheet_order.range_id_1   1 
_struct_sheet_order.range_id_2   2 
_struct_sheet_order.offset       ? 
_struct_sheet_order.sense        anti-parallel 
# 
loop_
_struct_sheet_range.sheet_id 
_struct_sheet_range.id 
_struct_sheet_range.beg_label_comp_id 
_struct_sheet_range.beg_label_asym_id 
_struct_sheet_range.beg_label_seq_id 
_struct_sheet_range.pdbx_beg_PDB_ins_code 
_struct_sheet_range.end_label_comp_id 
_struct_sheet_range.end_label_asym_id 
_struct_sheet_range.end_label_seq_id 
_struct_sheet_range.pdbx_end_PDB_ins_code 
_struct_sheet_range.beg_auth_comp_id 
_struct_sheet_range.beg_auth_asym_id 
_struct_sheet_range.beg_auth_seq_id 
_struct_sheet_range.end_auth_comp_id 
_struct_sheet_range.end_auth_asym_id 
_struct_sheet_range.end_auth_seq_id 
AA1 1 CYS A 37 ? PHE A 38 ? CYS A 37 PHE A 38 
AA1 2 CYS A 48 ? PHE A 49 ? CYS A 48 PHE A 49 
# 
_pdbx_struct_sheet_hbond.sheet_id                AA1 
_pdbx_struct_sheet_hbond.range_id_1              1 
_pdbx_struct_sheet_hbond.range_id_2              2 
_pdbx_struct_sheet_hbond.range_1_label_atom_id   N 
_pdbx_struct_sheet_hbond.range_1_label_comp_id   CYS 
_pdbx_struct_sheet_hbond.range_1_label_asym_id   A 
_pdbx_struct_sheet_hbond.range_1_label_seq_id    37 
_pdbx_struct_sheet_hbond.range_1_PDB_ins_code    ? 
_pdbx_struct_sheet_hbond.range_1_auth_atom_id    N 
_pdbx_struct_sheet_hbond.range_1_auth_comp_id    CYS 
_pdbx_struct_sheet_hbond.range_1_auth_asym_id    A 
_pdbx_struct_sheet_hbond.range_1_auth_seq_id     37 
_pdbx_struct_sheet_hbond.range_2_label_atom_id   O 
_pdbx_struct_sheet_hbond.range_2_label_comp_id   PHE 
_pdbx_struct_sheet_hbond.range_2_label_asym_id   A 
_pdbx_struct_sheet_hbond.range_2_label_seq_id    49 
_pdbx_struct_sheet_hbond.range_2_PDB_ins_code    ? 
_pdbx_struct_sheet_hbond.range_2_auth_atom_id    O 
_pdbx_struct_sheet_hbond.range_2_auth_comp_id    PHE 
_pdbx_struct_sheet_hbond.range_2_auth_asym_id    A 
_pdbx_struct_sheet_hbond.range_2_auth_seq_id     49 
# 
_atom_sites.entry_id                    6V1C 
_atom_sites.Cartn_transf_matrix[1][1]   ? 
_atom_sites.Cartn_transf_matrix[1][2]   ? 
_atom_sites.Cartn_transf_matrix[1][3]   ? 
_atom_sites.Cartn_transf_matrix[2][1]   ? 
_atom_sites.Cartn_transf_matrix[2][2]   ? 
_atom_sites.Cartn_transf_matrix[2][3]   ? 
_atom_sites.Cartn_transf_matrix[3][1]   ? 
_atom_sites.Cartn_transf_matrix[3][2]   ? 
_atom_sites.Cartn_transf_matrix[3][3]   ? 
_atom_sites.Cartn_transf_vector[1]      ? 
_atom_sites.Cartn_transf_vector[2]      ? 
_atom_sites.Cartn_transf_vector[3]      ? 
_atom_sites.fract_transf_matrix[1][1]   -0.00195737 
_atom_sites.fract_transf_matrix[1][2]   0.00817298 
_atom_sites.fract_transf_matrix[1][3]   -0.02524171 
_atom_sites.fract_transf_matrix[2][1]   0.02240867 
_atom_sites.fract_transf_matrix[2][2]   0.01406059 
_atom_sites.fract_transf_matrix[2][3]   0.00281498 
_atom_sites.fract_transf_matrix[3][1]   0.00610366 
_atom_sites.fract_transf_matrix[3][2]   -0.00904636 
_atom_sites.fract_transf_matrix[3][3]   -0.00340242 
_atom_sites.fract_transf_vector[1]      0.051850 
_atom_sites.fract_transf_vector[2]      0.079433 
_atom_sites.fract_transf_vector[3]      -0.094668 
_atom_sites.solution_primary            ? 
_atom_sites.solution_secondary          ? 
_atom_sites.solution_hydrogens          ? 
_atom_sites.special_details             ? 
# 
loop_
_atom_type.symbol 
C 
H 
N 
O 
S 
# 
loop_
_atom_site.group_PDB 
_atom_site.id 
_atom_site.type_symbol 
_atom_site.label_atom_id 
_atom_site.label_alt_id 
_atom_site.label_comp_id 
_atom_site.label_asym_id 
_atom_site.label_entity_id 
_atom_site.label_seq_id 
_atom_site.pdbx_PDB_ins_code 
_atom_site.Cartn_x 
_atom_site.Cartn_y 
_atom_site.Cartn_z 
_atom_site.occupancy 
_atom_site.B_iso_or_equiv 
_atom_site.pdbx_formal_charge 
_atom_site.auth_seq_id 
_atom_site.auth_comp_id 
_atom_site.auth_asym_id 
_atom_site.auth_atom_id 
_atom_site.pdbx_PDB_model_num 
ATOM   1   N N    . VAL A 1 4  ? 11.158  -4.954  10.735  1.00 46.37 ? 4   VAL A N    1 
ATOM   2   C CA   . VAL A 1 4  ? 10.263  -4.540  9.611   1.00 45.30 ? 4   VAL A CA   1 
ATOM   3   C C    . VAL A 1 4  ? 9.155   -3.687  10.224  1.00 43.83 ? 4   VAL A C    1 
ATOM   4   O O    . VAL A 1 4  ? 8.647   -4.091  11.255  1.00 44.80 ? 4   VAL A O    1 
ATOM   5   C CB   . VAL A 1 4  ? 9.640   -5.732  8.866   1.00 43.84 ? 4   VAL A CB   1 
ATOM   6   C CG1  . VAL A 1 4  ? 8.857   -5.243  7.667   1.00 42.21 ? 4   VAL A CG1  1 
ATOM   7   C CG2  . VAL A 1 4  ? 10.663  -6.770  8.463   1.00 43.77 ? 4   VAL A CG2  1 
ATOM   8   H HA   . VAL A 1 4  ? 10.793  -4.019  8.983   1.00 54.36 ? 4   VAL A HA   1 
ATOM   9   H HB   . VAL A 1 4  ? 9.001   -6.164  9.485   1.00 52.62 ? 4   VAL A HB   1 
ATOM   10  H HG11 . VAL A 1 4  ? 8.527   -6.007  7.162   1.00 50.66 ? 4   VAL A HG11 1 
ATOM   11  H HG12 . VAL A 1 4  ? 8.104   -4.706  7.968   1.00 50.66 ? 4   VAL A HG12 1 
ATOM   12  H HG13 . VAL A 1 4  ? 9.434   -4.705  7.100   1.00 50.66 ? 4   VAL A HG13 1 
ATOM   13  H HG21 . VAL A 1 4  ? 10.242  -7.442  7.899   1.00 52.53 ? 4   VAL A HG21 1 
ATOM   14  H HG22 . VAL A 1 4  ? 11.385  -6.342  7.972   1.00 52.53 ? 4   VAL A HG22 1 
ATOM   15  H HG23 . VAL A 1 4  ? 11.023  -7.198  9.260   1.00 52.53 ? 4   VAL A HG23 1 
ATOM   16  N N    . GLY A 1 5  ? 8.789   -2.505  9.658   1.00 40.34 ? 5   GLY A N    1 
ATOM   17  C CA   . GLY A 1 5  ? 7.798   -1.566  10.110  1.00 32.99 ? 5   GLY A CA   1 
ATOM   18  C C    . GLY A 1 5  ? 6.355   -1.970  9.920   1.00 26.67 ? 5   GLY A C    1 
ATOM   19  O O    . GLY A 1 5  ? 5.594   -2.050  10.878  1.00 27.35 ? 5   GLY A O    1 
ATOM   20  H H    . GLY A 1 5  ? 9.149   -2.305  8.903   1.00 48.41 ? 5   GLY A H    1 
ATOM   21  H HA2  . GLY A 1 5  ? 7.936   -1.382  11.052  1.00 39.59 ? 5   GLY A HA2  1 
ATOM   22  H HA3  . GLY A 1 5  ? 7.888   -0.739  9.611   1.00 39.59 ? 5   GLY A HA3  1 
ATOM   23  N N    . LEU A 1 6  ? 6.000   -2.274  8.689   1.00 24.78 ? 6   LEU A N    1 
ATOM   24  C CA   . LEU A 1 6  ? 4.631   -2.706  8.374   1.00 23.46 ? 6   LEU A CA   1 
ATOM   25  C C    . LEU A 1 6  ? 4.594   -4.230  8.462   1.00 24.78 ? 6   LEU A C    1 
ATOM   26  O O    . LEU A 1 6  ? 5.496   -4.844  7.968   1.00 25.77 ? 6   LEU A O    1 
ATOM   27  C CB   . LEU A 1 6  ? 4.228   -2.262  6.969   1.00 22.78 ? 6   LEU A CB   1 
ATOM   28  C CG   . LEU A 1 6  ? 4.020   -0.767  6.803   1.00 23.75 ? 6   LEU A CG   1 
ATOM   29  C CD1  . LEU A 1 6  ? 3.827   -0.432  5.342   1.00 24.95 ? 6   LEU A CD1  1 
ATOM   30  C CD2  . LEU A 1 6  ? 2.842   -0.297  7.621   1.00 25.30 ? 6   LEU A CD2  1 
ATOM   31  H H    . LEU A 1 6  ? 6.582   -2.301  7.989   1.00 29.74 ? 6   LEU A H    1 
ATOM   32  H HA   . LEU A 1 6  ? 4.034   -2.283  9.032   1.00 28.16 ? 6   LEU A HA   1 
ATOM   33  H HB2  . LEU A 1 6  ? 4.922   -2.550  6.343   1.00 27.34 ? 6   LEU A HB2  1 
ATOM   34  H HB3  . LEU A 1 6  ? 3.400   -2.722  6.725   1.00 27.34 ? 6   LEU A HB3  1 
ATOM   35  H HG   . LEU A 1 6  ? 4.830   -0.301  7.126   1.00 28.50 ? 6   LEU A HG   1 
ATOM   36  H HD11 . LEU A 1 6  ? 3.649   0.519   5.248   1.00 29.95 ? 6   LEU A HD11 1 
ATOM   37  H HD12 . LEU A 1 6  ? 4.633   -0.662  4.847   1.00 29.95 ? 6   LEU A HD12 1 
ATOM   38  H HD13 . LEU A 1 6  ? 3.074   -0.939  4.989   1.00 29.95 ? 6   LEU A HD13 1 
ATOM   39  H HD21 . LEU A 1 6  ? 2.636   0.627   7.393   1.00 30.36 ? 6   LEU A HD21 1 
ATOM   40  H HD22 . LEU A 1 6  ? 2.069   -0.856  7.430   1.00 30.36 ? 6   LEU A HD22 1 
ATOM   41  H HD23 . LEU A 1 6  ? 3.058   -0.356  8.567   1.00 30.36 ? 6   LEU A HD23 1 
ATOM   42  N N    . SER A 1 7  ? 3.570   -4.790  9.078   1.00 26.83 ? 7   SER A N    1 
ATOM   43  C CA   . SER A 1 7  ? 3.351   -6.227  9.148   1.00 26.73 ? 7   SER A CA   1 
ATOM   44  C C    . SER A 1 7  ? 2.579   -6.688  7.929   1.00 25.71 ? 7   SER A C    1 
ATOM   45  O O    . SER A 1 7  ? 1.929   -5.898  7.249   1.00 27.57 ? 7   SER A O    1 
ATOM   46  C CB   . SER A 1 7  ? 2.568   -6.626  10.395  1.00 29.87 ? 7   SER A CB   1 
ATOM   47  O OG   . SER A 1 7  ? 1.171   -6.414  10.183  1.00 32.80 ? 7   SER A OG   1 
ATOM   48  H H    . SER A 1 7  ? 2.954   -4.333  9.467   1.00 32.20 ? 7   SER A H    1 
ATOM   49  H HA   . SER A 1 7  ? 4.215   -6.666  9.184   1.00 32.07 ? 7   SER A HA   1 
ATOM   50  H HB2  . SER A 1 7  ? 2.724   -7.564  10.584  1.00 35.85 ? 7   SER A HB2  1 
ATOM   51  H HB3  . SER A 1 7  ? 2.863   -6.084  11.144  1.00 35.85 ? 7   SER A HB3  1 
ATOM   52  H HG   . SER A 1 7  ? 0.735   -6.687  10.847  1.00 39.36 ? 7   SER A HG   1 
ATOM   53  N N    . ALA A 1 8  ? 2.638   -7.994  7.668   1.00 26.47 ? 8   ALA A N    1 
ATOM   54  C CA   . ALA A 1 8  ? 1.898   -8.538  6.537   1.00 26.55 ? 8   ALA A CA   1 
ATOM   55  C C    . ALA A 1 8  ? 0.410   -8.245  6.675   1.00 27.57 ? 8   ALA A C    1 
ATOM   56  O O    . ALA A 1 8  ? -0.265  -7.918  5.690   1.00 28.51 ? 8   ALA A O    1 
ATOM   57  C CB   . ALA A 1 8  ? 2.141   -10.042 6.438   1.00 28.45 ? 8   ALA A CB   1 
ATOM   58  H H    . ALA A 1 8  ? 3.089   -8.570  8.120   1.00 31.77 ? 8   ALA A H    1 
ATOM   59  H HA   . ALA A 1 8  ? 2.214   -8.126  5.717   1.00 31.86 ? 8   ALA A HA   1 
ATOM   60  H HB1  . ALA A 1 8  ? 1.680   -10.385 5.658   1.00 34.14 ? 8   ALA A HB1  1 
ATOM   61  H HB2  . ALA A 1 8  ? 3.094   -10.203 6.359   1.00 34.14 ? 8   ALA A HB2  1 
ATOM   62  H HB3  . ALA A 1 8  ? 1.799   -10.469 7.239   1.00 34.14 ? 8   ALA A HB3  1 
ATOM   63  N N    . ASN A 1 9  ? -0.116  -8.344  7.894   1.00 27.22 ? 9   ASN A N    1 
ATOM   64  C CA   . ASN A 1 9  ? -1.546  -8.132  8.096   1.00 28.19 ? 9   ASN A CA   1 
ATOM   65  C C    . ASN A 1 9  ? -1.946  -6.690  7.839   1.00 27.12 ? 9   ASN A C    1 
ATOM   66  O O    . ASN A 1 9  ? -3.072  -6.434  7.401   1.00 28.88 ? 9   ASN A O    1 
ATOM   67  C CB   . ASN A 1 9  ? -1.942  -8.562  9.503   1.00 34.11 ? 9   ASN A CB   1 
ATOM   68  C CG   . ASN A 1 9  ? -2.082  -10.066 9.617   1.00 42.20 ? 9   ASN A CG   1 
ATOM   69  O OD1  . ASN A 1 9  ? -1.787  -10.806 8.672   1.00 45.38 ? 9   ASN A OD1  1 
ATOM   70  N ND2  . ASN A 1 9  ? -2.537  -10.530 10.770  1.00 46.41 ? 9   ASN A ND2  1 
ATOM   71  H H    . ASN A 1 9  ? 0.324   -8.531  8.609   1.00 32.66 ? 9   ASN A H    1 
ATOM   72  H HA   . ASN A 1 9  ? -2.036  -8.685  7.467   1.00 33.84 ? 9   ASN A HA   1 
ATOM   73  H HB2  . ASN A 1 9  ? -1.260  -8.273  10.129  1.00 40.93 ? 9   ASN A HB2  1 
ATOM   74  H HB3  . ASN A 1 9  ? -2.795  -8.160  9.732   1.00 40.93 ? 9   ASN A HB3  1 
ATOM   75  H HD21 . ASN A 1 9  ? -2.634  -11.376 10.885  1.00 55.70 ? 9   ASN A HD21 1 
ATOM   76  H HD22 . ASN A 1 9  ? -2.736  -9.985  11.405  1.00 55.70 ? 9   ASN A HD22 1 
ATOM   77  N N    . GLN A 1 10 ? -1.044  -5.743  8.086   1.00 23.35 ? 10  GLN A N    1 
ATOM   78  C CA   . GLN A 1 10 ? -1.359  -4.349  7.818   1.00 22.82 ? 10  GLN A CA   1 
ATOM   79  C C    . GLN A 1 10 ? -1.514  -4.076  6.338   1.00 22.98 ? 10  GLN A C    1 
ATOM   80  O O    . GLN A 1 10 ? -2.146  -3.083  5.957   1.00 23.64 ? 10  GLN A O    1 
ATOM   81  C CB   . GLN A 1 10 ? -0.270  -3.454  8.371   1.00 23.55 ? 10  GLN A CB   1 
ATOM   82  C CG   . GLN A 1 10 ? -0.230  -3.433  9.860   1.00 23.36 ? 10  GLN A CG   1 
ATOM   83  C CD   . GLN A 1 10 ? 0.801   -2.447  10.350  1.00 22.96 ? 10  GLN A CD   1 
ATOM   84  O OE1  . GLN A 1 10 ? 1.993   -2.757  10.416  1.00 24.90 ? 10  GLN A OE1  1 
ATOM   85  N NE2  . GLN A 1 10 ? 0.350   -1.231  10.675  1.00 24.71 ? 10  GLN A NE2  1 
ATOM   86  H H    . GLN A 1 10 ? -0.256  -5.881  8.401   1.00 28.02 ? 10  GLN A H    1 
ATOM   87  H HA   . GLN A 1 10 ? -2.193  -4.131  8.263   1.00 27.39 ? 10  GLN A HA   1 
ATOM   88  H HB2  . GLN A 1 10 ? 0.590   -3.771  8.053   1.00 28.27 ? 10  GLN A HB2  1 
ATOM   89  H HB3  . GLN A 1 10 ? -0.422  -2.546  8.064   1.00 28.27 ? 10  GLN A HB3  1 
ATOM   90  H HG2  . GLN A 1 10 ? -1.098  -3.169  10.204  1.00 28.03 ? 10  GLN A HG2  1 
ATOM   91  H HG3  . GLN A 1 10 ? 0.004   -4.315  10.190  1.00 28.03 ? 10  GLN A HG3  1 
ATOM   92  H HE21 . GLN A 1 10 ? -0.486  -1.047  10.598  1.00 29.66 ? 10  GLN A HE21 1 
ATOM   93  H HE22 . GLN A 1 10 ? 0.897   -0.632  10.960  1.00 29.66 ? 10  GLN A HE22 1 
ATOM   94  N N    . CYS A 1 11 ? -0.937  -4.918  5.490   1.00 23.20 ? 11  CYS A N    1 
ATOM   95  C CA   . CYS A 1 11 ? -0.976  -4.700  4.055   1.00 23.47 ? 11  CYS A CA   1 
ATOM   96  C C    . CYS A 1 11 ? -1.923  -5.638  3.335   1.00 26.19 ? 11  CYS A C    1 
ATOM   97  O O    . CYS A 1 11 ? -1.999  -5.594  2.104   1.00 28.00 ? 11  CYS A O    1 
ATOM   98  C CB   . CYS A 1 11 ? 0.435   -4.819  3.481   1.00 23.72 ? 11  CYS A CB   1 
ATOM   99  S SG   . CYS A 1 11 ? 1.474   -3.427  3.968   1.00 24.28 ? 11  CYS A SG   1 
ATOM   100 H H    . CYS A 1 11 ? -0.516  -5.629  5.727   1.00 27.85 ? 11  CYS A H    1 
ATOM   101 H HA   . CYS A 1 11 ? -1.289  -3.799  3.882   1.00 28.17 ? 11  CYS A HA   1 
ATOM   102 H HB2  . CYS A 1 11 ? 0.846   -5.635  3.807   1.00 28.47 ? 11  CYS A HB2  1 
ATOM   103 H HB3  . CYS A 1 11 ? 0.385   -4.837  2.512   1.00 28.47 ? 11  CYS A HB3  1 
ATOM   104 N N    . ALA A 1 12 ? -2.669  -6.461  4.067   1.00 27.55 ? 12  ALA A N    1 
ATOM   105 C CA   . ALA A 1 12 ? -3.705  -7.310  3.487   1.00 30.30 ? 12  ALA A CA   1 
ATOM   106 C C    . ALA A 1 12 ? -4.998  -6.509  3.324   1.00 30.37 ? 12  ALA A C    1 
ATOM   107 O O    . ALA A 1 12 ? -6.005  -6.733  4.000   1.00 31.97 ? 12  ALA A O    1 
ATOM   108 C CB   . ALA A 1 12 ? -3.927  -8.523  4.369   1.00 30.68 ? 12  ALA A CB   1 
ATOM   109 H H    . ALA A 1 12 ? -2.593  -6.547  4.919   1.00 33.06 ? 12  ALA A H    1 
ATOM   110 H HA   . ALA A 1 12 ? -3.418  -7.601  2.609   1.00 36.37 ? 12  ALA A HA   1 
ATOM   111 H HB1  . ALA A 1 12 ? -4.599  -9.091  3.961   1.00 36.81 ? 12  ALA A HB1  1 
ATOM   112 H HB2  . ALA A 1 12 ? -3.092  -9.008  4.455   1.00 36.81 ? 12  ALA A HB2  1 
ATOM   113 H HB3  . ALA A 1 12 ? -4.230  -8.228  5.243   1.00 36.81 ? 12  ALA A HB3  1 
ATOM   114 N N    . VAL A 1 13 ? -4.957  -5.557  2.400   1.00 30.48 ? 13  VAL A N    1 
ATOM   115 C CA   . VAL A 1 13 ? -6.080  -4.661  2.138   1.00 29.35 ? 13  VAL A CA   1 
ATOM   116 C C    . VAL A 1 13 ? -6.755  -5.112  0.850   1.00 28.56 ? 13  VAL A C    1 
ATOM   117 O O    . VAL A 1 13 ? -6.128  -5.034  -0.219  1.00 30.65 ? 13  VAL A O    1 
ATOM   118 C CB   . VAL A 1 13 ? -5.628  -3.199  2.032   1.00 28.83 ? 13  VAL A CB   1 
ATOM   119 C CG1  . VAL A 1 13 ? -6.843  -2.280  1.843   1.00 28.69 ? 13  VAL A CG1  1 
ATOM   120 C CG2  . VAL A 1 13 ? -4.815  -2.809  3.271   1.00 30.23 ? 13  VAL A CG2  1 
ATOM   121 H H    . VAL A 1 13 ? -4.275  -5.407  1.899   1.00 36.57 ? 13  VAL A H    1 
ATOM   122 H HA   . VAL A 1 13 ? -6.720  -4.734  2.864   1.00 35.22 ? 13  VAL A HA   1 
ATOM   123 H HB   . VAL A 1 13 ? -5.054  -3.089  1.257   1.00 34.59 ? 13  VAL A HB   1 
ATOM   124 H HG11 . VAL A 1 13 ? -6.545  -1.357  1.849   1.00 34.43 ? 13  VAL A HG11 1 
ATOM   125 H HG12 . VAL A 1 13 ? -7.265  -2.485  0.994   1.00 34.43 ? 13  VAL A HG12 1 
ATOM   126 H HG13 . VAL A 1 13 ? -7.468  -2.431  2.568   1.00 34.43 ? 13  VAL A HG13 1 
ATOM   127 H HG21 . VAL A 1 13 ? -4.603  -1.864  3.225   1.00 36.28 ? 13  VAL A HG21 1 
ATOM   128 H HG22 . VAL A 1 13 ? -5.343  -2.992  4.064   1.00 36.28 ? 13  VAL A HG22 1 
ATOM   129 H HG23 . VAL A 1 13 ? -3.998  -3.332  3.290   1.00 36.28 ? 13  VAL A HG23 1 
ATOM   130 N N    . PRO A 1 14 ? -8.019  -5.536  0.889   1.00 29.57 ? 14  PRO A N    1 
ATOM   131 C CA   . PRO A 1 14 ? -8.715  -5.906  -0.348  1.00 29.85 ? 14  PRO A CA   1 
ATOM   132 C C    . PRO A 1 14 ? -8.598  -4.827  -1.411  1.00 30.75 ? 14  PRO A C    1 
ATOM   133 O O    . PRO A 1 14 ? -8.619  -3.628  -1.117  1.00 30.95 ? 14  PRO A O    1 
ATOM   134 C CB   . PRO A 1 14 ? -10.167 -6.082  0.097   1.00 31.34 ? 14  PRO A CB   1 
ATOM   135 C CG   . PRO A 1 14 ? -10.098 -6.395  1.516   1.00 30.94 ? 14  PRO A CG   1 
ATOM   136 C CD   . PRO A 1 14 ? -8.856  -5.755  2.077   1.00 30.34 ? 14  PRO A CD   1 
ATOM   137 H HA   . PRO A 1 14 ? -8.363  -6.744  -0.689  1.00 35.82 ? 14  PRO A HA   1 
ATOM   138 H HB2  . PRO A 1 14 ? -10.658 -5.259  -0.052  1.00 37.62 ? 14  PRO A HB2  1 
ATOM   139 H HB3  . PRO A 1 14 ? -10.577 -6.808  -0.398  1.00 37.62 ? 14  PRO A HB3  1 
ATOM   140 H HG2  . PRO A 1 14 ? -10.886 -6.041  1.958   1.00 37.13 ? 14  PRO A HG2  1 
ATOM   141 H HG3  . PRO A 1 14 ? -10.058 -7.357  1.627   1.00 37.13 ? 14  PRO A HG3  1 
ATOM   142 H HD2  . PRO A 1 14 ? -9.067  -4.913  2.510   1.00 36.41 ? 14  PRO A HD2  1 
ATOM   143 H HD3  . PRO A 1 14 ? -8.416  -6.350  2.704   1.00 36.41 ? 14  PRO A HD3  1 
ATOM   144 N N    . ALA A 1 15 ? -8.499  -5.261  -2.659  1.00 30.64 ? 15  ALA A N    1 
ATOM   145 C CA   . ALA A 1 15 ? -8.228  -4.335  -3.744  1.00 31.87 ? 15  ALA A CA   1 
ATOM   146 C C    . ALA A 1 15 ? -9.242  -3.188  -3.764  1.00 33.18 ? 15  ALA A C    1 
ATOM   147 O O    . ALA A 1 15 ? -8.877  -2.035  -3.996  1.00 33.11 ? 15  ALA A O    1 
ATOM   148 C CB   . ALA A 1 15 ? -8.224  -5.074  -5.076  1.00 33.44 ? 15  ALA A CB   1 
ATOM   149 H H    . ALA A 1 15 ? -8.584  -6.082  -2.900  1.00 36.78 ? 15  ALA A H    1 
ATOM   150 H HA   . ALA A 1 15 ? -7.350  -3.945  -3.612  1.00 38.25 ? 15  ALA A HA   1 
ATOM   151 H HB1  . ALA A 1 15 ? -8.006  -4.448  -5.784  1.00 40.14 ? 15  ALA A HB1  1 
ATOM   152 H HB2  . ALA A 1 15 ? -7.559  -5.780  -5.043  1.00 40.14 ? 15  ALA A HB2  1 
ATOM   153 H HB3  . ALA A 1 15 ? -9.103  -5.454  -5.228  1.00 40.14 ? 15  ALA A HB3  1 
HETATM 154 N N    . MLY A 1 16 ? -10.507 -3.499  -3.493  1.00 35.67 ? 16  MLY A N    1 
HETATM 155 C CA   . MLY A 1 16 ? -11.570 -2.513  -3.622  1.00 38.84 ? 16  MLY A CA   1 
HETATM 156 C CB   . MLY A 1 16 ? -12.926 -3.217  -3.645  1.00 44.55 ? 16  MLY A CB   1 
HETATM 157 C CG   . MLY A 1 16 ? -13.145 -4.030  -4.917  1.00 51.45 ? 16  MLY A CG   1 
HETATM 158 C CD   . MLY A 1 16 ? -14.183 -5.132  -4.718  1.00 56.71 ? 16  MLY A CD   1 
HETATM 159 C CE   . MLY A 1 16 ? -14.564 -5.768  -6.046  1.00 60.24 ? 16  MLY A CE   1 
HETATM 160 N NZ   . MLY A 1 16 ? -15.150 -7.155  -5.930  1.00 63.92 ? 16  MLY A NZ   1 
HETATM 161 C CH1  . MLY A 1 16 ? -15.916 -7.305  -4.677  1.00 65.31 ? 16  MLY A CH1  1 
HETATM 162 C CH2  . MLY A 1 16 ? -14.061 -8.149  -5.969  1.00 64.27 ? 16  MLY A CH2  1 
HETATM 163 C C    . MLY A 1 16 ? -11.543 -1.463  -2.524  1.00 38.43 ? 16  MLY A C    1 
HETATM 164 O O    . MLY A 1 16 ? -12.132 -0.387  -2.669  1.00 41.15 ? 16  MLY A O    1 
HETATM 165 H H    . MLY A 1 16 ? -10.773 -4.274  -3.231  1.00 42.80 ? 16  MLY A H    1 
HETATM 166 H HA   . MLY A 1 16 ? -11.442 -2.035  -4.468  1.00 46.62 ? 16  MLY A HA   1 
HETATM 167 H HB2  . MLY A 1 16 ? -13.630 -2.552  -3.585  1.00 53.47 ? 16  MLY A HB2  1 
HETATM 168 H HB3  . MLY A 1 16 ? -12.985 -3.818  -2.887  1.00 53.47 ? 16  MLY A HB3  1 
HETATM 169 H HG2  . MLY A 1 16 ? -12.309 -4.442  -5.182  1.00 61.74 ? 16  MLY A HG2  1 
HETATM 170 H HG3  . MLY A 1 16 ? -13.455 -3.442  -5.624  1.00 61.74 ? 16  MLY A HG3  1 
HETATM 171 H HD2  . MLY A 1 16 ? -14.982 -4.759  -4.313  1.00 68.05 ? 16  MLY A HD2  1 
HETATM 172 H HD3  . MLY A 1 16 ? -13.820 -5.820  -4.138  1.00 68.05 ? 16  MLY A HD3  1 
HETATM 173 H HE2  . MLY A 1 16 ? -13.772 -5.827  -6.602  1.00 72.29 ? 16  MLY A HE2  1 
HETATM 174 H HE3  . MLY A 1 16 ? -15.224 -5.206  -6.482  1.00 72.29 ? 16  MLY A HE3  1 
HETATM 175 H HH11 . MLY A 1 16 ? -16.587 -8.161  -4.760  1.00 78.37 ? 16  MLY A HH11 1 
HETATM 176 H HH12 . MLY A 1 16 ? -16.501 -6.403  -4.498  1.00 78.37 ? 16  MLY A HH12 1 
HETATM 177 H HH13 . MLY A 1 16 ? -15.228 -7.463  -3.845  1.00 78.37 ? 16  MLY A HH13 1 
HETATM 178 H HH21 . MLY A 1 16 ? -14.477 -9.148  -5.833  1.00 77.13 ? 16  MLY A HH21 1 
HETATM 179 H HH22 . MLY A 1 16 ? -13.351 -7.940  -5.169  1.00 77.13 ? 16  MLY A HH22 1 
HETATM 180 H HH23 . MLY A 1 16 ? -13.553 -8.094  -6.930  1.00 77.13 ? 16  MLY A HH23 1 
ATOM   181 N N    . ASP A 1 17 ? -10.866 -1.773  -1.426  1.00 36.32 ? 17  ASP A N    1 
ATOM   182 C CA   . ASP A 1 17 ? -10.794 -0.853  -0.291  1.00 35.85 ? 17  ASP A CA   1 
ATOM   183 C C    . ASP A 1 17 ? -9.488  -0.074  -0.229  1.00 32.02 ? 17  ASP A C    1 
ATOM   184 O O    . ASP A 1 17 ? -9.297  0.756   0.656   1.00 32.72 ? 17  ASP A O    1 
ATOM   185 C CB   . ASP A 1 17 ? -10.969 -1.618  1.007   1.00 39.00 ? 17  ASP A CB   1 
ATOM   186 C CG   . ASP A 1 17 ? -12.313 -2.308  1.100   1.00 43.35 ? 17  ASP A CG   1 
ATOM   187 O OD1  . ASP A 1 17 ? -13.347 -1.681  0.769   1.00 44.33 ? 17  ASP A OD1  1 
ATOM   188 O OD2  . ASP A 1 17 ? -12.327 -3.485  1.513   1.00 46.18 ? 17  ASP A OD2  1 
ATOM   189 H H    . ASP A 1 17 ? -10.438 -2.509  -1.311  1.00 43.59 ? 17  ASP A H    1 
ATOM   190 H HA   . ASP A 1 17 ? -11.510 -0.207  -0.396  1.00 43.02 ? 17  ASP A HA   1 
ATOM   191 H HB2  . ASP A 1 17 ? -10.278 -2.296  1.070   1.00 46.80 ? 17  ASP A HB2  1 
ATOM   192 H HB3  . ASP A 1 17 ? -10.897 -1.000  1.751   1.00 46.80 ? 17  ASP A HB3  1 
ATOM   193 N N    . ARG A 1 18 ? -8.579  -0.346  -1.160  1.00 28.52 ? 18  ARG A N    1 
ATOM   194 C CA   . ARG A 1 18 ? -7.276  0.283   -1.104  1.00 26.34 ? 18  ARG A CA   1 
ATOM   195 C C    . ARG A 1 18 ? -7.396  1.778   -1.308  1.00 26.36 ? 18  ARG A C    1 
ATOM   196 O O    . ARG A 1 18 ? -8.099  2.247   -2.199  1.00 30.93 ? 18  ARG A O    1 
ATOM   197 C CB   . ARG A 1 18 ? -6.355  -0.297  -2.165  1.00 25.80 ? 18  ARG A CB   1 
ATOM   198 C CG   . ARG A 1 18 ? -5.887  -1.685  -1.816  1.00 25.03 ? 18  ARG A CG   1 
ATOM   199 C CD   . ARG A 1 18 ? -5.071  -2.274  -2.938  1.00 23.84 ? 18  ARG A CD   1 
ATOM   200 N NE   . ARG A 1 18 ? -4.677  -3.634  -2.635  1.00 24.41 ? 18  ARG A NE   1 
ATOM   201 C CZ   . ARG A 1 18 ? -3.858  -4.349  -3.392  1.00 22.09 ? 18  ARG A CZ   1 
ATOM   202 N NH1  . ARG A 1 18 ? -3.319  -3.833  -4.497  1.00 20.92 ? 18  ARG A NH1  1 
ATOM   203 N NH2  . ARG A 1 18 ? -3.577  -5.593  -3.043  1.00 24.74 ? 18  ARG A NH2  1 
ATOM   204 H H    . ARG A 1 18 ? -8.695  -0.885  -1.820  1.00 34.23 ? 18  ARG A H    1 
ATOM   205 H HA   . ARG A 1 18 ? -6.885  0.117   -0.233  1.00 31.61 ? 18  ARG A HA   1 
ATOM   206 H HB2  . ARG A 1 18 ? -6.831  -0.342  -3.009  1.00 30.96 ? 18  ARG A HB2  1 
ATOM   207 H HB3  . ARG A 1 18 ? -5.575  0.271   -2.254  1.00 30.96 ? 18  ARG A HB3  1 
ATOM   208 H HG2  . ARG A 1 18 ? -5.335  -1.650  -1.019  1.00 30.04 ? 18  ARG A HG2  1 
ATOM   209 H HG3  . ARG A 1 18 ? -6.656  -2.257  -1.662  1.00 30.04 ? 18  ARG A HG3  1 
ATOM   210 H HD2  . ARG A 1 18 ? -5.598  -2.281  -3.752  1.00 28.61 ? 18  ARG A HD2  1 
ATOM   211 H HD3  . ARG A 1 18 ? -4.269  -1.744  -3.067  1.00 28.61 ? 18  ARG A HD3  1 
ATOM   212 H HE   . ARG A 1 18 ? -4.993  -3.999  -1.924  1.00 29.30 ? 18  ARG A HE   1 
ATOM   213 H HH11 . ARG A 1 18 ? -3.502  -3.025  -4.727  1.00 25.11 ? 18  ARG A HH11 1 
ATOM   214 H HH12 . ARG A 1 18 ? -2.789  -4.308  -4.979  1.00 25.11 ? 18  ARG A HH12 1 
ATOM   215 H HH21 . ARG A 1 18 ? -3.925  -5.928  -2.332  1.00 29.69 ? 18  ARG A HH21 1 
ATOM   216 H HH22 . ARG A 1 18 ? -3.046  -6.066  -3.527  1.00 29.69 ? 18  ARG A HH22 1 
ATOM   217 N N    . VAL A 1 19 ? -6.682  2.518   -0.481  1.00 23.96 ? 19  VAL A N    1 
ATOM   218 C CA   . VAL A 1 19 ? -6.560  3.960   -0.613  1.00 25.36 ? 19  VAL A CA   1 
ATOM   219 C C    . VAL A 1 19 ? -5.180  4.282   -1.188  1.00 23.45 ? 19  VAL A C    1 
ATOM   220 O O    . VAL A 1 19 ? -4.148  3.963   -0.582  1.00 23.56 ? 19  VAL A O    1 
ATOM   221 C CB   . VAL A 1 19 ? -6.783  4.648   0.737   1.00 28.64 ? 19  VAL A CB   1 
ATOM   222 C CG1  . VAL A 1 19 ? -6.668  6.130   0.563   1.00 30.88 ? 19  VAL A CG1  1 
ATOM   223 C CG2  . VAL A 1 19 ? -8.145  4.254   1.311   1.00 28.92 ? 19  VAL A CG2  1 
ATOM   224 H H    . VAL A 1 19 ? -6.244  2.198   0.186   1.00 28.75 ? 19  VAL A H    1 
ATOM   225 H HA   . VAL A 1 19 ? -7.223  4.289   -1.242  1.00 30.44 ? 19  VAL A HA   1 
ATOM   226 H HB   . VAL A 1 19 ? -6.107  4.365   1.373   1.00 34.37 ? 19  VAL A HB   1 
ATOM   227 H HG11 . VAL A 1 19 ? -7.006  6.570   1.358   1.00 37.06 ? 19  VAL A HG11 1 
ATOM   228 H HG12 . VAL A 1 19 ? -5.735  6.362   0.428   1.00 37.06 ? 19  VAL A HG12 1 
ATOM   229 H HG13 . VAL A 1 19 ? -7.189  6.399   -0.210  1.00 37.06 ? 19  VAL A HG13 1 
ATOM   230 H HG21 . VAL A 1 19 ? -8.307  4.763   2.121   1.00 34.71 ? 19  VAL A HG21 1 
ATOM   231 H HG22 . VAL A 1 19 ? -8.833  4.450   0.656   1.00 34.71 ? 19  VAL A HG22 1 
ATOM   232 H HG23 . VAL A 1 19 ? -8.142  3.305   1.513   1.00 34.71 ? 19  VAL A HG23 1 
ATOM   233 N N    . ASP A 1 20 ? -5.162  4.897   -2.372  1.00 23.12 ? 20  ASP A N    1 
ATOM   234 C CA   . ASP A 1 20 ? -3.906  5.199   -3.040  1.00 22.89 ? 20  ASP A CA   1 
ATOM   235 C C    . ASP A 1 20 ? -3.016  6.085   -2.165  1.00 24.08 ? 20  ASP A C    1 
ATOM   236 O O    . ASP A 1 20 ? -3.447  7.115   -1.626  1.00 25.57 ? 20  ASP A O    1 
ATOM   237 C CB   . ASP A 1 20 ? -4.207  5.861   -4.382  1.00 22.93 ? 20  ASP A CB   1 
ATOM   238 C CG   . ASP A 1 20 ? -3.026  5.895   -5.321  1.00 24.59 ? 20  ASP A CG   1 
ATOM   239 O OD1  . ASP A 1 20 ? -1.958  5.347   -4.981  1.00 23.91 ? 20  ASP A OD1  1 
ATOM   240 O OD2  . ASP A 1 20 ? -3.192  6.484   -6.425  1.00 25.94 ? 20  ASP A OD2  1 
ATOM   241 H H    . ASP A 1 20 ? -5.862  5.148   -2.805  1.00 27.75 ? 20  ASP A H    1 
ATOM   242 H HA   . ASP A 1 20 ? -3.410  4.383   -3.205  1.00 27.48 ? 20  ASP A HA   1 
ATOM   243 H HB2  . ASP A 1 20 ? -4.919  5.369   -4.821  1.00 27.52 ? 20  ASP A HB2  1 
ATOM   244 H HB3  . ASP A 1 20 ? -4.486  6.777   -4.224  1.00 27.52 ? 20  ASP A HB3  1 
ATOM   245 N N    . CYS A 1 21 ? -1.773  5.641   -1.999  1.00 22.55 ? 21  CYS A N    1 
ATOM   246 C CA   . CYS A 1 21 ? -0.738  6.350   -1.285  1.00 21.72 ? 21  CYS A CA   1 
ATOM   247 C C    . CYS A 1 21 ? 0.343   6.863   -2.217  1.00 20.90 ? 21  CYS A C    1 
ATOM   248 O O    . CYS A 1 21 ? 1.256   7.571   -1.779  1.00 23.24 ? 21  CYS A O    1 
ATOM   249 C CB   . CYS A 1 21 ? -0.127  5.418   -0.236  1.00 21.26 ? 21  CYS A CB   1 
ATOM   250 S SG   . CYS A 1 21 ? 1.300   6.018   0.657   1.00 22.69 ? 21  CYS A SG   1 
ATOM   251 H H    . CYS A 1 21 ? -1.498  4.888   -2.311  1.00 27.07 ? 21  CYS A H    1 
ATOM   252 H HA   . CYS A 1 21 ? -1.109  7.114   -0.816  1.00 26.06 ? 21  CYS A HA   1 
ATOM   253 H HB2  . CYS A 1 21 ? -0.812  5.222   0.424   1.00 25.52 ? 21  CYS A HB2  1 
ATOM   254 H HB3  . CYS A 1 21 ? 0.144   4.602   -0.685  1.00 25.52 ? 21  CYS A HB3  1 
ATOM   255 N N    . GLY A 1 22 ? 0.262   6.519   -3.488  1.00 21.91 ? 22  GLY A N    1 
ATOM   256 C CA   . GLY A 1 22 ? 1.244   6.952   -4.448  1.00 21.20 ? 22  GLY A CA   1 
ATOM   257 C C    . GLY A 1 22 ? 0.622   7.610   -5.661  1.00 21.76 ? 22  GLY A C    1 
ATOM   258 O O    . GLY A 1 22 ? -0.240  8.492   -5.552  1.00 23.97 ? 22  GLY A O    1 
ATOM   259 H H    . GLY A 1 22 ? -0.362  6.030   -3.820  1.00 26.30 ? 22  GLY A H    1 
ATOM   260 H HA2  . GLY A 1 22 ? 1.842   7.589   -4.028  1.00 25.45 ? 22  GLY A HA2  1 
ATOM   261 H HA3  . GLY A 1 22 ? 1.757   6.185   -4.747  1.00 25.45 ? 22  GLY A HA3  1 
ATOM   262 N N    . TYR A 1 23 ? 1.061   7.150   -6.825  1.00 21.94 ? 23  TYR A N    1 
ATOM   263 C CA   . TYR A 1 23 ? 0.774   7.746   -8.121  1.00 20.27 ? 23  TYR A CA   1 
ATOM   264 C C    . TYR A 1 23 ? 1.271   6.770   -9.174  1.00 21.00 ? 23  TYR A C    1 
ATOM   265 O O    . TYR A 1 23 ? 2.091   5.901   -8.864  1.00 21.51 ? 23  TYR A O    1 
ATOM   266 C CB   . TYR A 1 23 ? 1.458   9.126   -8.281  1.00 20.76 ? 23  TYR A CB   1 
ATOM   267 C CG   . TYR A 1 23 ? 2.902   9.087   -7.833  1.00 20.22 ? 23  TYR A CG   1 
ATOM   268 C CD1  . TYR A 1 23 ? 3.909   8.713   -8.704  1.00 22.32 ? 23  TYR A CD1  1 
ATOM   269 C CD2  . TYR A 1 23 ? 3.245   9.366   -6.521  1.00 22.26 ? 23  TYR A CD2  1 
ATOM   270 C CE1  . TYR A 1 23 ? 5.223   8.643   -8.284  1.00 20.57 ? 23  TYR A CE1  1 
ATOM   271 C CE2  . TYR A 1 23 ? 4.534   9.283   -6.097  1.00 20.69 ? 23  TYR A CE2  1 
ATOM   272 C CZ   . TYR A 1 23 ? 5.525   8.922   -6.970  1.00 20.53 ? 23  TYR A CZ   1 
ATOM   273 O OH   . TYR A 1 23 ? 6.819   8.854   -6.499  1.00 21.68 ? 23  TYR A OH   1 
ATOM   274 H H    . TYR A 1 23 ? 1.557   6.451   -6.894  1.00 26.33 ? 23  TYR A H    1 
ATOM   275 H HA   . TYR A 1 23 ? -0.181  7.878   -8.234  1.00 24.33 ? 23  TYR A HA   1 
ATOM   276 H HB2  . TYR A 1 23 ? 1.436   9.387   -9.215  1.00 24.91 ? 23  TYR A HB2  1 
ATOM   277 H HB3  . TYR A 1 23 ? 0.990   9.780   -7.741  1.00 24.91 ? 23  TYR A HB3  1 
ATOM   278 H HD1  . TYR A 1 23 ? 3.698   8.504   -9.585  1.00 26.78 ? 23  TYR A HD1  1 
ATOM   279 H HD2  . TYR A 1 23 ? 2.582   9.616   -5.919  1.00 26.72 ? 23  TYR A HD2  1 
ATOM   280 H HE1  . TYR A 1 23 ? 5.897   8.411   -8.883  1.00 24.69 ? 23  TYR A HE1  1 
ATOM   281 H HE2  . TYR A 1 23 ? 4.744   9.471   -5.210  1.00 24.83 ? 23  TYR A HE2  1 
ATOM   282 H HH   . TYR A 1 23 ? 6.848   9.107   -5.698  1.00 26.02 ? 23  TYR A HH   1 
ATOM   283 N N    . PRO A 1 24 ? 0.788   6.879   -10.409 1.00 20.62 ? 24  PRO A N    1 
ATOM   284 C CA   . PRO A 1 24 ? 1.269   5.971   -11.458 1.00 20.69 ? 24  PRO A CA   1 
ATOM   285 C C    . PRO A 1 24 ? 2.791   5.961   -11.544 1.00 20.20 ? 24  PRO A C    1 
ATOM   286 O O    . PRO A 1 24 ? 3.447   7.008   -11.545 1.00 20.10 ? 24  PRO A O    1 
ATOM   287 C CB   . PRO A 1 24 ? 0.620   6.534   -12.715 1.00 22.06 ? 24  PRO A CB   1 
ATOM   288 C CG   . PRO A 1 24 ? -0.658  7.187   -12.164 1.00 21.33 ? 24  PRO A CG   1 
ATOM   289 C CD   . PRO A 1 24 ? -0.232  7.818   -10.911 1.00 21.53 ? 24  PRO A CD   1 
ATOM   290 H HA   . PRO A 1 24 ? 0.957   5.066   -11.304 1.00 24.84 ? 24  PRO A HA   1 
ATOM   291 H HB2  . PRO A 1 24 ? 1.202   7.188   -13.135 1.00 26.48 ? 24  PRO A HB2  1 
ATOM   292 H HB3  . PRO A 1 24 ? 0.415   5.823   -13.341 1.00 26.48 ? 24  PRO A HB3  1 
ATOM   293 H HG2  . PRO A 1 24 ? -0.992  7.847   -12.791 1.00 25.60 ? 24  PRO A HG2  1 
ATOM   294 H HG3  . PRO A 1 24 ? -1.334  6.511   -12.002 1.00 25.60 ? 24  PRO A HG3  1 
ATOM   295 H HD2  . PRO A 1 24 ? 0.152   8.694   -11.074 1.00 25.84 ? 24  PRO A HD2  1 
ATOM   296 H HD3  . PRO A 1 24 ? -0.973  7.893   -10.289 1.00 25.84 ? 24  PRO A HD3  1 
ATOM   297 N N    . HIS A 1 25 ? 3.350   4.754   -11.618 1.00 19.86 ? 25  HIS A N    1 
ATOM   298 C CA   . HIS A 1 25 ? 4.783   4.498   -11.755 1.00 19.87 ? 25  HIS A CA   1 
ATOM   299 C C    . HIS A 1 25 ? 5.571   4.823   -10.503 1.00 19.42 ? 25  HIS A C    1 
ATOM   300 O O    . HIS A 1 25 ? 6.805   4.914   -10.555 1.00 22.47 ? 25  HIS A O    1 
ATOM   301 C CB   . HIS A 1 25 ? 5.367   5.243   -12.951 1.00 21.55 ? 25  HIS A CB   1 
ATOM   302 C CG   . HIS A 1 25 ? 4.575   5.042   -14.196 1.00 24.41 ? 25  HIS A CG   1 
ATOM   303 N ND1  . HIS A 1 25 ? 4.610   3.873   -14.921 1.00 28.81 ? 25  HIS A ND1  1 
ATOM   304 C CD2  . HIS A 1 25 ? 3.686   5.850   -14.823 1.00 27.29 ? 25  HIS A CD2  1 
ATOM   305 C CE1  . HIS A 1 25 ? 3.787   3.975   -15.948 1.00 30.53 ? 25  HIS A CE1  1 
ATOM   306 N NE2  . HIS A 1 25 ? 3.212   5.162   -15.908 1.00 29.82 ? 25  HIS A NE2  1 
ATOM   307 H H    . HIS A 1 25 ? 2.893   4.026   -11.589 1.00 23.83 ? 25  HIS A H    1 
ATOM   308 H HA   . HIS A 1 25 ? 4.894   3.548   -11.910 1.00 23.84 ? 25  HIS A HA   1 
ATOM   309 H HB2  . HIS A 1 25 ? 5.384   6.192   -12.754 1.00 25.87 ? 25  HIS A HB2  1 
ATOM   310 H HB3  . HIS A 1 25 ? 6.268   4.920   -13.113 1.00 25.87 ? 25  HIS A HB3  1 
ATOM   311 H HD1  . HIS A 1 25 ? 5.093   3.186   -14.735 1.00 34.58 ? 25  HIS A HD1  1 
ATOM   312 H HD2  . HIS A 1 25 ? 3.444   6.710   -14.566 1.00 32.75 ? 25  HIS A HD2  1 
ATOM   313 H HE1  . HIS A 1 25 ? 3.638   3.320   -16.592 1.00 36.63 ? 25  HIS A HE1  1 
ATOM   314 N N    . VAL A 1 26 ? 4.892   4.969   -9.368  1.00 19.11 ? 26  VAL A N    1 
ATOM   315 C CA   . VAL A 1 26 ? 5.598   5.069   -8.100  1.00 18.87 ? 26  VAL A CA   1 
ATOM   316 C C    . VAL A 1 26 ? 6.438   3.809   -7.906  1.00 19.20 ? 26  VAL A C    1 
ATOM   317 O O    . VAL A 1 26 ? 6.003   2.690   -8.211  1.00 20.89 ? 26  VAL A O    1 
ATOM   318 C CB   . VAL A 1 26 ? 4.601   5.282   -6.943  1.00 19.17 ? 26  VAL A CB   1 
ATOM   319 C CG1  . VAL A 1 26 ? 3.648   4.109   -6.803  1.00 18.68 ? 26  VAL A CG1  1 
ATOM   320 C CG2  . VAL A 1 26 ? 5.339   5.538   -5.609  1.00 20.78 ? 26  VAL A CG2  1 
ATOM   321 H H    . VAL A 1 26 ? 4.034   5.013   -9.309  1.00 22.93 ? 26  VAL A H    1 
ATOM   322 H HA   . VAL A 1 26 ? 6.192   5.835   -8.114  1.00 22.65 ? 26  VAL A HA   1 
ATOM   323 H HB   . VAL A 1 26 ? 4.073   6.069   -7.154  1.00 23.01 ? 26  VAL A HB   1 
ATOM   324 H HG11 . VAL A 1 26 ? 2.929   4.357   -6.201  1.00 22.41 ? 26  VAL A HG11 1 
ATOM   325 H HG12 . VAL A 1 26 ? 3.286   3.890   -7.677  1.00 22.41 ? 26  VAL A HG12 1 
ATOM   326 H HG13 . VAL A 1 26 ? 4.133   3.350   -6.446  1.00 22.41 ? 26  VAL A HG13 1 
ATOM   327 H HG21 . VAL A 1 26 ? 4.686   5.734   -4.919  1.00 24.94 ? 26  VAL A HG21 1 
ATOM   328 H HG22 . VAL A 1 26 ? 5.843   4.745   -5.370  1.00 24.94 ? 26  VAL A HG22 1 
ATOM   329 H HG23 . VAL A 1 26 ? 5.940   6.290   -5.719  1.00 24.94 ? 26  VAL A HG23 1 
ATOM   330 N N    . THR A 1 27 ? 7.639   3.980   -7.383  1.00 19.34 ? 27  THR A N    1 
ATOM   331 C CA   . THR A 1 27 ? 8.484   2.810   -7.151  1.00 18.03 ? 27  THR A CA   1 
ATOM   332 C C    . THR A 1 27 ? 8.181   2.179   -5.807  1.00 18.67 ? 27  THR A C    1 
ATOM   333 O O    . THR A 1 27 ? 7.716   2.842   -4.884  1.00 18.28 ? 27  THR A O    1 
ATOM   334 C CB   . THR A 1 27 ? 9.963   3.187   -7.172  1.00 20.51 ? 27  THR A CB   1 
ATOM   335 O OG1  . THR A 1 27 ? 10.218  4.072   -6.084  1.00 22.29 ? 27  THR A OG1  1 
ATOM   336 C CG2  . THR A 1 27 ? 10.367  3.855   -8.456  1.00 21.61 ? 27  THR A CG2  1 
ATOM   337 H H    . THR A 1 27 ? 7.980   4.736   -7.161  1.00 23.21 ? 27  THR A H    1 
ATOM   338 H HA   . THR A 1 27 ? 8.311   2.171   -7.860  1.00 21.64 ? 27  THR A HA   1 
ATOM   339 H HB   . THR A 1 27 ? 10.494  2.379   -7.097  1.00 24.62 ? 27  THR A HB   1 
ATOM   340 H HG1  . THR A 1 27 ? 11.042  4.227   -6.027  1.00 26.76 ? 27  THR A HG1  1 
ATOM   341 H HG21 . THR A 1 27 ? 11.315  4.062   -8.440  1.00 25.93 ? 27  THR A HG21 1 
ATOM   342 H HG22 . THR A 1 27 ? 10.186  3.270   -9.207  1.00 25.93 ? 27  THR A HG22 1 
ATOM   343 H HG23 . THR A 1 27 ? 9.869   4.680   -8.573  1.00 25.93 ? 27  THR A HG23 1 
ATOM   344 N N    . PRO A 1 28 ? 8.473   0.886   -5.660  1.00 19.47 ? 28  PRO A N    1 
ATOM   345 C CA   . PRO A 1 28 ? 8.360   0.240   -4.348  1.00 20.15 ? 28  PRO A CA   1 
ATOM   346 C C    . PRO A 1 28 ? 9.095   0.970   -3.228  1.00 19.89 ? 28  PRO A C    1 
ATOM   347 O O    . PRO A 1 28 ? 8.571   1.059   -2.123  1.00 20.57 ? 28  PRO A O    1 
ATOM   348 C CB   . PRO A 1 28 ? 8.985   -1.129  -4.601  1.00 21.45 ? 28  PRO A CB   1 
ATOM   349 C CG   . PRO A 1 28 ? 8.657   -1.380  -6.035  1.00 20.97 ? 28  PRO A CG   1 
ATOM   350 C CD   . PRO A 1 28 ? 8.938   -0.063  -6.688  1.00 19.45 ? 28  PRO A CD   1 
ATOM   351 H HA   . PRO A 1 28 ? 7.428   0.151   -4.094  1.00 24.18 ? 28  PRO A HA   1 
ATOM   352 H HB2  . PRO A 1 28 ? 9.943   -1.096  -4.455  1.00 25.75 ? 28  PRO A HB2  1 
ATOM   353 H HB3  . PRO A 1 28 ? 8.584   -1.797  -4.023  1.00 25.75 ? 28  PRO A HB3  1 
ATOM   354 H HG2  . PRO A 1 28 ? 9.225   -2.079  -6.393  1.00 25.16 ? 28  PRO A HG2  1 
ATOM   355 H HG3  . PRO A 1 28 ? 7.725   -1.629  -6.129  1.00 25.16 ? 28  PRO A HG3  1 
ATOM   356 H HD2  . PRO A 1 28 ? 9.885   0.047   -6.866  1.00 23.34 ? 28  PRO A HD2  1 
ATOM   357 H HD3  . PRO A 1 28 ? 8.432   0.035   -7.511  1.00 23.34 ? 28  PRO A HD3  1 
HETATM 358 N N    . MLY A 1 29 ? 10.304  1.460   -3.495  1.00 21.62 ? 29  MLY A N    1 
HETATM 359 C CA   . MLY A 1 29 ? 11.055  2.119   -2.444  1.00 21.31 ? 29  MLY A CA   1 
HETATM 360 C CB   . MLY A 1 29 ? 12.481  2.356   -2.879  1.00 25.89 ? 29  MLY A CB   1 
HETATM 361 C CG   . MLY A 1 29 ? 13.295  1.092   -2.805  1.00 34.58 ? 29  MLY A CG   1 
HETATM 362 C CD   . MLY A 1 29 ? 14.753  1.411   -3.032  1.00 41.84 ? 29  MLY A CD   1 
HETATM 363 C CE   . MLY A 1 29 ? 15.593  0.155   -3.280  1.00 47.74 ? 29  MLY A CE   1 
HETATM 364 N NZ   . MLY A 1 29 ? 17.033  0.469   -3.544  1.00 52.39 ? 29  MLY A NZ   1 
HETATM 365 C CH1  . MLY A 1 29 ? 17.139  1.094   -4.879  1.00 53.56 ? 29  MLY A CH1  1 
HETATM 366 C CH2  . MLY A 1 29 ? 17.485  1.440   -2.522  1.00 53.78 ? 29  MLY A CH2  1 
HETATM 367 C C    . MLY A 1 29 ? 10.400  3.422   -2.042  1.00 19.44 ? 29  MLY A C    1 
HETATM 368 O O    . MLY A 1 29 ? 10.351  3.749   -0.851  1.00 21.98 ? 29  MLY A O    1 
HETATM 369 H H    . MLY A 1 29 ? 10.696  1.422   -4.259  1.00 25.95 ? 29  MLY A H    1 
HETATM 370 H HA   . MLY A 1 29 ? 11.080  1.539   -1.654  1.00 25.57 ? 29  MLY A HA   1 
HETATM 371 H HB2  . MLY A 1 29 ? 12.890  3.019   -2.301  1.00 31.08 ? 29  MLY A HB2  1 
HETATM 372 H HB3  . MLY A 1 29 ? 12.491  2.675   -3.794  1.00 31.08 ? 29  MLY A HB3  1 
HETATM 373 H HG2  . MLY A 1 29 ? 13.001  0.469   -3.487  1.00 41.50 ? 29  MLY A HG2  1 
HETATM 374 H HG3  . MLY A 1 29 ? 13.196  0.685   -1.930  1.00 41.50 ? 29  MLY A HG3  1 
HETATM 375 H HD2  . MLY A 1 29 ? 15.107  1.865   -2.252  1.00 50.22 ? 29  MLY A HD2  1 
HETATM 376 H HD3  . MLY A 1 29 ? 14.837  1.990   -3.807  1.00 50.22 ? 29  MLY A HD3  1 
HETATM 377 H HE2  . MLY A 1 29 ? 15.241  -0.318  -4.048  1.00 57.29 ? 29  MLY A HE2  1 
HETATM 378 H HE3  . MLY A 1 29 ? 15.547  -0.418  -2.498  1.00 57.29 ? 29  MLY A HE3  1 
HETATM 379 H HH11 . MLY A 1 29 ? 18.188  1.276   -5.113  1.00 64.27 ? 29  MLY A HH11 1 
HETATM 380 H HH12 . MLY A 1 29 ? 16.597  2.040   -4.881  1.00 64.27 ? 29  MLY A HH12 1 
HETATM 381 H HH13 . MLY A 1 29 ? 16.711  0.428   -5.627  1.00 64.27 ? 29  MLY A HH13 1 
HETATM 382 H HH21 . MLY A 1 29 ? 18.574  1.434   -2.474  1.00 64.54 ? 29  MLY A HH21 1 
HETATM 383 H HH22 . MLY A 1 29 ? 17.076  1.162   -1.552  1.00 64.54 ? 29  MLY A HH22 1 
HETATM 384 H HH23 . MLY A 1 29 ? 17.139  2.438   -2.792  1.00 64.54 ? 29  MLY A HH23 1 
ATOM   385 N N    . GLU A 1 30 ? 9.891   4.168   -3.016  1.00 20.26 ? 30  GLU A N    1 
ATOM   386 C CA   . GLU A 1 30 ? 9.140   5.385   -2.690  1.00 19.82 ? 30  GLU A CA   1 
ATOM   387 C C    . GLU A 1 30 ? 7.902   5.048   -1.852  1.00 19.73 ? 30  GLU A C    1 
ATOM   388 O O    . GLU A 1 30 ? 7.590   5.751   -0.889  1.00 19.80 ? 30  GLU A O    1 
ATOM   389 C CB   . GLU A 1 30 ? 8.726   6.123   -3.962  1.00 19.74 ? 30  GLU A CB   1 
ATOM   390 C CG   . GLU A 1 30 ? 7.912   7.382   -3.732  1.00 23.38 ? 30  GLU A CG   1 
ATOM   391 C CD   . GLU A 1 30 ? 8.668   8.458   -2.995  1.00 26.73 ? 30  GLU A CD   1 
ATOM   392 O OE1  . GLU A 1 30 ? 9.915   8.586   -3.182  1.00 26.85 ? 30  GLU A OE1  1 
ATOM   393 O OE2  . GLU A 1 30 ? 7.998   9.199   -2.238  1.00 29.49 ? 30  GLU A OE2  1 
ATOM   394 H H    . GLU A 1 30 ? 9.963   3.998   -3.856  1.00 24.32 ? 30  GLU A H    1 
ATOM   395 H HA   . GLU A 1 30 ? 9.708   5.978   -2.173  1.00 23.79 ? 30  GLU A HA   1 
ATOM   396 H HB2  . GLU A 1 30 ? 9.529   6.379   -4.444  1.00 23.69 ? 30  GLU A HB2  1 
ATOM   397 H HB3  . GLU A 1 30 ? 8.190   5.525   -4.505  1.00 23.69 ? 30  GLU A HB3  1 
ATOM   398 H HG2  . GLU A 1 30 ? 7.644   7.743   -4.592  1.00 28.06 ? 30  GLU A HG2  1 
ATOM   399 H HG3  . GLU A 1 30 ? 7.129   7.157   -3.208  1.00 28.06 ? 30  GLU A HG3  1 
ATOM   400 N N    . CYS A 1 31 ? 7.212   3.970   -2.237  1.00 18.68 ? 31  CYS A N    1 
ATOM   401 C CA   . CYS A 1 31 ? 6.048   3.512   -1.494  1.00 17.65 ? 31  CYS A CA   1 
ATOM   402 C C    . CYS A 1 31 ? 6.437   3.157   -0.066  1.00 19.68 ? 31  CYS A C    1 
ATOM   403 O O    . CYS A 1 31 ? 5.804   3.613   0.899   1.00 20.04 ? 31  CYS A O    1 
ATOM   404 C CB   . CYS A 1 31 ? 5.413   2.311   -2.212  1.00 18.80 ? 31  CYS A CB   1 
ATOM   405 S SG   . CYS A 1 31 ? 3.779   1.908   -1.563  1.00 20.59 ? 31  CYS A SG   1 
ATOM   406 H H    . CYS A 1 31 ? 7.400   3.489   -2.924  1.00 22.42 ? 31  CYS A H    1 
ATOM   407 H HA   . CYS A 1 31 ? 5.385   4.219   -1.458  1.00 21.18 ? 31  CYS A HA   1 
ATOM   408 H HB2  . CYS A 1 31 ? 5.321   2.518   -3.156  1.00 22.56 ? 31  CYS A HB2  1 
ATOM   409 H HB3  . CYS A 1 31 ? 5.983   1.534   -2.097  1.00 22.56 ? 31  CYS A HB3  1 
ATOM   410 N N    . ASN A 1 32 ? 7.490   2.344   0.086   1.00 20.13 ? 32  ASN A N    1 
ATOM   411 C CA   . ASN A 1 32 ? 7.998   1.996   1.413   1.00 21.56 ? 32  ASN A CA   1 
ATOM   412 C C    . ASN A 1 32 ? 8.307   3.247   2.222   1.00 20.21 ? 32  ASN A C    1 
ATOM   413 O O    . ASN A 1 32 ? 8.026   3.317   3.428   1.00 22.64 ? 32  ASN A O    1 
ATOM   414 C CB   . ASN A 1 32 ? 9.278   1.153   1.303   1.00 23.90 ? 32  ASN A CB   1 
ATOM   415 C CG   . ASN A 1 32 ? 9.041   -0.272  0.776   1.00 28.55 ? 32  ASN A CG   1 
ATOM   416 O OD1  . ASN A 1 32 ? 7.915   -0.705  0.522   1.00 27.62 ? 32  ASN A OD1  1 
ATOM   417 N ND2  . ASN A 1 32 ? 10.134  -1.003  0.611   1.00 30.53 ? 32  ASN A ND2  1 
ATOM   418 H H    . ASN A 1 32 ? 7.927   1.984   -0.562  1.00 24.16 ? 32  ASN A H    1 
ATOM   419 H HA   . ASN A 1 32 ? 7.319   1.473   1.864   1.00 25.88 ? 32  ASN A HA   1 
ATOM   420 H HB2  . ASN A 1 32 ? 9.892   1.595   0.696   1.00 28.69 ? 32  ASN A HB2  1 
ATOM   421 H HB3  . ASN A 1 32 ? 9.679   1.079   2.183   1.00 28.69 ? 32  ASN A HB3  1 
ATOM   422 H HD21 . ASN A 1 32 ? 10.072  -1.809  0.319   1.00 36.64 ? 32  ASN A HD21 1 
ATOM   423 H HD22 . ASN A 1 32 ? 10.905  -0.671  0.796   1.00 36.64 ? 32  ASN A HD22 1 
ATOM   424 N N    . ASN A 1 33 ? 8.919   4.240   1.576   1.00 22.53 ? 33  ASN A N    1 
ATOM   425 C CA   . ASN A 1 33 ? 9.372   5.417   2.299   1.00 25.08 ? 33  ASN A CA   1 
ATOM   426 C C    . ASN A 1 33 ? 8.230   6.312   2.742   1.00 23.26 ? 33  ASN A C    1 
ATOM   427 O O    . ASN A 1 33 ? 8.446   7.169   3.607   1.00 24.29 ? 33  ASN A O    1 
ATOM   428 C CB   . ASN A 1 33 ? 10.349  6.205   1.441   1.00 31.25 ? 33  ASN A CB   1 
ATOM   429 C CG   . ASN A 1 33 ? 11.766  5.649   1.531   1.00 40.59 ? 33  ASN A CG   1 
ATOM   430 O OD1  . ASN A 1 33 ? 11.979  4.477   1.903   1.00 43.51 ? 33  ASN A OD1  1 
ATOM   431 N ND2  . ASN A 1 33 ? 12.749  6.485   1.193   1.00 45.70 ? 33  ASN A ND2  1 
ATOM   432 H H    . ASN A 1 33 ? 9.080   4.253   0.732   1.00 27.04 ? 33  ASN A H    1 
ATOM   433 H HA   . ASN A 1 33 ? 9.837   5.127   3.099   1.00 30.10 ? 33  ASN A HA   1 
ATOM   434 H HB2  . ASN A 1 33 ? 10.066  6.163   0.515   1.00 37.50 ? 33  ASN A HB2  1 
ATOM   435 H HB3  . ASN A 1 33 ? 10.366  7.126   1.743   1.00 37.50 ? 33  ASN A HB3  1 
ATOM   436 H HD21 . ASN A 1 33 ? 13.568  6.222   1.226   1.00 54.84 ? 33  ASN A HD21 1 
ATOM   437 H HD22 . ASN A 1 33 ? 12.565  7.286   0.944   1.00 54.84 ? 33  ASN A HD22 1 
ATOM   438 N N    . ARG A 1 34 ? 7.033   6.127   2.186   1.00 23.67 ? 34  ARG A N    1 
ATOM   439 C CA   . ARG A 1 34 ? 5.815   6.787   2.639   1.00 22.20 ? 34  ARG A CA   1 
ATOM   440 C C    . ARG A 1 34 ? 5.093   6.030   3.741   1.00 20.84 ? 34  ARG A C    1 
ATOM   441 O O    . ARG A 1 34 ? 4.017   6.468   4.174   1.00 22.18 ? 34  ARG A O    1 
ATOM   442 C CB   . ARG A 1 34 ? 4.863   6.961   1.462   1.00 23.13 ? 34  ARG A CB   1 
ATOM   443 C CG   . ARG A 1 34 ? 5.471   7.818   0.420   1.00 23.97 ? 34  ARG A CG   1 
ATOM   444 C CD   . ARG A 1 34 ? 4.567   8.037   -0.755  1.00 23.23 ? 34  ARG A CD   1 
ATOM   445 N NE   . ARG A 1 34 ? 5.132   9.092   -1.581  1.00 23.21 ? 34  ARG A NE   1 
ATOM   446 C CZ   . ARG A 1 34 ? 4.431   9.872   -2.377  1.00 23.31 ? 34  ARG A CZ   1 
ATOM   447 N NH1  . ARG A 1 34 ? 3.127   9.706   -2.500  1.00 25.58 ? 34  ARG A NH1  1 
ATOM   448 N NH2  . ARG A 1 34 ? 5.051   10.823  -3.047  1.00 25.59 ? 34  ARG A NH2  1 
ATOM   449 H H    . ARG A 1 34 ? 6.896   5.602   1.518   1.00 28.40 ? 34  ARG A H    1 
ATOM   450 H HA   . ARG A 1 34 ? 6.055   7.660   2.988   1.00 26.65 ? 34  ARG A HA   1 
ATOM   451 H HB2  . ARG A 1 34 ? 4.668   6.095   1.073   1.00 27.76 ? 34  ARG A HB2  1 
ATOM   452 H HB3  . ARG A 1 34 ? 4.044   7.380   1.767   1.00 27.76 ? 34  ARG A HB3  1 
ATOM   453 H HG2  . ARG A 1 34 ? 5.678   8.684   0.804   1.00 28.76 ? 34  ARG A HG2  1 
ATOM   454 H HG3  . ARG A 1 34 ? 6.283   7.396   0.098   1.00 28.76 ? 34  ARG A HG3  1 
ATOM   455 H HD2  . ARG A 1 34 ? 4.499   7.223   -1.279  1.00 27.88 ? 34  ARG A HD2  1 
ATOM   456 H HD3  . ARG A 1 34 ? 3.687   8.309   -0.451  1.00 27.88 ? 34  ARG A HD3  1 
ATOM   457 H HE   . ARG A 1 34 ? 5.983   9.214   -1.548  1.00 27.85 ? 34  ARG A HE   1 
ATOM   458 H HH11 . ARG A 1 34 ? 2.730   9.084   -2.060  1.00 30.70 ? 34  ARG A HH11 1 
ATOM   459 H HH12 . ARG A 1 34 ? 2.676   10.220  -3.022  1.00 30.70 ? 34  ARG A HH12 1 
ATOM   460 H HH21 . ARG A 1 34 ? 5.900   10.926  -2.960  1.00 30.71 ? 34  ARG A HH21 1 
ATOM   461 H HH22 . ARG A 1 34 ? 4.607   11.341  -3.570  1.00 30.71 ? 34  ARG A HH22 1 
ATOM   462 N N    . GLY A 1 35 ? 5.635   4.899   4.172   1.00 19.79 ? 35  GLY A N    1 
ATOM   463 C CA   . GLY A 1 35 ? 4.962   4.085   5.151   1.00 20.08 ? 35  GLY A CA   1 
ATOM   464 C C    . GLY A 1 35 ? 3.789   3.360   4.561   1.00 18.41 ? 35  GLY A C    1 
ATOM   465 O O    . GLY A 1 35 ? 2.793   3.137   5.253   1.00 20.23 ? 35  GLY A O    1 
ATOM   466 H H    . GLY A 1 35 ? 6.392   4.587   3.910   1.00 23.75 ? 35  GLY A H    1 
ATOM   467 H HA2  . GLY A 1 35 ? 5.582   3.430   5.508   1.00 24.10 ? 35  GLY A HA2  1 
ATOM   468 H HA3  . GLY A 1 35 ? 4.646   4.646   5.876   1.00 24.10 ? 35  GLY A HA3  1 
ATOM   469 N N    . CYS A 1 36 ? 3.877   2.986   3.291   1.00 18.43 ? 36  CYS A N    1 
ATOM   470 C CA   . CYS A 1 36 ? 2.752   2.402   2.588   1.00 18.85 ? 36  CYS A CA   1 
ATOM   471 C C    . CYS A 1 36 ? 3.084   0.996   2.100   1.00 20.02 ? 36  CYS A C    1 
ATOM   472 O O    . CYS A 1 36 ? 4.228   0.548   2.148   1.00 20.17 ? 36  CYS A O    1 
ATOM   473 C CB   . CYS A 1 36 ? 2.326   3.318   1.439   1.00 19.07 ? 36  CYS A CB   1 
ATOM   474 S SG   . CYS A 1 36 ? 1.441   4.702   2.153   1.00 22.12 ? 36  CYS A SG   1 
ATOM   475 H H    . CYS A 1 36 ? 4.588   3.063   2.813   1.00 22.12 ? 36  CYS A H    1 
ATOM   476 H HA   . CYS A 1 36 ? 2.002   2.302   3.193   1.00 22.63 ? 36  CYS A HA   1 
ATOM   477 H HB2  . CYS A 1 36 ? 3.106   3.646   0.964   1.00 22.89 ? 36  CYS A HB2  1 
ATOM   478 H HB3  . CYS A 1 36 ? 1.742   2.843   0.829   1.00 22.89 ? 36  CYS A HB3  1 
ATOM   479 N N    . CYS A 1 37 ? 2.035   0.304   1.643   1.00 19.51 ? 37  CYS A N    1 
ATOM   480 C CA   . CYS A 1 37 ? 2.079   -1.074  1.164   1.00 20.14 ? 37  CYS A CA   1 
ATOM   481 C C    . CYS A 1 37 ? 2.181   -1.102  -0.352  1.00 18.56 ? 37  CYS A C    1 
ATOM   482 O O    . CYS A 1 37 ? 1.454   -0.377  -1.037  1.00 19.71 ? 37  CYS A O    1 
ATOM   483 C CB   . CYS A 1 37 ? 0.806   -1.821  1.572   1.00 22.31 ? 37  CYS A CB   1 
ATOM   484 S SG   . CYS A 1 37 ? 0.445   -1.818  3.329   1.00 22.94 ? 37  CYS A SG   1 
ATOM   485 H H    . CYS A 1 37 ? 1.242   0.635   1.600   1.00 23.41 ? 37  CYS A H    1 
ATOM   486 H HA   . CYS A 1 37 ? 2.854   -1.515  1.543   1.00 24.17 ? 37  CYS A HA   1 
ATOM   487 H HB2  . CYS A 1 37 ? 0.052   -1.410  1.120   1.00 26.78 ? 37  CYS A HB2  1 
ATOM   488 H HB3  . CYS A 1 37 ? 0.893   -2.747  1.296   1.00 26.78 ? 37  CYS A HB3  1 
ATOM   489 N N    . PHE A 1 38 ? 3.028   -1.987  -0.874  1.00 19.81 ? 38  PHE A N    1 
ATOM   490 C CA   . PHE A 1 38 ? 3.168   -2.160  -2.309  1.00 18.96 ? 38  PHE A CA   1 
ATOM   491 C C    . PHE A 1 38 ? 2.698   -3.551  -2.706  1.00 19.73 ? 38  PHE A C    1 
ATOM   492 O O    . PHE A 1 38 ? 3.029   -4.545  -2.052  1.00 21.57 ? 38  PHE A O    1 
ATOM   493 C CB   . PHE A 1 38 ? 4.603   -1.921  -2.776  1.00 19.30 ? 38  PHE A CB   1 
ATOM   494 C CG   . PHE A 1 38 ? 4.713   -1.793  -4.253  1.00 19.46 ? 38  PHE A CG   1 
ATOM   495 C CD1  . PHE A 1 38 ? 4.604   -0.569  -4.866  1.00 19.10 ? 38  PHE A CD1  1 
ATOM   496 C CD2  . PHE A 1 38 ? 4.866   -2.913  -5.044  1.00 20.39 ? 38  PHE A CD2  1 
ATOM   497 C CE1  . PHE A 1 38 ? 4.676   -0.462  -6.249  1.00 20.83 ? 38  PHE A CE1  1 
ATOM   498 C CE2  . PHE A 1 38 ? 4.929   -2.811  -6.443  1.00 21.03 ? 38  PHE A CE2  1 
ATOM   499 C CZ   . PHE A 1 38 ? 4.851   -1.586  -7.036  1.00 21.43 ? 38  PHE A CZ   1 
ATOM   500 H H    . PHE A 1 38 ? 3.537   -2.501  -0.409  1.00 23.77 ? 38  PHE A H    1 
ATOM   501 H HA   . PHE A 1 38 ? 2.605   -1.511  -2.758  1.00 22.75 ? 38  PHE A HA   1 
ATOM   502 H HB2  . PHE A 1 38 ? 4.932   -1.101  -2.378  1.00 23.17 ? 38  PHE A HB2  1 
ATOM   503 H HB3  . PHE A 1 38 ? 5.155   -2.670  -2.497  1.00 23.17 ? 38  PHE A HB3  1 
ATOM   504 H HD1  . PHE A 1 38 ? 4.481   0.194   -4.350  1.00 22.92 ? 38  PHE A HD1  1 
ATOM   505 H HD2  . PHE A 1 38 ? 4.927   -3.750  -4.644  1.00 24.47 ? 38  PHE A HD2  1 
ATOM   506 H HE1  . PHE A 1 38 ? 4.605   0.374   -6.651  1.00 25.00 ? 38  PHE A HE1  1 
ATOM   507 H HE2  . PHE A 1 38 ? 5.024   -3.575  -6.964  1.00 25.24 ? 38  PHE A HE2  1 
ATOM   508 H HZ   . PHE A 1 38 ? 4.914   -1.508  -7.960  1.00 25.72 ? 38  PHE A HZ   1 
ATOM   509 N N    . ASP A 1 39 ? 1.902   -3.610  -3.763  1.00 20.24 ? 39  ASP A N    1 
ATOM   510 C CA   . ASP A 1 39 ? 1.446   -4.883  -4.320  1.00 20.00 ? 39  ASP A CA   1 
ATOM   511 C C    . ASP A 1 39 ? 1.114   -4.663  -5.784  1.00 19.45 ? 39  ASP A C    1 
ATOM   512 O O    . ASP A 1 39 ? 0.213   -3.880  -6.103  1.00 21.41 ? 39  ASP A O    1 
ATOM   513 C CB   . ASP A 1 39 ? 0.227   -5.404  -3.557  1.00 21.82 ? 39  ASP A CB   1 
ATOM   514 C CG   . ASP A 1 39 ? -0.261  -6.775  -4.043  1.00 23.42 ? 39  ASP A CG   1 
ATOM   515 O OD1  . ASP A 1 39 ? 0.502   -7.521  -4.686  1.00 24.64 ? 39  ASP A OD1  1 
ATOM   516 O OD2  . ASP A 1 39 ? -1.441  -7.100  -3.760  1.00 25.83 ? 39  ASP A OD2  1 
ATOM   517 H H    . ASP A 1 39 ? 1.607   -2.922  -4.184  1.00 24.29 ? 39  ASP A H    1 
ATOM   518 H HA   . ASP A 1 39 ? 2.153   -5.544  -4.256  1.00 24.01 ? 39  ASP A HA   1 
ATOM   519 H HB2  . ASP A 1 39 ? 0.457   -5.487  -2.618  1.00 26.19 ? 39  ASP A HB2  1 
ATOM   520 H HB3  . ASP A 1 39 ? -0.502  -4.774  -3.664  1.00 26.19 ? 39  ASP A HB3  1 
ATOM   521 N N    . SER A 1 40 ? 1.853   -5.320  -6.669  1.00 19.57 ? 40  SER A N    1 
ATOM   522 C CA   . SER A 1 40 ? 1.607   -5.244  -8.101  1.00 19.43 ? 40  SER A CA   1 
ATOM   523 C C    . SER A 1 40 ? 0.896   -6.472  -8.654  1.00 19.71 ? 40  SER A C    1 
ATOM   524 O O    . SER A 1 40 ? 0.770   -6.600  -9.875  1.00 21.65 ? 40  SER A O    1 
ATOM   525 C CB   . SER A 1 40 ? 2.930   -5.046  -8.827  1.00 21.22 ? 40  SER A CB   1 
ATOM   526 O OG   . SER A 1 40 ? 3.804   -6.135  -8.572  1.00 23.91 ? 40  SER A OG   1 
ATOM   527 H H    . SER A 1 40 ? 2.516   -5.826  -6.460  1.00 23.49 ? 40  SER A H    1 
ATOM   528 H HA   . SER A 1 40 ? 1.035   -4.479  -8.275  1.00 23.32 ? 40  SER A HA   1 
ATOM   529 H HB2  . SER A 1 40 ? 2.763   -4.990  -9.781  1.00 25.47 ? 40  SER A HB2  1 
ATOM   530 H HB3  . SER A 1 40 ? 3.344   -4.226  -8.514  1.00 25.47 ? 40  SER A HB3  1 
ATOM   531 H HG   . SER A 1 40 ? 4.508   -6.050  -9.021  1.00 28.69 ? 40  SER A HG   1 
ATOM   532 N N    . ARG A 1 41 ? 0.442   -7.376  -7.793  1.00 20.39 ? 41  ARG A N    1 
ATOM   533 C CA   . ARG A 1 41 ? -0.125  -8.634  -8.266  1.00 21.15 ? 41  ARG A CA   1 
ATOM   534 C C    . ARG A 1 41 ? -1.449  -8.420  -8.970  1.00 21.85 ? 41  ARG A C    1 
ATOM   535 O O    . ARG A 1 41 ? -1.778  -9.146  -9.919  1.00 23.22 ? 41  ARG A O    1 
ATOM   536 C CB   . ARG A 1 41 ? -0.319  -9.594  -7.092  1.00 23.08 ? 41  ARG A CB   1 
ATOM   537 C CG   . ARG A 1 41 ? -0.804  -10.975 -7.513  1.00 25.50 ? 41  ARG A CG   1 
ATOM   538 C CD   . ARG A 1 41 ? -0.904  -11.931 -6.340  1.00 28.27 ? 41  ARG A CD   1 
ATOM   539 N NE   . ARG A 1 41 ? -1.847  -11.410 -5.379  1.00 30.09 ? 41  ARG A NE   1 
ATOM   540 C CZ   . ARG A 1 41 ? -3.166  -11.490 -5.507  1.00 31.64 ? 41  ARG A CZ   1 
ATOM   541 N NH1  . ARG A 1 41 ? -3.709  -12.111 -6.556  1.00 32.14 ? 41  ARG A NH1  1 
ATOM   542 N NH2  . ARG A 1 41 ? -3.946  -10.953 -4.568  1.00 33.39 ? 41  ARG A NH2  1 
ATOM   543 H H    . ARG A 1 41 ? 0.449   -7.287  -6.937  1.00 24.48 ? 41  ARG A H    1 
ATOM   544 H HA   . ARG A 1 41 ? 0.498   -9.030  -8.895  1.00 25.38 ? 41  ARG A HA   1 
ATOM   545 H HB2  . ARG A 1 41 ? 0.529   -9.704  -6.634  1.00 27.70 ? 41  ARG A HB2  1 
ATOM   546 H HB3  . ARG A 1 41 ? -0.978  -9.219  -6.487  1.00 27.70 ? 41  ARG A HB3  1 
ATOM   547 H HG2  . ARG A 1 41 ? -1.684  -10.895 -7.913  1.00 30.60 ? 41  ARG A HG2  1 
ATOM   548 H HG3  . ARG A 1 41 ? -0.180  -11.349 -8.155  1.00 30.60 ? 41  ARG A HG3  1 
ATOM   549 H HD2  . ARG A 1 41 ? -1.214  -12.798 -6.646  1.00 33.93 ? 41  ARG A HD2  1 
ATOM   550 H HD3  . ARG A 1 41 ? -0.037  -12.021 -5.913  1.00 33.93 ? 41  ARG A HD3  1 
ATOM   551 H HE   . ARG A 1 41 ? -1.534  -11.023 -4.677  1.00 36.11 ? 41  ARG A HE   1 
ATOM   552 H HH11 . ARG A 1 41 ? -3.203  -12.465 -7.155  1.00 38.57 ? 41  ARG A HH11 1 
ATOM   553 H HH12 . ARG A 1 41 ? -4.564  -12.159 -6.632  1.00 38.57 ? 41  ARG A HH12 1 
ATOM   554 H HH21 . ARG A 1 41 ? -3.594  -10.561 -3.889  1.00 40.08 ? 41  ARG A HH21 1 
ATOM   555 H HH22 . ARG A 1 41 ? -4.801  -10.999 -4.643  1.00 40.08 ? 41  ARG A HH22 1 
ATOM   556 N N    . ILE A 1 42 ? -2.238  -7.461  -8.502  1.00 24.64 ? 42  ILE A N    1 
ATOM   557 C CA   . ILE A 1 42 ? -3.570  -7.201  -9.046  1.00 25.56 ? 42  ILE A CA   1 
ATOM   558 C C    . ILE A 1 42 ? -3.484  -5.975  -9.947  1.00 25.12 ? 42  ILE A C    1 
ATOM   559 O O    . ILE A 1 42 ? -3.169  -4.880  -9.457  1.00 25.13 ? 42  ILE A O    1 
ATOM   560 C CB   . ILE A 1 42 ? -4.615  -6.987  -7.943  1.00 27.18 ? 42  ILE A CB   1 
ATOM   561 C CG1  . ILE A 1 42 ? -4.603  -8.148  -6.945  1.00 28.60 ? 42  ILE A CG1  1 
ATOM   562 C CG2  . ILE A 1 42 ? -5.987  -6.861  -8.558  1.00 28.00 ? 42  ILE A CG2  1 
ATOM   563 C CD1  . ILE A 1 42 ? -5.367  -7.854  -5.677  1.00 29.14 ? 42  ILE A CD1  1 
ATOM   564 H H    . ILE A 1 42 ? -2.021  -6.936  -7.857  1.00 29.57 ? 42  ILE A H    1 
ATOM   565 H HA   . ILE A 1 42 ? -3.843  -7.963  -9.579  1.00 30.67 ? 42  ILE A HA   1 
ATOM   566 H HB   . ILE A 1 42 ? -4.391  -6.172  -7.468  1.00 32.62 ? 42  ILE A HB   1 
ATOM   567 H HG12 . ILE A 1 42 ? -5.007  -8.925  -7.364  1.00 34.33 ? 42  ILE A HG12 1 
ATOM   568 H HG13 . ILE A 1 42 ? -3.685  -8.343  -6.701  1.00 34.33 ? 42  ILE A HG13 1 
ATOM   569 H HG21 . ILE A 1 42 ? -6.647  -6.805  -7.850  1.00 33.61 ? 42  ILE A HG21 1 
ATOM   570 H HG22 . ILE A 1 42 ? -6.017  -6.058  -9.102  1.00 33.61 ? 42  ILE A HG22 1 
ATOM   571 H HG23 . ILE A 1 42 ? -6.159  -7.640  -9.109  1.00 33.61 ? 42  ILE A HG23 1 
ATOM   572 H HD11 . ILE A 1 42 ? -5.188  -8.554  -5.030  1.00 34.97 ? 42  ILE A HD11 1 
ATOM   573 H HD12 . ILE A 1 42 ? -5.079  -6.997  -5.326  1.00 34.97 ? 42  ILE A HD12 1 
ATOM   574 H HD13 . ILE A 1 42 ? -6.316  -7.826  -5.879  1.00 34.97 ? 42  ILE A HD13 1 
ATOM   575 N N    . PRO A 1 43 ? -3.762  -6.092  -11.233 1.00 25.17 ? 43  PRO A N    1 
ATOM   576 C CA   . PRO A 1 43 ? -3.733  -4.903  -12.084 1.00 26.12 ? 43  PRO A CA   1 
ATOM   577 C C    . PRO A 1 43 ? -4.985  -4.060  -11.899 1.00 27.20 ? 43  PRO A C    1 
ATOM   578 O O    . PRO A 1 43 ? -6.034  -4.537  -11.463 1.00 28.58 ? 43  PRO A O    1 
ATOM   579 C CB   . PRO A 1 43 ? -3.663  -5.486  -13.490 1.00 28.16 ? 43  PRO A CB   1 
ATOM   580 C CG   . PRO A 1 43 ? -4.341  -6.795  -13.363 1.00 29.88 ? 43  PRO A CG   1 
ATOM   581 C CD   . PRO A 1 43 ? -4.017  -7.319  -12.002 1.00 27.96 ? 43  PRO A CD   1 
ATOM   582 H HA   . PRO A 1 43 ? -2.946  -4.363  -11.916 1.00 31.34 ? 43  PRO A HA   1 
ATOM   583 H HB2  . PRO A 1 43 ? -4.127  -4.909  -14.115 1.00 33.80 ? 43  PRO A HB2  1 
ATOM   584 H HB3  . PRO A 1 43 ? -2.738  -5.595  -13.761 1.00 33.80 ? 43  PRO A HB3  1 
ATOM   585 H HG2  . PRO A 1 43 ? -5.298  -6.673  -13.462 1.00 35.86 ? 43  PRO A HG2  1 
ATOM   586 H HG3  . PRO A 1 43 ? -4.010  -7.397  -14.047 1.00 35.86 ? 43  PRO A HG3  1 
ATOM   587 H HD2  . PRO A 1 43 ? -4.767  -7.810  -11.631 1.00 33.55 ? 43  PRO A HD2  1 
ATOM   588 H HD3  . PRO A 1 43 ? -3.229  -7.885  -12.025 1.00 33.55 ? 43  PRO A HD3  1 
ATOM   589 N N    . GLY A 1 44 ? -4.842  -2.769  -12.201 1.00 27.63 ? 44  GLY A N    1 
ATOM   590 C CA   . GLY A 1 44 ? -5.992  -1.891  -12.299 1.00 26.94 ? 44  GLY A CA   1 
ATOM   591 C C    . GLY A 1 44 ? -6.521  -1.375  -10.992 1.00 28.61 ? 44  GLY A C    1 
ATOM   592 O O    . GLY A 1 44 ? -7.654  -0.880  -10.948 1.00 30.40 ? 44  GLY A O    1 
ATOM   593 H H    . GLY A 1 44 ? -4.087  -2.384  -12.353 1.00 33.16 ? 44  GLY A H    1 
ATOM   594 H HA2  . GLY A 1 44 ? -5.749  -1.124  -12.841 1.00 32.33 ? 44  GLY A HA2  1 
ATOM   595 H HA3  . GLY A 1 44 ? -6.710  -2.372  -12.738 1.00 32.33 ? 44  GLY A HA3  1 
ATOM   596 N N    . VAL A 1 45 ? -5.728  -1.478  -9.933  1.00 26.43 ? 45  VAL A N    1 
ATOM   597 C CA   . VAL A 1 45 ? -6.053  -0.998  -8.589  1.00 25.95 ? 45  VAL A CA   1 
ATOM   598 C C    . VAL A 1 45 ? -4.778  -0.380  -8.028  1.00 22.95 ? 45  VAL A C    1 
ATOM   599 O O    . VAL A 1 45 ? -3.688  -0.627  -8.572  1.00 24.34 ? 45  VAL A O    1 
ATOM   600 C CB   . VAL A 1 45 ? -6.566  -2.132  -7.677  1.00 26.14 ? 45  VAL A CB   1 
ATOM   601 C CG1  . VAL A 1 45 ? -7.729  -2.835  -8.333  1.00 28.55 ? 45  VAL A CG1  1 
ATOM   602 C CG2  . VAL A 1 45 ? -5.443  -3.135  -7.337  1.00 25.33 ? 45  VAL A CG2  1 
ATOM   603 H H    . VAL A 1 45 ? -4.950  -1.842  -9.965  1.00 31.72 ? 45  VAL A H    1 
ATOM   604 H HA   . VAL A 1 45 ? -6.757  -0.334  -8.637  1.00 31.14 ? 45  VAL A HA   1 
ATOM   605 H HB   . VAL A 1 45 ? -6.866  -1.744  -6.840  1.00 31.37 ? 45  VAL A HB   1 
ATOM   606 H HG11 . VAL A 1 45 ? -8.121  -3.454  -7.699  1.00 34.27 ? 45  VAL A HG11 1 
ATOM   607 H HG12 . VAL A 1 45 ? -8.386  -2.174  -8.601  1.00 34.27 ? 45  VAL A HG12 1 
ATOM   608 H HG13 . VAL A 1 45 ? -7.408  -3.316  -9.111  1.00 34.27 ? 45  VAL A HG13 1 
ATOM   609 H HG21 . VAL A 1 45 ? -5.836  -3.922  -6.928  1.00 30.40 ? 45  VAL A HG21 1 
ATOM   610 H HG22 . VAL A 1 45 ? -4.983  -3.381  -8.155  1.00 30.40 ? 45  VAL A HG22 1 
ATOM   611 H HG23 . VAL A 1 45 ? -4.822  -2.717  -6.720  1.00 30.40 ? 45  VAL A HG23 1 
ATOM   612 N N    . PRO A 1 46 ? -4.857  0.399   -6.948  1.00 23.31 ? 46  PRO A N    1 
ATOM   613 C CA   . PRO A 1 46 ? -3.648  1.018   -6.394  1.00 22.31 ? 46  PRO A CA   1 
ATOM   614 C C    . PRO A 1 46 ? -2.610  -0.039  -6.062  1.00 22.49 ? 46  PRO A C    1 
ATOM   615 O O    . PRO A 1 46 ? -2.886  -1.017  -5.359  1.00 22.78 ? 46  PRO A O    1 
ATOM   616 C CB   . PRO A 1 46 ? -4.157  1.742   -5.132  1.00 22.91 ? 46  PRO A CB   1 
ATOM   617 C CG   . PRO A 1 46 ? -5.552  2.036   -5.437  1.00 23.60 ? 46  PRO A CG   1 
ATOM   618 C CD   . PRO A 1 46 ? -6.047  0.810   -6.188  1.00 23.81 ? 46  PRO A CD   1 
ATOM   619 H HA   . PRO A 1 46 ? -3.274  1.668   -7.010  1.00 26.77 ? 46  PRO A HA   1 
ATOM   620 H HB2  . PRO A 1 46 ? -4.081  1.160   -4.360  1.00 27.49 ? 46  PRO A HB2  1 
ATOM   621 H HB3  . PRO A 1 46 ? -3.649  2.555   -4.985  1.00 27.49 ? 46  PRO A HB3  1 
ATOM   622 H HG2  . PRO A 1 46 ? -6.051  2.166   -4.615  1.00 28.32 ? 46  PRO A HG2  1 
ATOM   623 H HG3  . PRO A 1 46 ? -5.610  2.831   -5.989  1.00 28.32 ? 46  PRO A HG3  1 
ATOM   624 H HD2  . PRO A 1 46 ? -6.325  0.113   -5.573  1.00 28.58 ? 46  PRO A HD2  1 
ATOM   625 H HD3  . PRO A 1 46 ? -6.777  1.038   -6.784  1.00 28.58 ? 46  PRO A HD3  1 
ATOM   626 N N    . TRP A 1 47 ? -1.411  0.166   -6.576  1.00 19.57 ? 47  TRP A N    1 
ATOM   627 C CA   . TRP A 1 47 ? -0.294  -0.690  -6.237  1.00 18.46 ? 47  TRP A CA   1 
ATOM   628 C C    . TRP A 1 47 ? 0.440   -0.211  -5.000  1.00 18.39 ? 47  TRP A C    1 
ATOM   629 O O    . TRP A 1 47 ? 1.214   -0.974  -4.424  1.00 19.75 ? 47  TRP A O    1 
ATOM   630 C CB   . TRP A 1 47 ? 0.664   -0.771  -7.415  1.00 18.12 ? 47  TRP A CB   1 
ATOM   631 C CG   . TRP A 1 47 ? 0.220   -1.670  -8.506  1.00 19.25 ? 47  TRP A CG   1 
ATOM   632 C CD1  . TRP A 1 47 ? -0.968  -2.353  -8.609  1.00 20.72 ? 47  TRP A CD1  1 
ATOM   633 C CD2  . TRP A 1 47 ? 0.992   -2.034  -9.645  1.00 19.47 ? 47  TRP A CD2  1 
ATOM   634 N NE1  . TRP A 1 47 ? -0.978  -3.106  -9.754  1.00 21.60 ? 47  TRP A NE1  1 
ATOM   635 C CE2  . TRP A 1 47 ? 0.210   -2.926  -10.411 1.00 21.62 ? 47  TRP A CE2  1 
ATOM   636 C CE3  . TRP A 1 47 ? 2.266   -1.681  -10.107 1.00 20.45 ? 47  TRP A CE3  1 
ATOM   637 C CZ2  . TRP A 1 47 ? 0.671   -3.482  -11.599 1.00 22.48 ? 47  TRP A CZ2  1 
ATOM   638 C CZ3  . TRP A 1 47 ? 2.707   -2.220  -11.300 1.00 20.13 ? 47  TRP A CZ3  1 
ATOM   639 C CH2  . TRP A 1 47 ? 1.926   -3.113  -12.026 1.00 21.44 ? 47  TRP A CH2  1 
ATOM   640 H H    . TRP A 1 47 ? -1.218  0.797   -7.128  1.00 23.48 ? 47  TRP A H    1 
ATOM   641 H HA   . TRP A 1 47 ? -0.611  -1.590  -6.058  1.00 22.16 ? 47  TRP A HA   1 
ATOM   642 H HB2  . TRP A 1 47 ? 0.767   0.117   -7.791  1.00 21.75 ? 47  TRP A HB2  1 
ATOM   643 H HB3  . TRP A 1 47 ? 1.520   -1.098  -7.097  1.00 21.75 ? 47  TRP A HB3  1 
ATOM   644 H HD1  . TRP A 1 47 ? -1.663  -2.311  -7.993  1.00 24.87 ? 47  TRP A HD1  1 
ATOM   645 H HE1  . TRP A 1 47 ? -1.625  -3.608  -10.017 1.00 25.92 ? 47  TRP A HE1  1 
ATOM   646 H HE3  . TRP A 1 47 ? 2.802   -1.097  -9.622  1.00 24.54 ? 47  TRP A HE3  1 
ATOM   647 H HZ2  . TRP A 1 47 ? 0.152   -4.081  -12.086 1.00 26.98 ? 47  TRP A HZ2  1 
ATOM   648 H HZ3  . TRP A 1 47 ? 3.545   -1.981  -11.624 1.00 24.16 ? 47  TRP A HZ3  1 
ATOM   649 H HH2  . TRP A 1 47 ? 2.259   -3.468  -12.819 1.00 25.73 ? 47  TRP A HH2  1 
ATOM   650 N N    . CYS A 1 48 ? 0.230   1.037   -4.596  1.00 19.19 ? 48  CYS A N    1 
ATOM   651 C CA   . CYS A 1 48 ? 0.842   1.599   -3.403  1.00 18.72 ? 48  CYS A CA   1 
ATOM   652 C C    . CYS A 1 48 ? -0.291  2.176   -2.574  1.00 18.82 ? 48  CYS A C    1 
ATOM   653 O O    . CYS A 1 48 ? -0.941  3.133   -3.009  1.00 20.92 ? 48  CYS A O    1 
ATOM   654 C CB   . CYS A 1 48 ? 1.850   2.674   -3.766  1.00 19.72 ? 48  CYS A CB   1 
ATOM   655 S SG   . CYS A 1 48 ? 2.597   3.453   -2.328  1.00 21.25 ? 48  CYS A SG   1 
ATOM   656 H H    . CYS A 1 48 ? -0.281  1.592   -5.009  1.00 23.03 ? 48  CYS A H    1 
ATOM   657 H HA   . CYS A 1 48 ? 1.305   0.915   -2.895  1.00 22.47 ? 48  CYS A HA   1 
ATOM   658 H HB2  . CYS A 1 48 ? 2.561   2.273   -4.292  1.00 23.67 ? 48  CYS A HB2  1 
ATOM   659 H HB3  . CYS A 1 48 ? 1.403   3.363   -4.282  1.00 23.67 ? 48  CYS A HB3  1 
ATOM   660 N N    . PHE A 1 49 ? -0.549  1.589   -1.403  1.00 19.12 ? 49  PHE A N    1 
ATOM   661 C CA   . PHE A 1 49 ? -1.768  1.920   -0.684  1.00 19.65 ? 49  PHE A CA   1 
ATOM   662 C C    . PHE A 1 49 ? -1.541  2.026   0.820   1.00 20.63 ? 49  PHE A C    1 
ATOM   663 O O    . PHE A 1 49 ? -0.573  1.486   1.351   1.00 20.47 ? 49  PHE A O    1 
ATOM   664 C CB   . PHE A 1 49 ? -2.879  0.889   -0.997  1.00 18.63 ? 49  PHE A CB   1 
ATOM   665 C CG   . PHE A 1 49 ? -2.477  -0.542  -0.797  1.00 21.19 ? 49  PHE A CG   1 
ATOM   666 C CD1  . PHE A 1 49 ? -1.857  -1.236  -1.806  1.00 21.63 ? 49  PHE A CD1  1 
ATOM   667 C CD2  . PHE A 1 49 ? -2.732  -1.197  0.416   1.00 22.91 ? 49  PHE A CD2  1 
ATOM   668 C CE1  . PHE A 1 49 ? -1.488  -2.548  -1.624  1.00 21.67 ? 49  PHE A CE1  1 
ATOM   669 C CE2  . PHE A 1 49 ? -2.354  -2.516  0.602   1.00 21.62 ? 49  PHE A CE2  1 
ATOM   670 C CZ   . PHE A 1 49 ? -1.737  -3.190  -0.409  1.00 23.18 ? 49  PHE A CZ   1 
ATOM   671 H H    . PHE A 1 49 ? -0.042  1.012   -1.018  1.00 22.95 ? 49  PHE A H    1 
ATOM   672 H HA   . PHE A 1 49 ? -2.071  2.791   -0.985  1.00 23.58 ? 49  PHE A HA   1 
ATOM   673 H HB2  . PHE A 1 49 ? -3.636  1.064   -0.415  1.00 22.36 ? 49  PHE A HB2  1 
ATOM   674 H HB3  . PHE A 1 49 ? -3.144  0.992   -1.924  1.00 22.36 ? 49  PHE A HB3  1 
ATOM   675 H HD1  . PHE A 1 49 ? -1.685  -0.816  -2.619  1.00 25.95 ? 49  PHE A HD1  1 
ATOM   676 H HD2  . PHE A 1 49 ? -3.160  -0.740  1.104   1.00 27.50 ? 49  PHE A HD2  1 
ATOM   677 H HE1  . PHE A 1 49 ? -1.070  -3.012  -2.313  1.00 26.01 ? 49  PHE A HE1  1 
ATOM   678 H HE2  . PHE A 1 49 ? -2.519  -2.940  1.414   1.00 25.95 ? 49  PHE A HE2  1 
ATOM   679 H HZ   . PHE A 1 49 ? -1.482  -4.077  -0.290  1.00 27.82 ? 49  PHE A HZ   1 
HETATM 680 N N    . MLY A 1 50 ? -2.442  2.746   1.489   1.00 22.30 ? 50  MLY A N    1 
HETATM 681 C CA   . MLY A 1 50 ? -2.312  2.997   2.906   1.00 21.76 ? 50  MLY A CA   1 
HETATM 682 C CB   . MLY A 1 50 ? -3.344  4.039   3.341   1.00 24.75 ? 50  MLY A CB   1 
HETATM 683 C CG   . MLY A 1 50 ? -3.054  5.452   2.847   1.00 29.77 ? 50  MLY A CG   1 
HETATM 684 C CD   . MLY A 1 50 ? -1.767  5.978   3.498   1.00 35.28 ? 50  MLY A CD   1 
HETATM 685 C CE   . MLY A 1 50 ? -1.514  7.485   3.318   1.00 38.92 ? 50  MLY A CE   1 
HETATM 686 N NZ   . MLY A 1 50 ? -0.390  8.077   4.183   1.00 40.58 ? 50  MLY A NZ   1 
HETATM 687 C CH1  . MLY A 1 50 ? 0.735   7.140   4.417   1.00 39.97 ? 50  MLY A CH1  1 
HETATM 688 C CH2  . MLY A 1 50 ? -0.914  8.474   5.503   1.00 41.38 ? 50  MLY A CH2  1 
HETATM 689 C C    . MLY A 1 50 ? -2.494  1.713   3.705   1.00 22.26 ? 50  MLY A C    1 
HETATM 690 O O    . MLY A 1 50 ? -3.356  0.907   3.370   1.00 24.06 ? 50  MLY A O    1 
HETATM 691 H H    . MLY A 1 50 ? -3.141  3.100   1.135   1.00 26.76 ? 50  MLY A H    1 
HETATM 692 H HA   . MLY A 1 50 ? -1.417  3.348   3.097   1.00 26.11 ? 50  MLY A HA   1 
HETATM 693 H HB2  . MLY A 1 50 ? -3.373  4.064   4.310   1.00 29.70 ? 50  MLY A HB2  1 
HETATM 694 H HB3  . MLY A 1 50 ? -4.215  3.778   2.999   1.00 29.70 ? 50  MLY A HB3  1 
HETATM 695 H HG2  . MLY A 1 50 ? -3.788  6.041   3.082   1.00 35.73 ? 50  MLY A HG2  1 
HETATM 696 H HG3  . MLY A 1 50 ? -2.940  5.447   1.884   1.00 35.73 ? 50  MLY A HG3  1 
HETATM 697 H HD2  . MLY A 1 50 ? -1.011  5.506   3.115   1.00 42.33 ? 50  MLY A HD2  1 
HETATM 698 H HD3  . MLY A 1 50 ? -1.807  5.800   4.452   1.00 42.33 ? 50  MLY A HD3  1 
HETATM 699 H HE2  . MLY A 1 50 ? -2.330  7.961   3.536   1.00 46.70 ? 50  MLY A HE2  1 
HETATM 700 H HE3  . MLY A 1 50 ? -1.284  7.648   2.389   1.00 46.70 ? 50  MLY A HE3  1 
HETATM 701 H HH11 . MLY A 1 50 ? 1.396   7.548   5.182   1.00 47.97 ? 50  MLY A HH11 1 
HETATM 702 H HH12 . MLY A 1 50 ? 1.294   7.002   3.492   1.00 47.97 ? 50  MLY A HH12 1 
HETATM 703 H HH13 . MLY A 1 50 ? 0.345   6.178   4.752   1.00 47.97 ? 50  MLY A HH13 1 
HETATM 704 H HH21 . MLY A 1 50 ? -0.088  8.777   6.147   1.00 49.66 ? 50  MLY A HH21 1 
HETATM 705 H HH22 . MLY A 1 50 ? -1.436  7.630   5.955   1.00 49.66 ? 50  MLY A HH22 1 
HETATM 706 H HH23 . MLY A 1 50 ? -1.607  9.308   5.383   1.00 49.66 ? 50  MLY A HH23 1 
ATOM   707 N N    . PRO A 1 51 ? -1.680  1.510   4.759   1.00 21.76 ? 51  PRO A N    1 
ATOM   708 C CA   . PRO A 1 51 ? -1.806  0.331   5.624   1.00 22.52 ? 51  PRO A CA   1 
ATOM   709 C C    . PRO A 1 51 ? -2.953  0.432   6.591   1.00 23.75 ? 51  PRO A C    1 
ATOM   710 O O    . PRO A 1 51 ? -3.364  1.526   6.945   1.00 25.04 ? 51  PRO A O    1 
ATOM   711 C CB   . PRO A 1 51 ? -0.488  0.332   6.406   1.00 22.48 ? 51  PRO A CB   1 
ATOM   712 C CG   . PRO A 1 51 ? -0.174  1.782   6.546   1.00 20.40 ? 51  PRO A CG   1 
ATOM   713 C CD   . PRO A 1 51 ? -0.642  2.428   5.258   1.00 20.62 ? 51  PRO A CD   1 
ATOM   714 H HA   . PRO A 1 51 ? -1.890  -0.471  5.085   1.00 27.03 ? 51  PRO A HA   1 
ATOM   715 H HB2  . PRO A 1 51 ? -0.611  -0.088  7.272   1.00 26.98 ? 51  PRO A HB2  1 
ATOM   716 H HB3  . PRO A 1 51 ? 0.201   -0.132  5.907   1.00 26.98 ? 51  PRO A HB3  1 
ATOM   717 H HG2  . PRO A 1 51 ? -0.649  2.149   7.308   1.00 24.49 ? 51  PRO A HG2  1 
ATOM   718 H HG3  . PRO A 1 51 ? 0.782   1.901   6.664   1.00 24.49 ? 51  PRO A HG3  1 
ATOM   719 H HD2  . PRO A 1 51 ? -1.014  3.306   5.430   1.00 24.74 ? 51  PRO A HD2  1 
ATOM   720 H HD3  . PRO A 1 51 ? 0.090   2.497   4.624   1.00 24.74 ? 51  PRO A HD3  1 
ATOM   721 N N    . LEU A 1 52 ? -3.441  -0.720  7.028   1.00 23.92 ? 52  LEU A N    1 
ATOM   722 C CA   . LEU A 1 52 ? -4.268  -0.771  8.221   1.00 24.19 ? 52  LEU A CA   1 
ATOM   723 C C    . LEU A 1 52 ? -3.410  -0.540  9.458   1.00 25.72 ? 52  LEU A C    1 
ATOM   724 O O    . LEU A 1 52 ? -2.313  -1.094  9.586   1.00 27.03 ? 52  LEU A O    1 
ATOM   725 C CB   . LEU A 1 52 ? -4.969  -2.116  8.321   1.00 24.59 ? 52  LEU A CB   1 
ATOM   726 C CG   . LEU A 1 52 ? -5.649  -2.601  7.047   1.00 26.95 ? 52  LEU A CG   1 
ATOM   727 C CD1  . LEU A 1 52 ? -5.980  -4.053  7.187   1.00 27.17 ? 52  LEU A CD1  1 
ATOM   728 C CD2  . LEU A 1 52 ? -6.885  -1.813  6.780   1.00 30.23 ? 52  LEU A CD2  1 
ATOM   729 H H    . LEU A 1 52 ? -3.309  -1.483  6.652   1.00 28.70 ? 52  LEU A H    1 
ATOM   730 H HA   . LEU A 1 52 ? -4.947  -0.080  8.177   1.00 29.03 ? 52  LEU A HA   1 
ATOM   731 H HB2  . LEU A 1 52 ? -4.311  -2.784  8.571   1.00 29.51 ? 52  LEU A HB2  1 
ATOM   732 H HB3  . LEU A 1 52 ? -5.652  -2.053  9.007   1.00 29.51 ? 52  LEU A HB3  1 
ATOM   733 H HG   . LEU A 1 52 ? -5.051  -2.482  6.292   1.00 32.35 ? 52  LEU A HG   1 
ATOM   734 H HD11 . LEU A 1 52 ? -6.448  -4.348  6.390   1.00 32.61 ? 52  LEU A HD11 1 
ATOM   735 H HD12 . LEU A 1 52 ? -5.158  -4.556  7.292   1.00 32.61 ? 52  LEU A HD12 1 
ATOM   736 H HD13 . LEU A 1 52 ? -6.545  -4.174  7.966   1.00 32.61 ? 52  LEU A HD13 1 
ATOM   737 H HD21 . LEU A 1 52 ? -7.308  -2.153  5.976   1.00 36.28 ? 52  LEU A HD21 1 
ATOM   738 H HD22 . LEU A 1 52 ? -7.487  -1.904  7.535   1.00 36.28 ? 52  LEU A HD22 1 
ATOM   739 H HD23 . LEU A 1 52 ? -6.644  -0.881  6.659   1.00 36.28 ? 52  LEU A HD23 1 
ATOM   740 N N    . GLN A 1 53 ? -3.912  0.294   10.366  1.00 25.91 ? 53  GLN A N    1 
ATOM   741 C CA   . GLN A 1 53 ? -3.269  0.506   11.660  1.00 25.92 ? 53  GLN A CA   1 
ATOM   742 C C    . GLN A 1 53 ? -4.284  1.092   12.628  1.00 29.32 ? 53  GLN A C    1 
ATOM   743 O O    . GLN A 1 53 ? -5.406  1.443   12.247  1.00 30.92 ? 53  GLN A O    1 
ATOM   744 C CB   . GLN A 1 53 ? -2.049  1.427   11.543  1.00 27.47 ? 53  GLN A CB   1 
ATOM   745 C CG   . GLN A 1 53 ? -2.349  2.760   10.870  1.00 27.14 ? 53  GLN A CG   1 
ATOM   746 C CD   . GLN A 1 53 ? -1.164  3.714   10.908  1.00 25.64 ? 53  GLN A CD   1 
ATOM   747 O OE1  . GLN A 1 53 ? -0.248  3.550   11.717  1.00 23.89 ? 53  GLN A OE1  1 
ATOM   748 N NE2  . GLN A 1 53 ? -1.180  4.718   10.037  1.00 28.95 ? 53  GLN A NE2  1 
ATOM   749 H H    . GLN A 1 53 ? -4.631  0.752   10.256  1.00 31.10 ? 53  GLN A H    1 
ATOM   750 H HA   . GLN A 1 53 ? -2.977  -0.354  12.002  1.00 31.11 ? 53  GLN A HA   1 
ATOM   751 H HB2  . GLN A 1 53 ? -1.713  1.615   12.434  1.00 32.96 ? 53  GLN A HB2  1 
ATOM   752 H HB3  . GLN A 1 53 ? -1.367  0.979   11.019  1.00 32.96 ? 53  GLN A HB3  1 
ATOM   753 H HG2  . GLN A 1 53 ? -2.579  2.602   9.941   1.00 32.57 ? 53  GLN A HG2  1 
ATOM   754 H HG3  . GLN A 1 53 ? -3.092  3.185   11.327  1.00 32.57 ? 53  GLN A HG3  1 
ATOM   755 H HE21 . GLN A 1 53 ? -1.838  4.803   9.491   1.00 34.74 ? 53  GLN A HE21 1 
ATOM   756 H HE22 . GLN A 1 53 ? -0.532  5.283   10.021  1.00 34.74 ? 53  GLN A HE22 1 
ATOM   757 N N    . GLU A 1 54 ? -3.871  1.223   13.889  1.00 32.24 ? 54  GLU A N    1 
ATOM   758 C CA   . GLU A 1 54 ? -4.746  1.852   14.879  1.00 35.30 ? 54  GLU A CA   1 
ATOM   759 C C    . GLU A 1 54 ? -4.958  3.326   14.530  1.00 35.43 ? 54  GLU A C    1 
ATOM   760 O O    . GLU A 1 54 ? -4.054  3.992   14.024  1.00 34.17 ? 54  GLU A O    1 
ATOM   761 C CB   . GLU A 1 54 ? -4.149  1.723   16.286  1.00 40.37 ? 54  GLU A CB   1 
ATOM   762 C CG   . GLU A 1 54 ? -3.888  0.285   16.736  1.00 45.51 ? 54  GLU A CG   1 
ATOM   763 C CD   . GLU A 1 54 ? -5.166  -0.467  17.123  1.00 51.02 ? 54  GLU A CD   1 
ATOM   764 O OE1  . GLU A 1 54 ? -5.921  0.047   17.975  1.00 52.79 ? 54  GLU A OE1  1 
ATOM   765 O OE2  . GLU A 1 54 ? -5.407  -1.574  16.579  1.00 53.28 ? 54  GLU A OE2  1 
ATOM   766 H H    . GLU A 1 54 ? -3.109  0.964   14.188  1.00 38.69 ? 54  GLU A H    1 
ATOM   767 H HA   . GLU A 1 54 ? -5.608  1.406   14.882  1.00 42.36 ? 54  GLU A HA   1 
ATOM   768 H HB2  . GLU A 1 54 ? -3.301  2.194   16.306  1.00 48.45 ? 54  GLU A HB2  1 
ATOM   769 H HB3  . GLU A 1 54 ? -4.765  2.121   16.922  1.00 48.45 ? 54  GLU A HB3  1 
ATOM   770 H HG2  . GLU A 1 54 ? -3.467  -0.200  16.009  1.00 54.62 ? 54  GLU A HG2  1 
ATOM   771 H HG3  . GLU A 1 54 ? -3.304  0.299   17.509  1.00 54.62 ? 54  GLU A HG3  1 
ATOM   772 N N    . ALA A 1 55 ? -6.163  3.834   14.792  1.00 38.74 ? 55  ALA A N    1 
ATOM   773 C CA   . ALA A 1 55 ? -6.526  5.184   14.373  1.00 41.20 ? 55  ALA A CA   1 
ATOM   774 C C    . ALA A 1 55 ? -5.869  6.234   15.279  1.00 42.23 ? 55  ALA A C    1 
ATOM   775 O O    . ALA A 1 55 ? -5.346  5.923   16.353  1.00 41.18 ? 55  ALA A O    1 
ATOM   776 C CB   . ALA A 1 55 ? -8.045  5.337   14.362  1.00 42.24 ? 55  ALA A CB   1 
ATOM   777 H H    . ALA A 1 55 ? -6.788  3.417   15.212  1.00 46.49 ? 55  ALA A H    1 
ATOM   778 H HA   . ALA A 1 55 ? -6.202  5.339   13.471  1.00 49.44 ? 55  ALA A HA   1 
ATOM   779 H HB1  . ALA A 1 55 ? -8.269  6.235   14.067  1.00 50.69 ? 55  ALA A HB1  1 
ATOM   780 H HB2  . ALA A 1 55 ? -8.424  4.684   13.752  1.00 50.69 ? 55  ALA A HB2  1 
ATOM   781 H HB3  . ALA A 1 55 ? -8.384  5.189   15.258  1.00 50.69 ? 55  ALA A HB3  1 
ATOM   782 N N    . GLU A 1 56 ? -5.899  7.498   14.829  1.00 44.64 ? 56  GLU A N    1 
ATOM   783 C CA   . GLU A 1 56 ? -5.175  8.600   15.497  1.00 46.79 ? 56  GLU A CA   1 
ATOM   784 C C    . GLU A 1 56 ? -6.012  9.457   16.450  1.00 47.98 ? 56  GLU A C    1 
ATOM   785 O O    . GLU A 1 56 ? -6.774  8.942   17.265  1.00 48.52 ? 56  GLU A O    1 
ATOM   786 H H    . GLU A 1 56 ? -6.334  7.749   14.131  1.00 53.57 ? 56  GLU A H    1 
HETATM 787 C C1   . GAL B 2 .  ? 0.494   1.054   -13.963 1.00 27.87 ? 1   GAL B C1   1 
HETATM 788 C C2   . GAL B 2 .  ? 1.009   2.117   -13.011 1.00 28.42 ? 1   GAL B C2   1 
HETATM 789 C C3   . GAL B 2 .  ? 1.137   1.538   -11.613 1.00 25.21 ? 1   GAL B C3   1 
HETATM 790 C C4   . GAL B 2 .  ? -0.204  0.956   -11.191 1.00 24.92 ? 1   GAL B C4   1 
HETATM 791 C C5   . GAL B 2 .  ? -0.696  -0.043  -12.230 1.00 25.84 ? 1   GAL B C5   1 
HETATM 792 C C6   . GAL B 2 .  ? -2.059  -0.626  -11.951 1.00 26.36 ? 1   GAL B C6   1 
HETATM 793 O O1   . GAL B 2 .  ? 0.357   1.624   -15.200 1.00 33.93 ? 1   GAL B O1   1 
HETATM 794 O O2   . GAL B 2 .  ? 2.261   2.623   -13.466 1.00 30.68 ? 1   GAL B O2   1 
HETATM 795 O O3   . GAL B 2 .  ? 1.586   2.550   -10.712 1.00 23.59 ? 1   GAL B O3   1 
HETATM 796 O O4   . GAL B 2 .  ? -1.190  1.991   -11.009 1.00 23.65 ? 1   GAL B O4   1 
HETATM 797 O O5   . GAL B 2 .  ? -0.777  0.598   -13.510 1.00 26.90 ? 1   GAL B O5   1 
HETATM 798 O O6   . GAL B 2 .  ? -2.362  -1.646  -12.896 1.00 29.46 ? 1   GAL B O6   1 
HETATM 799 H H1   . GAL B 2 .  ? 1.174   0.205   -14.019 1.00 33.44 ? 1   GAL B H1   1 
HETATM 800 H H2   . GAL B 2 .  ? 0.376   3.004   -13.008 1.00 34.11 ? 1   GAL B H2   1 
HETATM 801 H H3   . GAL B 2 .  ? 1.882   0.743   -11.608 1.00 30.26 ? 1   GAL B H3   1 
HETATM 802 H H4   . GAL B 2 .  ? -0.053  0.447   -10.240 1.00 29.90 ? 1   GAL B H4   1 
HETATM 803 H H5   . GAL B 2 .  ? 0.020   -0.862  -12.272 1.00 31.01 ? 1   GAL B H5   1 
HETATM 804 H H61  . GAL B 2 .  ? -2.825  0.145   -12.007 1.00 31.64 ? 1   GAL B H61  1 
HETATM 805 H H62  . GAL B 2 .  ? -2.096  -1.053  -10.950 1.00 31.64 ? 1   GAL B H62  1 
HETATM 806 H HO1  . GAL B 2 .  ? 0.663   0.939   -15.850 1.00 40.72 ? 1   GAL B HO1  1 
HETATM 807 H HO2  . GAL B 2 .  ? 2.123   3.511   -13.888 1.00 36.82 ? 1   GAL B HO2  1 
HETATM 808 H HO3  . GAL B 2 .  ? 2.563   2.417   -10.600 1.00 28.31 ? 1   GAL B HO3  1 
HETATM 809 H HO6  . GAL B 2 .  ? -1.695  -2.367  -12.752 1.00 35.36 ? 1   GAL B HO6  1 
HETATM 810 C C1   . NDG B 2 .  ? -2.013  1.857   -9.857  1.00 23.46 ? 2   NDG B C1   1 
HETATM 811 C C2   . NDG B 2 .  ? -3.240  2.771   -9.953  1.00 26.56 ? 2   NDG B C2   1 
HETATM 812 C C3   . NDG B 2 .  ? -2.817  4.237   -9.890  1.00 25.21 ? 2   NDG B C3   1 
HETATM 813 C C4   . NDG B 2 .  ? -2.053  4.450   -8.600  1.00 23.10 ? 2   NDG B C4   1 
HETATM 814 C C5   . NDG B 2 .  ? -0.851  3.514   -8.570  1.00 21.55 ? 2   NDG B C5   1 
HETATM 815 C C6   . NDG B 2 .  ? -0.072  3.597   -7.279  1.00 21.49 ? 2   NDG B C6   1 
HETATM 816 C C7   . NDG B 2 .  ? -5.299  2.141   -11.109 1.00 30.77 ? 2   NDG B C7   1 
HETATM 817 C C8   . NDG B 2 .  ? -5.944  1.847   -12.428 1.00 32.11 ? 2   NDG B C8   1 
HETATM 818 O O5   . NDG B 2 .  ? -1.283  2.149   -8.684  1.00 22.61 ? 2   NDG B O5   1 
HETATM 819 O O3   . NDG B 2 .  ? -3.972  5.077   -9.923  1.00 26.93 ? 2   NDG B O3   1 
HETATM 820 O O4   . NDG B 2 .  ? -1.598  5.792   -8.509  1.00 23.66 ? 2   NDG B O4   1 
HETATM 821 O O6   . NDG B 2 .  ? -0.829  3.140   -6.176  1.00 22.18 ? 2   NDG B O6   1 
HETATM 822 O O7   . NDG B 2 .  ? -5.912  2.055   -10.049 1.00 31.46 ? 2   NDG B O7   1 
HETATM 823 N N2   . NDG B 2 .  ? -4.014  2.503   -11.153 1.00 28.61 ? 2   NDG B N2   1 
HETATM 824 H H1   . NDG B 2 .  ? -2.338  0.818   -9.891  1.00 28.16 ? 2   NDG B H1   1 
HETATM 825 H H2   . NDG B 2 .  ? -3.846  2.590   -9.066  1.00 31.88 ? 2   NDG B H2   1 
HETATM 826 H H3   . NDG B 2 .  ? -2.190  4.507   -10.738 1.00 30.25 ? 2   NDG B H3   1 
HETATM 827 H H4   . NDG B 2 .  ? -2.701  4.236   -7.752  1.00 27.72 ? 2   NDG B H4   1 
HETATM 828 H H5   . NDG B 2 .  ? -0.205  3.745   -9.415  1.00 25.86 ? 2   NDG B H5   1 
HETATM 829 H H61  . NDG B 2 .  ? 0.841   3.008   -7.362  1.00 25.79 ? 2   NDG B H61  1 
HETATM 830 H H62  . NDG B 2 .  ? 0.240   4.625   -7.104  1.00 25.79 ? 2   NDG B H62  1 
HETATM 831 H H81  . NDG B 2 .  ? -6.220  2.749   -12.972 1.00 38.54 ? 2   NDG B H81  1 
HETATM 832 H H82  . NDG B 2 .  ? -6.858  1.265   -12.328 1.00 38.54 ? 2   NDG B H82  1 
HETATM 833 H H83  . NDG B 2 .  ? -5.297  1.280   -13.095 1.00 38.54 ? 2   NDG B H83  1 
HETATM 834 H HO3  . NDG B 2 .  ? -3.691  5.914   -10.379 1.00 32.31 ? 2   NDG B HO3  1 
HETATM 835 H HO4  . NDG B 2 .  ? -2.327  6.336   -8.110  1.00 28.39 ? 2   NDG B HO4  1 
HETATM 836 H HO6  . NDG B 2 .  ? -0.584  3.719   -5.408  1.00 26.62 ? 2   NDG B HO6  1 
HETATM 837 H HN2  . NDG B 2 .  ? -3.555  2.596   -12.053 1.00 34.34 ? 2   NDG B HN2  1 
HETATM 838 O O    . HOH C 3 .  ? 6.240   -1.416  2.041   1.00 34.89 ? 201 HOH A O    1 
HETATM 839 O O    . HOH C 3 .  ? 0.244   -8.708  3.311   1.00 39.48 ? 202 HOH A O    1 
HETATM 840 O O    . HOH C 3 .  ? -5.419  8.745   -1.924  1.00 35.34 ? 203 HOH A O    1 
HETATM 841 O O    . HOH C 3 .  ? -5.187  -7.929  7.590   1.00 46.38 ? 204 HOH A O    1 
HETATM 842 O O    . HOH C 3 .  ? 5.369   -5.156  -0.954  1.00 23.97 ? 205 HOH A O    1 
HETATM 843 O O    . HOH C 3 .  ? -5.461  1.289   1.792   1.00 27.18 ? 206 HOH A O    1 
HETATM 844 O O    . HOH C 3 .  ? -2.066  -5.036  -6.890  1.00 21.32 ? 207 HOH A O    1 
HETATM 845 O O    . HOH C 3 .  ? 3.842   1.610   -9.617  1.00 24.80 ? 208 HOH A O    1 
HETATM 846 O O    . HOH C 3 .  ? -2.985  4.173   7.311   1.00 29.45 ? 209 HOH A O    1 
HETATM 847 O O    . HOH C 3 .  ? -3.381  7.448   17.428  1.00 24.38 ? 210 HOH A O    1 
HETATM 848 O O    . HOH C 3 .  ? -2.518  -9.335  -2.652  1.00 39.48 ? 211 HOH A O    1 
HETATM 849 O O    . HOH C 3 .  ? 1.681   4.827   7.120   1.00 23.34 ? 212 HOH A O    1 
HETATM 850 O O    . HOH C 3 .  ? 9.002   5.440   -12.153 1.00 39.84 ? 213 HOH A O    1 
HETATM 851 O O    . HOH C 3 .  ? 7.417   1.611   5.520   1.00 42.17 ? 214 HOH A O    1 
HETATM 852 O O    . HOH C 3 .  ? -0.763  -6.839  -12.171 1.00 37.48 ? 215 HOH A O    1 
HETATM 853 O O    . HOH C 3 .  ? -9.352  0.956   -4.364  1.00 45.29 ? 216 HOH A O    1 
HETATM 854 O O    . HOH C 3 .  ? -2.470  9.388   -7.031  1.00 36.94 ? 217 HOH A O    1 
HETATM 855 O O    . HOH C 3 .  ? 0.305   -10.203 -3.823  1.00 35.83 ? 218 HOH A O    1 
HETATM 856 O O    . HOH C 3 .  ? -11.628 2.335   1.128   1.00 43.90 ? 219 HOH A O    1 
HETATM 857 O O    . HOH C 3 .  ? -3.028  2.329   -13.829 1.00 37.75 ? 220 HOH A O    1 
HETATM 858 O O    . HOH C 3 .  ? 1.535   6.200   -17.988 1.00 37.96 ? 221 HOH A O    1 
HETATM 859 O O    . HOH C 3 .  ? 4.185   -9.831  9.236   1.00 35.40 ? 222 HOH A O    1 
HETATM 860 O O    . HOH C 3 .  ? -7.566  5.808   -3.740  1.00 39.28 ? 223 HOH A O    1 
HETATM 861 O O    . HOH C 3 .  ? 4.853   -3.400  0.956   1.00 27.06 ? 224 HOH A O    1 
HETATM 862 O O    . HOH C 3 .  ? 12.838  0.139   1.023   1.00 46.12 ? 225 HOH A O    1 
HETATM 863 O O    . HOH C 3 .  ? -2.077  9.335   -3.374  1.00 37.72 ? 226 HOH A O    1 
HETATM 864 O O    . HOH C 3 .  ? -11.516 -6.347  -3.383  1.00 44.48 ? 227 HOH A O    1 
HETATM 865 O O    . HOH C 3 .  ? -3.875  8.065   -9.302  1.00 40.51 ? 228 HOH A O    1 
HETATM 866 O O    . HOH C 3 .  ? 1.221   -9.968  10.115  1.00 38.46 ? 229 HOH A O    1 
HETATM 867 O O    . HOH C 3 .  ? 2.450   -5.242  0.882   1.00 37.23 ? 230 HOH A O    1 
HETATM 868 O O    . HOH C 3 .  ? -8.382  -8.432  -3.246  1.00 41.81 ? 231 HOH A O    1 
HETATM 869 O O    . HOH C 3 .  ? -0.806  5.672   6.966   1.00 33.81 ? 232 HOH A O    1 
HETATM 870 O O    . HOH C 3 .  ? -7.633  1.673   3.439   1.00 51.41 ? 233 HOH A O    1 
HETATM 871 O O    . HOH C 3 .  ? -0.461  -10.374 -1.720  1.00 52.64 ? 234 HOH A O    1 
HETATM 872 O O    . HOH C 3 .  ? -1.519  11.206  -8.188  1.00 40.65 ? 235 HOH A O    1 
HETATM 873 O O    . HOH C 3 .  ? -6.487  8.110   -9.070  1.00 40.05 ? 236 HOH A O    1 
HETATM 874 O O    . HOH C 3 .  ? -8.197  4.280   -6.166  1.00 51.62 ? 237 HOH A O    1 
HETATM 875 O O    . HOH C 3 .  ? 1.632   -9.185  -0.473  0.50 42.56 ? 238 HOH A O    1 
# 
loop_
_atom_site_anisotrop.id 
_atom_site_anisotrop.type_symbol 
_atom_site_anisotrop.pdbx_label_atom_id 
_atom_site_anisotrop.pdbx_label_alt_id 
_atom_site_anisotrop.pdbx_label_comp_id 
_atom_site_anisotrop.pdbx_label_asym_id 
_atom_site_anisotrop.pdbx_label_seq_id 
_atom_site_anisotrop.pdbx_PDB_ins_code 
_atom_site_anisotrop.U[1][1] 
_atom_site_anisotrop.U[2][2] 
_atom_site_anisotrop.U[3][3] 
_atom_site_anisotrop.U[1][2] 
_atom_site_anisotrop.U[1][3] 
_atom_site_anisotrop.U[2][3] 
_atom_site_anisotrop.pdbx_auth_seq_id 
_atom_site_anisotrop.pdbx_auth_comp_id 
_atom_site_anisotrop.pdbx_auth_asym_id 
_atom_site_anisotrop.pdbx_auth_atom_id 
1   N N   . VAL A 4  ? 0.6089 0.5371 0.6157 0.0629  -0.0443 0.0785  4  VAL A N   
2   C CA  . VAL A 4  ? 0.6020 0.5309 0.5884 0.0310  -0.0208 0.0431  4  VAL A CA  
3   C C   . VAL A 4  ? 0.5643 0.5356 0.5654 0.0189  0.0327  0.0180  4  VAL A C   
4   O O   . VAL A 4  ? 0.5529 0.5906 0.5587 0.0284  0.0642  0.0160  4  VAL A O   
5   C CB  . VAL A 4  ? 0.6042 0.5270 0.5347 -0.0007 -0.0478 0.0160  4  VAL A CB  
6   C CG1 . VAL A 4  ? 0.5964 0.5180 0.4897 -0.0329 -0.0578 -0.0032 4  VAL A CG1 
7   C CG2 . VAL A 4  ? 0.6009 0.5459 0.5163 0.0062  -0.0550 0.0094  4  VAL A CG2 
16  N N   . GLY A 5  ? 0.5161 0.4828 0.5339 -0.0046 0.0247  -0.0198 5  GLY A N   
17  C CA  . GLY A 5  ? 0.4239 0.4052 0.4244 -0.0422 0.0150  -0.0298 5  GLY A CA  
18  C C   . GLY A 5  ? 0.3847 0.3501 0.2785 -0.0649 0.0255  -0.0061 5  GLY A C   
19  O O   . GLY A 5  ? 0.3810 0.3800 0.2782 -0.0439 0.0184  -0.0013 5  GLY A O   
23  N N   . LEU A 6  ? 0.3763 0.3497 0.2155 -0.0588 0.0331  -0.0276 6  LEU A N   
24  C CA  . LEU A 6  ? 0.3489 0.3245 0.2180 -0.0633 0.0801  0.0083  6  LEU A CA  
25  C C   . LEU A 6  ? 0.3804 0.3255 0.2355 -0.0246 0.0359  0.0255  6  LEU A C   
26  O O   . LEU A 6  ? 0.4020 0.3235 0.2537 -0.0082 0.0240  0.0281  6  LEU A O   
27  C CB  . LEU A 6  ? 0.3446 0.3121 0.2088 -0.0568 0.0546  0.0108  6  LEU A CB  
28  C CG  . LEU A 6  ? 0.3683 0.3283 0.2056 -0.0259 0.0031  -0.0185 6  LEU A CG  
29  C CD1 . LEU A 6  ? 0.4066 0.3169 0.2246 -0.0307 0.0325  -0.0190 6  LEU A CD1 
30  C CD2 . LEU A 6  ? 0.3826 0.3360 0.2427 -0.0198 -0.0253 -0.0439 6  LEU A CD2 
42  N N   . SER A 7  ? 0.3947 0.3591 0.2658 -0.0070 0.0271  0.0166  7  SER A N   
43  C CA  . SER A 7  ? 0.3672 0.3420 0.3063 -0.0234 0.0531  0.0521  7  SER A CA  
44  C C   . SER A 7  ? 0.3580 0.3062 0.3129 -0.0405 0.0276  0.0725  7  SER A C   
45  O O   . SER A 7  ? 0.3990 0.3255 0.3229 -0.0174 0.0288  0.0871  7  SER A O   
46  C CB  . SER A 7  ? 0.3773 0.3862 0.3715 -0.0042 0.0813  0.0444  7  SER A CB  
47  O OG  . SER A 7  ? 0.4016 0.4176 0.4271 0.0202  0.1021  0.0441  7  SER A OG  
53  N N   . ALA A 8  ? 0.3676 0.3002 0.3381 -0.0501 0.0149  0.0460  8  ALA A N   
54  C CA  . ALA A 8  ? 0.3748 0.2650 0.3690 -0.0776 0.0079  0.0419  8  ALA A CA  
55  C C   . ALA A 8  ? 0.3913 0.3071 0.3490 -0.0656 -0.0046 0.0367  8  ALA A C   
56  O O   . ALA A 8  ? 0.4143 0.3080 0.3610 -0.0628 0.0128  0.0440  8  ALA A O   
57  C CB  . ALA A 8  ? 0.4275 0.2354 0.4182 -0.0684 -0.0006 0.0354  8  ALA A CB  
63  N N   . ASN A 9  ? 0.3963 0.3107 0.3271 -0.0745 -0.0027 0.0395  9  ASN A N   
64  C CA  . ASN A 9  ? 0.4226 0.3022 0.3465 -0.0655 0.0363  0.0625  9  ASN A CA  
65  C C   . ASN A 9  ? 0.3890 0.2960 0.3452 -0.0640 0.0131  0.0337  9  ASN A C   
66  O O   . ASN A 9  ? 0.4143 0.3026 0.3804 -0.0496 0.0268  0.0334  9  ASN A O   
67  C CB  . ASN A 9  ? 0.5186 0.3724 0.4049 -0.0208 0.1092  0.0835  9  ASN A CB  
68  C CG  . ASN A 9  ? 0.6309 0.4690 0.5035 0.0341  0.1634  0.0738  9  ASN A CG  
69  O OD1 . ASN A 9  ? 0.6673 0.4871 0.5699 0.0532  0.1690  0.0720  9  ASN A OD1 
70  N ND2 . ASN A 9  ? 0.6906 0.5206 0.5522 0.0659  0.1620  0.0539  9  ASN A ND2 
77  N N   . GLN A 10 ? 0.3324 0.2842 0.2706 -0.0821 0.0042  0.0159  10 GLN A N   
78  C CA  . GLN A 10 ? 0.3289 0.2628 0.2755 -0.0888 0.0301  0.0171  10 GLN A CA  
79  C C   . GLN A 10 ? 0.3346 0.2687 0.2699 -0.0484 0.0062  0.0024  10 GLN A C   
80  O O   . GLN A 10 ? 0.3092 0.2848 0.3041 -0.0290 -0.0121 -0.0245 10 GLN A O   
81  C CB  . GLN A 10 ? 0.3747 0.2758 0.2446 -0.0790 0.0182  0.0191  10 GLN A CB  
82  C CG  . GLN A 10 ? 0.3690 0.2912 0.2272 -0.0801 -0.0005 -0.0008 10 GLN A CG  
83  C CD  . GLN A 10 ? 0.3421 0.2844 0.2457 -0.0854 -0.0142 -0.0185 10 GLN A CD  
84  O OE1 . GLN A 10 ? 0.3824 0.3229 0.2406 -0.0400 -0.0191 -0.0224 10 GLN A OE1 
85  N NE2 . GLN A 10 ? 0.3531 0.2895 0.2964 -0.0777 -0.0040 -0.0251 10 GLN A NE2 
94  N N   . CYS A 11 ? 0.3570 0.2707 0.2540 -0.0461 0.0023  -0.0090 11 CYS A N   
95  C CA  . CYS A 11 ? 0.3673 0.2755 0.2491 -0.0520 -0.0010 -0.0113 11 CYS A CA  
96  C C   . CYS A 11 ? 0.4312 0.2863 0.2776 -0.0465 -0.0177 -0.0275 11 CYS A C   
97  O O   . CYS A 11 ? 0.4471 0.3211 0.2954 -0.0123 -0.0417 -0.0497 11 CYS A O   
98  C CB  . CYS A 11 ? 0.3788 0.2758 0.2467 -0.0502 0.0180  -0.0284 11 CYS A CB  
99  S SG  . CYS A 11 ? 0.3997 0.2686 0.2542 -0.0262 0.0289  0.0157  11 CYS A SG  
104 N N   . ALA A 12 ? 0.4553 0.2557 0.3356 -0.0767 -0.0292 -0.0099 12 ALA A N   
105 C CA  . ALA A 12 ? 0.4770 0.2856 0.3888 -0.0811 -0.0256 -0.0032 12 ALA A CA  
106 C C   . ALA A 12 ? 0.4546 0.3039 0.3953 -0.1152 0.0364  -0.0062 12 ALA A C   
107 O O   . ALA A 12 ? 0.4467 0.3443 0.4237 -0.1237 0.0664  -0.0265 12 ALA A O   
108 C CB  . ALA A 12 ? 0.4631 0.2909 0.4115 -0.0678 -0.0721 0.0091  12 ALA A CB  
114 N N   . VAL A 13 ? 0.4560 0.3233 0.3787 -0.0995 0.0154  -0.0120 13 VAL A N   
115 C CA  . VAL A 13 ? 0.4160 0.3514 0.3478 -0.0945 0.0046  -0.0120 13 VAL A CA  
116 C C   . VAL A 13 ? 0.4101 0.3652 0.3100 -0.1087 0.0156  -0.0112 13 VAL A C   
117 O O   . VAL A 13 ? 0.4174 0.3978 0.3493 -0.1014 0.0043  -0.0726 13 VAL A O   
118 C CB  . VAL A 13 ? 0.3716 0.3786 0.3451 -0.0740 0.0019  0.0017  13 VAL A CB  
119 C CG1 . VAL A 13 ? 0.3385 0.3901 0.3616 -0.0652 0.0206  0.0182  13 VAL A CG1 
120 C CG2 . VAL A 13 ? 0.3914 0.3940 0.3631 -0.0708 -0.0127 -0.0259 13 VAL A CG2 
130 N N   . PRO A 14 ? 0.4005 0.4027 0.3203 -0.1007 0.0004  -0.0070 14 PRO A N   
131 C CA  . PRO A 14 ? 0.3809 0.4152 0.3381 -0.0929 -0.0201 -0.0033 14 PRO A CA  
132 C C   . PRO A 14 ? 0.3432 0.4327 0.3926 -0.0825 -0.0576 -0.0187 14 PRO A C   
133 O O   . PRO A 14 ? 0.2804 0.4441 0.4513 -0.0682 -0.0892 -0.0199 14 PRO A O   
134 C CB  . PRO A 14 ? 0.3762 0.4232 0.3915 -0.0989 0.0014  0.0025  14 PRO A CB  
135 C CG  . PRO A 14 ? 0.3760 0.4173 0.3825 -0.1166 0.0093  -0.0036 14 PRO A CG  
136 C CD  . PRO A 14 ? 0.3867 0.3943 0.3719 -0.1296 0.0253  0.0028  14 PRO A CD  
144 N N   . ALA A 15 ? 0.3335 0.4583 0.3725 -0.0857 -0.0728 -0.0387 15 ALA A N   
145 C CA  . ALA A 15 ? 0.3202 0.4866 0.4042 -0.0897 -0.0443 -0.0205 15 ALA A CA  
146 C C   . ALA A 15 ? 0.3131 0.5146 0.4329 -0.0926 -0.0189 -0.0082 15 ALA A C   
147 O O   . ALA A 15 ? 0.3370 0.5030 0.4181 -0.0805 0.0151  0.0395  15 ALA A O   
148 C CB  . ALA A 15 ? 0.3159 0.5039 0.4509 -0.0918 -0.0215 -0.0308 15 ALA A CB  
154 N N   . MLY A 16 ? 0.3204 0.5409 0.4939 -0.0982 0.0088  -0.0147 16 MLY A N   
155 C CA  . MLY A 16 ? 0.3630 0.5676 0.5453 -0.0859 0.0007  -0.0369 16 MLY A CA  
156 C CB  . MLY A 16 ? 0.4334 0.6150 0.6443 -0.0710 -0.0491 -0.0829 16 MLY A CB  
157 C CG  . MLY A 16 ? 0.5422 0.6559 0.7568 -0.0504 -0.0722 -0.1179 16 MLY A CG  
158 C CD  . MLY A 16 ? 0.6254 0.7031 0.8261 -0.0350 -0.1085 -0.1660 16 MLY A CD  
159 C CE  . MLY A 16 ? 0.6876 0.7506 0.8506 -0.0178 -0.1463 -0.2075 16 MLY A CE  
160 N NZ  . MLY A 16 ? 0.7345 0.8087 0.8854 0.0126  -0.1518 -0.2218 16 MLY A NZ  
161 C CH1 . MLY A 16 ? 0.7459 0.8368 0.8988 0.0225  -0.1402 -0.2233 16 MLY A CH1 
162 C CH2 . MLY A 16 ? 0.7374 0.8117 0.8931 0.0171  -0.1585 -0.2210 16 MLY A CH2 
163 C C   . MLY A 16 ? 0.3618 0.5605 0.5381 -0.0729 0.0203  -0.0373 16 MLY A C   
164 O O   . MLY A 16 ? 0.4079 0.5816 0.5741 -0.0613 0.0360  -0.0574 16 MLY A O   
181 N N   . ASP A 17 ? 0.3334 0.5428 0.5039 -0.0565 0.0189  -0.0183 17 ASP A N   
182 C CA  . ASP A 17 ? 0.3596 0.5089 0.4934 -0.0478 0.0612  0.0162  17 ASP A CA  
183 C C   . ASP A 17 ? 0.3443 0.4630 0.4093 -0.0338 0.0752  0.0303  17 ASP A C   
184 O O   . ASP A 17 ? 0.3938 0.4498 0.3997 -0.0216 0.0821  0.0533  17 ASP A O   
185 C CB  . ASP A 17 ? 0.3954 0.5351 0.5512 -0.0589 0.0964  0.0219  17 ASP A CB  
186 C CG  . ASP A 17 ? 0.4440 0.5503 0.6526 -0.0640 0.1138  0.0267  17 ASP A CG  
187 O OD1 . ASP A 17 ? 0.4391 0.5784 0.6668 -0.0627 0.0952  0.0190  17 ASP A OD1 
188 O OD2 . ASP A 17 ? 0.4984 0.5454 0.7109 -0.0692 0.1457  0.0267  17 ASP A OD2 
193 N N   . ARG A 18 ? 0.2681 0.4351 0.3807 -0.0200 0.0521  0.0241  18 ARG A N   
194 C CA  . ARG A 18 ? 0.2665 0.3940 0.3402 -0.0176 0.0274  -0.0050 18 ARG A CA  
195 C C   . ARG A 18 ? 0.2788 0.3809 0.3419 0.0028  0.0061  -0.0106 18 ARG A C   
196 O O   . ARG A 18 ? 0.3527 0.4059 0.4166 0.0409  0.0010  -0.0223 18 ARG A O   
197 C CB  . ARG A 18 ? 0.2799 0.3877 0.3126 -0.0033 0.0213  -0.0133 18 ARG A CB  
198 C CG  . ARG A 18 ? 0.2952 0.3690 0.2868 0.0011  0.0343  -0.0080 18 ARG A CG  
199 C CD  . ARG A 18 ? 0.2828 0.3341 0.2890 -0.0226 0.0605  -0.0084 18 ARG A CD  
200 N NE  . ARG A 18 ? 0.2714 0.3206 0.3356 -0.0318 0.0442  -0.0391 18 ARG A NE  
201 C CZ  . ARG A 18 ? 0.2689 0.3112 0.2594 -0.0391 0.0583  -0.0267 18 ARG A CZ  
202 N NH1 . ARG A 18 ? 0.2701 0.3051 0.2197 -0.0477 0.0526  -0.0292 18 ARG A NH1 
203 N NH2 . ARG A 18 ? 0.3149 0.2815 0.3434 -0.0419 0.0773  -0.0226 18 ARG A NH2 
217 N N   . VAL A 19 ? 0.2526 0.3413 0.3163 -0.0134 0.0221  0.0089  19 VAL A N   
218 C CA  . VAL A 19 ? 0.2906 0.3608 0.3123 0.0315  0.0238  0.0130  19 VAL A CA  
219 C C   . VAL A 19 ? 0.2834 0.3526 0.2549 0.0513  0.0040  0.0189  19 VAL A C   
220 O O   . VAL A 19 ? 0.3092 0.3338 0.2523 0.0366  0.0030  0.0097  19 VAL A O   
221 C CB  . VAL A 19 ? 0.3234 0.3782 0.3866 0.0391  0.0440  -0.0140 19 VAL A CB  
222 C CG1 . VAL A 19 ? 0.3883 0.3762 0.4090 0.0468  0.0714  -0.0100 19 VAL A CG1 
223 C CG2 . VAL A 19 ? 0.3338 0.3813 0.3837 0.0329  0.0647  -0.0039 19 VAL A CG2 
233 N N   . ASP A 20 ? 0.2905 0.3233 0.2648 0.0461  0.0161  0.0193  20 ASP A N   
234 C CA  . ASP A 20 ? 0.3002 0.3156 0.2540 0.0457  0.0006  -0.0040 20 ASP A CA  
235 C C   . ASP A 20 ? 0.3190 0.2998 0.2964 0.0467  0.0138  -0.0054 20 ASP A C   
236 O O   . ASP A 20 ? 0.3203 0.3405 0.3108 0.0719  -0.0196 -0.0163 20 ASP A O   
237 C CB  . ASP A 20 ? 0.3201 0.3097 0.2414 0.0396  -0.0057 0.0034  20 ASP A CB  
238 C CG  . ASP A 20 ? 0.3367 0.3239 0.2737 0.0522  -0.0327 0.0071  20 ASP A CG  
239 O OD1 . ASP A 20 ? 0.3244 0.2965 0.2874 0.0130  -0.0244 0.0019  20 ASP A OD1 
240 O OD2 . ASP A 20 ? 0.3487 0.3395 0.2975 0.0695  -0.0153 0.0477  20 ASP A OD2 
245 N N   . CYS A 21 ? 0.3222 0.2700 0.2648 0.0337  0.0131  0.0027  21 CYS A N   
246 C CA  . CYS A 21 ? 0.3418 0.2535 0.2297 0.0095  0.0124  -0.0065 21 CYS A CA  
247 C C   . CYS A 21 ? 0.3412 0.2385 0.2144 -0.0052 -0.0403 -0.0101 21 CYS A C   
248 O O   . CYS A 21 ? 0.3561 0.2533 0.2736 -0.0099 -0.0267 -0.0146 21 CYS A O   
249 C CB  . CYS A 21 ? 0.3255 0.2491 0.2332 0.0044  -0.0155 -0.0312 21 CYS A CB  
250 S SG  . CYS A 21 ? 0.3637 0.2622 0.2363 0.0168  0.0048  -0.0066 21 CYS A SG  
255 N N   . GLY A 22 ? 0.3376 0.2401 0.2548 0.0070  -0.0475 0.0105  22 GLY A N   
256 C CA  . GLY A 22 ? 0.2980 0.2414 0.2662 -0.0128 -0.0214 0.0084  22 GLY A CA  
257 C C   . GLY A 22 ? 0.3170 0.2528 0.2571 -0.0014 0.0038  0.0115  22 GLY A C   
258 O O   . GLY A 22 ? 0.3691 0.2709 0.2706 0.0330  0.0173  0.0147  22 GLY A O   
262 N N   . TYR A 23 ? 0.3165 0.2332 0.2839 -0.0171 -0.0037 0.0023  23 TYR A N   
263 C CA  . TYR A 23 ? 0.2995 0.2409 0.2299 -0.0198 -0.0099 0.0196  23 TYR A CA  
264 C C   . TYR A 23 ? 0.3022 0.2630 0.2329 0.0067  -0.0193 0.0343  23 TYR A C   
265 O O   . TYR A 23 ? 0.3163 0.2940 0.2071 0.0257  -0.0200 0.0343  23 TYR A O   
266 C CB  . TYR A 23 ? 0.2919 0.2422 0.2545 -0.0293 -0.0246 0.0134  23 TYR A CB  
267 C CG  . TYR A 23 ? 0.3065 0.2303 0.2313 -0.0172 -0.0455 0.0320  23 TYR A CG  
268 C CD1 . TYR A 23 ? 0.3202 0.2274 0.3004 -0.0172 -0.0519 0.0288  23 TYR A CD1 
269 C CD2 . TYR A 23 ? 0.3326 0.2387 0.2745 -0.0207 -0.0380 -0.0030 23 TYR A CD2 
270 C CE1 . TYR A 23 ? 0.2675 0.2177 0.2963 -0.0409 -0.0568 0.0135  23 TYR A CE1 
271 C CE2 . TYR A 23 ? 0.3105 0.2436 0.2320 -0.0309 -0.0289 -0.0025 23 TYR A CE2 
272 C CZ  . TYR A 23 ? 0.2942 0.2332 0.2525 -0.0308 -0.0379 0.0176  23 TYR A CZ  
273 O OH  . TYR A 23 ? 0.3161 0.2817 0.2259 0.0055  -0.0312 0.0221  23 TYR A OH  
283 N N   . PRO A 24 ? 0.2585 0.2776 0.2473 0.0112  -0.0362 0.0401  24 PRO A N   
284 C CA  . PRO A 24 ? 0.2599 0.2785 0.2479 0.0068  -0.0790 0.0118  24 PRO A CA  
285 C C   . PRO A 24 ? 0.2717 0.2451 0.2508 0.0051  -0.0411 0.0286  24 PRO A C   
286 O O   . PRO A 24 ? 0.2817 0.2628 0.2191 -0.0172 0.0212  0.0091  24 PRO A O   
287 C CB  . PRO A 24 ? 0.2974 0.2862 0.2547 0.0297  -0.0719 0.0321  24 PRO A CB  
288 C CG  . PRO A 24 ? 0.2594 0.2971 0.2541 0.0107  -0.0598 0.0194  24 PRO A CG  
289 C CD  . PRO A 24 ? 0.2578 0.3033 0.2569 0.0192  -0.0584 0.0346  24 PRO A CD  
297 N N   . HIS A 25 ? 0.2851 0.2103 0.2591 -0.0023 -0.0254 0.0228  25 HIS A N   
298 C CA  . HIS A 25 ? 0.2847 0.2467 0.2234 -0.0021 -0.0410 0.0000  25 HIS A CA  
299 C C   . HIS A 25 ? 0.2775 0.2549 0.2055 -0.0054 -0.0181 0.0013  25 HIS A C   
300 O O   . HIS A 25 ? 0.2976 0.2822 0.2740 0.0144  -0.0208 0.0025  25 HIS A O   
301 C CB  . HIS A 25 ? 0.3365 0.2448 0.2376 -0.0190 -0.0155 -0.0158 25 HIS A CB  
302 C CG  . HIS A 25 ? 0.4177 0.3011 0.2085 0.0274  -0.0470 -0.0468 25 HIS A CG  
303 N ND1 . HIS A 25 ? 0.4978 0.3379 0.2591 0.0554  -0.0426 -0.0626 25 HIS A ND1 
304 C CD2 . HIS A 25 ? 0.4532 0.3399 0.2437 0.0596  -0.0769 -0.0621 25 HIS A CD2 
305 C CE1 . HIS A 25 ? 0.5172 0.3557 0.2870 0.0702  -0.0426 -0.0717 25 HIS A CE1 
306 N NE2 . HIS A 25 ? 0.4972 0.3656 0.2703 0.0807  -0.0589 -0.0559 25 HIS A NE2 
314 N N   . VAL A 26 ? 0.2659 0.2682 0.1916 0.0039  0.0183  0.0080  26 VAL A N   
315 C CA  . VAL A 26 ? 0.2650 0.2400 0.2121 -0.0056 0.0179  0.0177  26 VAL A CA  
316 C C   . VAL A 26 ? 0.2774 0.2289 0.2230 -0.0190 0.0048  0.0029  26 VAL A C   
317 O O   . VAL A 26 ? 0.3032 0.2398 0.2507 -0.0259 -0.0071 -0.0025 26 VAL A O   
318 C CB  . VAL A 26 ? 0.2911 0.2109 0.2262 -0.0015 0.0021  0.0202  26 VAL A CB  
319 C CG1 . VAL A 26 ? 0.2629 0.2083 0.2384 -0.0044 -0.0253 0.0004  26 VAL A CG1 
320 C CG2 . VAL A 26 ? 0.3450 0.2221 0.2226 0.0136  0.0208  0.0207  26 VAL A CG2 
330 N N   . THR A 27 ? 0.2493 0.2376 0.2479 -0.0211 -0.0006 -0.0147 27 THR A N   
331 C CA  . THR A 27 ? 0.2597 0.2107 0.2146 -0.0370 0.0093  -0.0080 27 THR A CA  
332 C C   . THR A 27 ? 0.2772 0.2163 0.2160 -0.0107 -0.0084 0.0024  27 THR A C   
333 O O   . THR A 27 ? 0.2791 0.2014 0.2140 -0.0083 -0.0330 -0.0068 27 THR A O   
334 C CB  . THR A 27 ? 0.3016 0.2309 0.2469 -0.0310 0.0102  -0.0384 27 THR A CB  
335 O OG1 . THR A 27 ? 0.3005 0.2809 0.2657 -0.0024 0.0140  -0.0390 27 THR A OG1 
336 C CG2 . THR A 27 ? 0.3548 0.2065 0.2598 -0.0347 0.0289  -0.0680 27 THR A CG2 
344 N N   . PRO A 28 ? 0.3050 0.2367 0.1982 0.0094  0.0146  -0.0030 28 PRO A N   
345 C CA  . PRO A 28 ? 0.2949 0.2376 0.2330 0.0162  -0.0257 -0.0067 28 PRO A CA  
346 C C   . PRO A 28 ? 0.2767 0.2440 0.2352 0.0056  -0.0288 -0.0090 28 PRO A C   
347 O O   . PRO A 28 ? 0.2723 0.2799 0.2294 0.0255  -0.0189 -0.0107 28 PRO A O   
348 C CB  . PRO A 28 ? 0.3262 0.2524 0.2365 0.0359  0.0171  0.0097  28 PRO A CB  
349 C CG  . PRO A 28 ? 0.3232 0.2562 0.2172 0.0226  0.0882  0.0282  28 PRO A CG  
350 C CD  . PRO A 28 ? 0.3069 0.2518 0.1803 0.0313  0.0171  0.0106  28 PRO A CD  
358 N N   . MLY A 29 ? 0.3074 0.2533 0.2608 0.0000  -0.0629 -0.0273 29 MLY A N   
359 C CA  . MLY A 29 ? 0.2630 0.2868 0.2597 -0.0095 -0.0521 -0.0090 29 MLY A CA  
360 C CB  . MLY A 29 ? 0.2492 0.3789 0.3557 -0.0013 -0.0310 -0.0156 29 MLY A CB  
361 C CG  . MLY A 29 ? 0.3379 0.4593 0.5167 0.0140  0.0200  -0.0170 29 MLY A CG  
362 C CD  . MLY A 29 ? 0.3879 0.5479 0.6541 0.0317  0.0511  -0.0224 29 MLY A CD  
363 C CE  . MLY A 29 ? 0.4393 0.6274 0.7471 0.0329  0.1059  -0.0189 29 MLY A CE  
364 N NZ  . MLY A 29 ? 0.5140 0.6881 0.7885 0.0391  0.1293  -0.0284 29 MLY A NZ  
365 C CH1 . MLY A 29 ? 0.5360 0.7155 0.7836 0.0452  0.1341  -0.0369 29 MLY A CH1 
366 C CH2 . MLY A 29 ? 0.5452 0.6985 0.7998 0.0414  0.1314  -0.0299 29 MLY A CH2 
367 C C   . MLY A 29 ? 0.2573 0.2506 0.2308 -0.0114 -0.0073 0.0570  29 MLY A C   
368 O O   . MLY A 29 ? 0.2740 0.3075 0.2535 0.0053  0.0103  0.0229  29 MLY A O   
385 N N   . GLU A 30 ? 0.2890 0.2642 0.2168 0.0224  -0.0176 0.0628  30 GLU A N   
386 C CA  . GLU A 30 ? 0.3097 0.2365 0.2070 0.0023  -0.0066 0.0266  30 GLU A CA  
387 C C   . GLU A 30 ? 0.2986 0.2433 0.2077 -0.0047 0.0025  0.0153  30 GLU A C   
388 O O   . GLU A 30 ? 0.2836 0.2588 0.2100 -0.0076 -0.0207 -0.0083 30 GLU A O   
389 C CB  . GLU A 30 ? 0.3069 0.2131 0.2299 -0.0266 -0.0146 0.0043  30 GLU A CB  
390 C CG  . GLU A 30 ? 0.3326 0.2456 0.3102 -0.0097 -0.0306 -0.0247 30 GLU A CG  
391 C CD  . GLU A 30 ? 0.3585 0.2957 0.3615 0.0147  -0.0567 -0.0588 30 GLU A CD  
392 O OE1 . GLU A 30 ? 0.3449 0.2915 0.3840 0.0077  -0.0414 -0.0288 30 GLU A OE1 
393 O OE2 . GLU A 30 ? 0.4144 0.3084 0.3976 0.0030  -0.0252 -0.0913 30 GLU A OE2 
400 N N   . CYS A 31 ? 0.2943 0.2338 0.1819 -0.0188 0.0460  0.0132  31 CYS A N   
401 C CA  . CYS A 31 ? 0.2424 0.2561 0.1721 -0.0272 -0.0240 -0.0428 31 CYS A CA  
402 C C   . CYS A 31 ? 0.2858 0.2652 0.1967 -0.0154 -0.0194 -0.0393 31 CYS A C   
403 O O   . CYS A 31 ? 0.3260 0.2495 0.1859 -0.0141 0.0063  -0.0323 31 CYS A O   
404 C CB  . CYS A 31 ? 0.2410 0.2782 0.1951 0.0014  -0.0261 -0.0338 31 CYS A CB  
405 S SG  . CYS A 31 ? 0.2644 0.2854 0.2327 -0.0109 0.0076  -0.0238 31 CYS A SG  
410 N N   . ASN A 32 ? 0.2669 0.2711 0.2269 -0.0242 -0.0344 -0.0291 32 ASN A N   
411 C CA  . ASN A 32 ? 0.3211 0.2957 0.2026 -0.0165 -0.0455 -0.0080 32 ASN A CA  
412 C C   . ASN A 32 ? 0.2995 0.2946 0.1740 -0.0363 -0.0150 0.0127  32 ASN A C   
413 O O   . ASN A 32 ? 0.3059 0.3392 0.2149 -0.0189 0.0136  -0.0164 32 ASN A O   
414 C CB  . ASN A 32 ? 0.3652 0.3172 0.2258 -0.0137 -0.0868 -0.0200 32 ASN A CB  
415 C CG  . ASN A 32 ? 0.4272 0.3597 0.2978 -0.0093 -0.0533 0.0033  32 ASN A CG  
416 O OD1 . ASN A 32 ? 0.4102 0.3391 0.3002 -0.0379 -0.0411 0.0534  32 ASN A OD1 
417 N ND2 . ASN A 32 ? 0.4607 0.3712 0.3282 -0.0154 -0.0301 -0.0159 32 ASN A ND2 
424 N N   . ASN A 33 ? 0.3114 0.3150 0.2297 -0.0307 -0.0134 0.0212  33 ASN A N   
425 C CA  . ASN A 33 ? 0.3145 0.3550 0.2834 -0.0475 -0.0247 0.0061  33 ASN A CA  
426 C C   . ASN A 33 ? 0.3288 0.3217 0.2332 -0.0585 -0.0179 -0.0006 33 ASN A C   
427 O O   . ASN A 33 ? 0.3509 0.3417 0.2304 -0.0601 -0.0075 -0.0104 33 ASN A O   
428 C CB  . ASN A 33 ? 0.3436 0.4093 0.4345 -0.0599 0.0209  0.0105  33 ASN A CB  
429 C CG  . ASN A 33 ? 0.4475 0.4977 0.5970 -0.0234 0.0278  -0.0010 33 ASN A CG  
430 O OD1 . ASN A 33 ? 0.4444 0.5648 0.6442 -0.0013 0.0016  -0.0165 33 ASN A OD1 
431 N ND2 . ASN A 33 ? 0.5356 0.5174 0.6832 -0.0035 0.0289  -0.0141 33 ASN A ND2 
438 N N   . ARG A 34 ? 0.3446 0.3017 0.2529 -0.0345 0.0108  0.0293  34 ARG A N   
439 C CA  . ARG A 34 ? 0.3443 0.2824 0.2170 -0.0128 0.0007  0.0303  34 ARG A CA  
440 C C   . ARG A 34 ? 0.3346 0.2590 0.1983 -0.0129 0.0112  0.0299  34 ARG A C   
441 O O   . ARG A 34 ? 0.3654 0.2730 0.2045 0.0157  -0.0051 0.0240  34 ARG A O   
442 C CB  . ARG A 34 ? 0.3343 0.2852 0.2593 0.0075  0.0136  0.0501  34 ARG A CB  
443 C CG  . ARG A 34 ? 0.3735 0.2697 0.2673 0.0089  0.0301  0.0560  34 ARG A CG  
444 C CD  . ARG A 34 ? 0.3826 0.2418 0.2584 -0.0143 0.0138  0.0464  34 ARG A CD  
445 N NE  . ARG A 34 ? 0.3718 0.2722 0.2377 -0.0039 -0.0056 0.0566  34 ARG A NE  
446 C CZ  . ARG A 34 ? 0.3882 0.2845 0.2129 -0.0053 -0.0111 0.0571  34 ARG A CZ  
447 N NH1 . ARG A 34 ? 0.4043 0.3093 0.2582 0.0133  0.0179  0.0343  34 ARG A NH1 
448 N NH2 . ARG A 34 ? 0.4228 0.2652 0.2843 -0.0322 0.0070  0.0501  34 ARG A NH2 
462 N N   . GLY A 35 ? 0.3134 0.2522 0.1863 -0.0211 0.0026  0.0154  35 GLY A N   
463 C CA  . GLY A 35 ? 0.3222 0.2591 0.1816 -0.0140 0.0205  0.0132  35 GLY A CA  
464 C C   . GLY A 35 ? 0.3231 0.2300 0.1466 -0.0339 0.0452  0.0119  35 GLY A C   
465 O O   . GLY A 35 ? 0.3196 0.2749 0.1740 -0.0248 0.0370  -0.0216 35 GLY A O   
469 N N   . CYS A 36 ? 0.2853 0.2451 0.1698 -0.0094 -0.0059 -0.0108 36 CYS A N   
470 C CA  . CYS A 36 ? 0.3076 0.2403 0.1685 0.0008  -0.0224 -0.0303 36 CYS A CA  
471 C C   . CYS A 36 ? 0.3255 0.2354 0.1999 0.0058  -0.0131 -0.0193 36 CYS A C   
472 O O   . CYS A 36 ? 0.3115 0.2337 0.2212 0.0000  0.0235  -0.0137 36 CYS A O   
473 C CB  . CYS A 36 ? 0.2904 0.2303 0.2038 -0.0093 0.0019  -0.0272 36 CYS A CB  
474 S SG  . CYS A 36 ? 0.3533 0.2533 0.2339 0.0244  0.0167  -0.0048 36 CYS A SG  
479 N N   . CYS A 37 ? 0.2950 0.2471 0.1993 0.0010  -0.0349 -0.0189 37 CYS A N   
480 C CA  . CYS A 37 ? 0.3148 0.2276 0.2229 -0.0086 0.0229  0.0196  37 CYS A CA  
481 C C   . CYS A 37 ? 0.2711 0.2370 0.1971 0.0028  -0.0109 0.0139  37 CYS A C   
482 O O   . CYS A 37 ? 0.2805 0.2535 0.2150 0.0092  0.0001  0.0261  37 CYS A O   
483 C CB  . CYS A 37 ? 0.3511 0.2502 0.2464 -0.0249 0.0447  0.0066  37 CYS A CB  
484 S SG  . CYS A 37 ? 0.3721 0.2733 0.2265 -0.0307 0.0315  0.0132  37 CYS A SG  
489 N N   . PHE A 38 ? 0.2799 0.2455 0.2271 0.0084  -0.0165 -0.0156 38 PHE A N   
490 C CA  . PHE A 38 ? 0.2535 0.2426 0.2243 0.0067  -0.0433 -0.0269 38 PHE A CA  
491 C C   . PHE A 38 ? 0.2847 0.2309 0.2340 0.0026  -0.0294 0.0092  38 PHE A C   
492 O O   . PHE A 38 ? 0.3106 0.2537 0.2555 0.0167  -0.0373 -0.0093 38 PHE A O   
493 C CB  . PHE A 38 ? 0.2786 0.2302 0.2247 -0.0013 0.0020  -0.0229 38 PHE A CB  
494 C CG  . PHE A 38 ? 0.2683 0.2387 0.2323 0.0040  0.0268  0.0012  38 PHE A CG  
495 C CD1 . PHE A 38 ? 0.2543 0.2475 0.2238 -0.0045 0.0246  -0.0167 38 PHE A CD1 
496 C CD2 . PHE A 38 ? 0.2683 0.2535 0.2530 0.0085  0.0168  -0.0103 38 PHE A CD2 
497 C CE1 . PHE A 38 ? 0.2744 0.2742 0.2429 0.0278  0.0322  0.0161  38 PHE A CE1 
498 C CE2 . PHE A 38 ? 0.2688 0.2659 0.2645 0.0253  0.0189  0.0098  38 PHE A CE2 
499 C CZ  . PHE A 38 ? 0.2440 0.2862 0.2842 0.0190  0.0170  0.0087  38 PHE A CZ  
509 N N   . ASP A 39 ? 0.2728 0.2260 0.2700 -0.0261 -0.0174 0.0123  39 ASP A N   
510 C CA  . ASP A 39 ? 0.2593 0.2317 0.2691 -0.0421 -0.0177 -0.0018 39 ASP A CA  
511 C C   . ASP A 39 ? 0.2548 0.2392 0.2448 -0.0337 -0.0164 -0.0208 39 ASP A C   
512 O O   . ASP A 39 ? 0.3189 0.2285 0.2661 -0.0054 -0.0424 -0.0340 39 ASP A O   
513 C CB  . ASP A 39 ? 0.2613 0.2736 0.2942 -0.0449 0.0041  -0.0095 39 ASP A CB  
514 C CG  . ASP A 39 ? 0.2817 0.2718 0.3364 -0.0523 0.0260  -0.0003 39 ASP A CG  
515 O OD1 . ASP A 39 ? 0.3025 0.2832 0.3506 -0.0307 0.0259  -0.0015 39 ASP A OD1 
516 O OD2 . ASP A 39 ? 0.3126 0.2884 0.3801 -0.0546 0.0457  0.0145  39 ASP A OD2 
521 N N   . SER A 40 ? 0.2359 0.2600 0.2478 -0.0463 0.0269  -0.0160 40 SER A N   
522 C CA  . SER A 40 ? 0.2324 0.2579 0.2477 -0.0541 0.0175  -0.0123 40 SER A CA  
523 C C   . SER A 40 ? 0.2241 0.2773 0.2476 -0.0610 0.0095  -0.0216 40 SER A C   
524 O O   . SER A 40 ? 0.2721 0.3098 0.2407 -0.0577 0.0219  -0.0401 40 SER A O   
525 C CB  . SER A 40 ? 0.2688 0.2614 0.2762 -0.0218 0.0174  -0.0093 40 SER A CB  
526 O OG  . SER A 40 ? 0.2898 0.2743 0.3443 -0.0032 0.0313  -0.0099 40 SER A OG  
532 N N   . ARG A 41 ? 0.2283 0.2742 0.2724 -0.0718 -0.0164 -0.0464 41 ARG A N   
533 C CA  . ARG A 41 ? 0.2614 0.2718 0.2703 -0.0640 -0.0281 -0.0484 41 ARG A CA  
534 C C   . ARG A 41 ? 0.2720 0.3130 0.2454 -0.0590 -0.0498 -0.0728 41 ARG A C   
535 O O   . ARG A 41 ? 0.2965 0.3424 0.2436 -0.0305 -0.0507 -0.0688 41 ARG A O   
536 C CB  . ARG A 41 ? 0.2981 0.2746 0.3041 -0.0579 0.0093  -0.0376 41 ARG A CB  
537 C CG  . ARG A 41 ? 0.3198 0.3045 0.3446 -0.0433 0.0320  -0.0441 41 ARG A CG  
538 C CD  . ARG A 41 ? 0.3468 0.3425 0.3849 -0.0352 0.0814  -0.0539 41 ARG A CD  
539 N NE  . ARG A 41 ? 0.3838 0.3307 0.4289 -0.0516 0.1521  -0.0404 41 ARG A NE  
540 C CZ  . ARG A 41 ? 0.4095 0.3471 0.4456 -0.0391 0.1385  -0.0597 41 ARG A CZ  
541 N NH1 . ARG A 41 ? 0.3895 0.3508 0.4808 -0.0379 0.1207  -0.0510 41 ARG A NH1 
542 N NH2 . ARG A 41 ? 0.4529 0.3597 0.4562 -0.0244 0.1602  -0.0610 41 ARG A NH2 
556 N N   . ILE A 42 ? 0.2718 0.3718 0.2925 -0.0395 -0.0174 -0.0485 42 ILE A N   
557 C CA  . ILE A 42 ? 0.2815 0.3864 0.3029 -0.0247 -0.0292 -0.0426 42 ILE A CA  
558 C C   . ILE A 42 ? 0.3034 0.3744 0.2765 -0.0218 -0.0644 -0.0439 42 ILE A C   
559 O O   . ILE A 42 ? 0.3055 0.3324 0.3169 -0.0345 -0.0446 -0.0211 42 ILE A O   
560 C CB  . ILE A 42 ? 0.2755 0.4055 0.3515 -0.0184 0.0266  -0.0333 42 ILE A CB  
561 C CG1 . ILE A 42 ? 0.2954 0.3651 0.4263 -0.0536 0.1062  -0.0224 42 ILE A CG1 
562 C CG2 . ILE A 42 ? 0.3007 0.4193 0.3439 0.0048  0.0600  -0.0063 42 ILE A CG2 
563 C CD1 . ILE A 42 ? 0.2966 0.3669 0.4437 -0.0553 0.1113  -0.0290 42 ILE A CD1 
575 N N   . PRO A 43 ? 0.3434 0.3642 0.2489 -0.0427 -0.0687 -0.0664 43 PRO A N   
576 C CA  . PRO A 43 ? 0.3854 0.3620 0.2449 -0.0184 -0.0643 -0.0127 43 PRO A CA  
577 C C   . PRO A 43 ? 0.3993 0.3398 0.2943 -0.0222 -0.0822 0.0053  43 PRO A C   
578 O O   . PRO A 43 ? 0.3997 0.3380 0.3483 -0.0267 -0.0760 -0.0072 43 PRO A O   
579 C CB  . PRO A 43 ? 0.4100 0.3873 0.2726 -0.0055 -0.0706 -0.0464 43 PRO A CB  
580 C CG  . PRO A 43 ? 0.4174 0.4174 0.3005 0.0033  -0.0554 -0.0659 43 PRO A CG  
581 C CD  . PRO A 43 ? 0.3743 0.4068 0.2811 -0.0127 -0.0758 -0.0825 43 PRO A CD  
589 N N   . GLY A 44 ? 0.3981 0.3556 0.2961 -0.0300 -0.0840 0.0081  44 GLY A N   
590 C CA  . GLY A 44 ? 0.3541 0.3500 0.3194 -0.0413 -0.1079 0.0049  44 GLY A CA  
591 C C   . GLY A 44 ? 0.3329 0.3778 0.3761 -0.0331 -0.1105 -0.0041 44 GLY A C   
592 O O   . GLY A 44 ? 0.3235 0.3932 0.4384 -0.0139 -0.1273 -0.0025 44 GLY A O   
596 N N   . VAL A 45 ? 0.2992 0.3616 0.3435 -0.0685 -0.0806 -0.0067 45 VAL A N   
597 C CA  . VAL A 45 ? 0.2822 0.3699 0.3338 -0.0630 -0.0346 0.0141  45 VAL A CA  
598 C C   . VAL A 45 ? 0.2456 0.3532 0.2732 -0.0496 -0.0575 0.0152  45 VAL A C   
599 O O   . VAL A 45 ? 0.2779 0.3666 0.2804 -0.0535 -0.0598 0.0061  45 VAL A O   
600 C CB  . VAL A 45 ? 0.2455 0.3839 0.3639 -0.0774 -0.0311 0.0052  45 VAL A CB  
601 C CG1 . VAL A 45 ? 0.2772 0.4054 0.4024 -0.0697 -0.0209 -0.0079 45 VAL A CG1 
602 C CG2 . VAL A 45 ? 0.2360 0.4160 0.3104 -0.0513 -0.0974 -0.0037 45 VAL A CG2 
612 N N   . PRO A 46 ? 0.2565 0.3466 0.2826 -0.0146 -0.0104 0.0309  46 PRO A N   
613 C CA  . PRO A 46 ? 0.2373 0.3658 0.2445 0.0098  -0.0112 0.0091  46 PRO A CA  
614 C C   . PRO A 46 ? 0.2628 0.3177 0.2740 0.0110  0.0047  0.0162  46 PRO A C   
615 O O   . PRO A 46 ? 0.2781 0.3014 0.2861 0.0281  -0.0123 0.0196  46 PRO A O   
616 C CB  . PRO A 46 ? 0.2686 0.3688 0.2329 0.0001  0.0106  0.0147  46 PRO A CB  
617 C CG  . PRO A 46 ? 0.2733 0.3676 0.2558 0.0099  0.0051  0.0321  46 PRO A CG  
618 C CD  . PRO A 46 ? 0.2573 0.3558 0.2916 -0.0039 0.0140  0.0378  46 PRO A CD  
626 N N   . TRP A 47 ? 0.2328 0.2978 0.2127 -0.0087 0.0029  0.0071  47 TRP A N   
627 C CA  . TRP A 47 ? 0.2405 0.2716 0.1893 -0.0215 -0.0068 -0.0067 47 TRP A CA  
628 C C   . TRP A 47 ? 0.2424 0.2354 0.2208 -0.0221 -0.0035 0.0204  47 TRP A C   
629 O O   . TRP A 47 ? 0.2654 0.2651 0.2201 0.0125  -0.0657 0.0015  47 TRP A O   
630 C CB  . TRP A 47 ? 0.2493 0.2576 0.1815 -0.0291 -0.0236 -0.0215 47 TRP A CB  
631 C CG  . TRP A 47 ? 0.2566 0.2697 0.2051 -0.0246 -0.0323 -0.0370 47 TRP A CG  
632 C CD1 . TRP A 47 ? 0.2558 0.3100 0.2214 -0.0095 -0.0219 -0.0617 47 TRP A CD1 
633 C CD2 . TRP A 47 ? 0.2748 0.2723 0.1929 -0.0293 0.0122  -0.0148 47 TRP A CD2 
634 N NE1 . TRP A 47 ? 0.2939 0.2990 0.2277 -0.0122 -0.0015 -0.0525 47 TRP A NE1 
635 C CE2 . TRP A 47 ? 0.2986 0.2986 0.2241 -0.0165 -0.0206 -0.0697 47 TRP A CE2 
636 C CE3 . TRP A 47 ? 0.2567 0.2972 0.2231 -0.0188 0.0148  -0.0060 47 TRP A CE3 
637 C CZ2 . TRP A 47 ? 0.2920 0.3308 0.2312 0.0082  -0.0097 -0.0567 47 TRP A CZ2 
638 C CZ3 . TRP A 47 ? 0.2491 0.3089 0.2067 -0.0030 -0.0026 -0.0059 47 TRP A CZ3 
639 C CH2 . TRP A 47 ? 0.2558 0.3344 0.2244 0.0082  -0.0208 -0.0383 47 TRP A CH2 
650 N N   . CYS A 48 ? 0.2486 0.2389 0.2415 -0.0050 -0.0171 -0.0007 48 CYS A N   
651 C CA  . CYS A 48 ? 0.2743 0.2205 0.2165 -0.0089 -0.0361 -0.0174 48 CYS A CA  
652 C C   . CYS A 48 ? 0.2673 0.2187 0.2289 -0.0189 0.0151  0.0122  48 CYS A C   
653 O O   . CYS A 48 ? 0.2786 0.2806 0.2358 0.0128  -0.0070 -0.0048 48 CYS A O   
654 C CB  . CYS A 48 ? 0.2853 0.2110 0.2530 -0.0220 -0.0319 -0.0317 48 CYS A CB  
655 S SG  . CYS A 48 ? 0.2914 0.2485 0.2673 -0.0104 -0.0146 -0.0226 48 CYS A SG  
660 N N   . PHE A 49 ? 0.2672 0.2127 0.2466 -0.0255 0.0317  0.0135  49 PHE A N   
661 C CA  . PHE A 49 ? 0.2619 0.2438 0.2410 -0.0120 0.0295  0.0034  49 PHE A CA  
662 C C   . PHE A 49 ? 0.2728 0.2674 0.2437 0.0010  0.0402  0.0036  49 PHE A C   
663 O O   . PHE A 49 ? 0.2982 0.2512 0.2285 0.0007  0.0041  0.0032  49 PHE A O   
664 C CB  . PHE A 49 ? 0.2441 0.2500 0.2138 -0.0142 0.0297  0.0016  49 PHE A CB  
665 C CG  . PHE A 49 ? 0.2578 0.2922 0.2549 -0.0053 0.0074  -0.0473 49 PHE A CG  
666 C CD1 . PHE A 49 ? 0.2523 0.2943 0.2751 -0.0029 -0.0144 -0.0614 49 PHE A CD1 
667 C CD2 . PHE A 49 ? 0.2710 0.2840 0.3156 -0.0097 0.0012  -0.0388 49 PHE A CD2 
668 C CE1 . PHE A 49 ? 0.2707 0.2747 0.2782 -0.0133 -0.0166 -0.0815 49 PHE A CE1 
669 C CE2 . PHE A 49 ? 0.2772 0.2774 0.2670 -0.0187 -0.0110 -0.0529 49 PHE A CE2 
670 C CZ  . PHE A 49 ? 0.3001 0.2748 0.3058 -0.0155 0.0259  -0.0525 49 PHE A CZ  
680 N N   . MLY A 50 ? 0.2873 0.2925 0.2673 0.0034  0.0380  -0.0266 50 MLY A N   
681 C CA  . MLY A 50 ? 0.2655 0.2706 0.2905 -0.0274 0.0369  -0.0400 50 MLY A CA  
682 C CB  . MLY A 50 ? 0.2976 0.2876 0.3551 -0.0211 0.1041  -0.0193 50 MLY A CB  
683 C CG  . MLY A 50 ? 0.3565 0.3260 0.4486 0.0149  0.0927  -0.0265 50 MLY A CG  
684 C CD  . MLY A 50 ? 0.4214 0.3651 0.5539 0.0515  0.0730  -0.0492 50 MLY A CD  
685 C CE  . MLY A 50 ? 0.4666 0.3748 0.6373 0.0702  0.0526  -0.0698 50 MLY A CE  
686 N NZ  . MLY A 50 ? 0.4718 0.3752 0.6950 0.0583  0.0376  -0.1154 50 MLY A NZ  
687 C CH1 . MLY A 50 ? 0.4783 0.3367 0.7038 0.0061  0.0613  -0.1405 50 MLY A CH1 
688 C CH2 . MLY A 50 ? 0.4696 0.3749 0.7277 0.0833  0.0140  -0.1137 50 MLY A CH2 
689 C C   . MLY A 50 ? 0.3040 0.2559 0.2858 -0.0158 0.0277  -0.0196 50 MLY A C   
690 O O   . MLY A 50 ? 0.3099 0.2912 0.3129 -0.0091 0.0469  -0.0153 50 MLY A O   
707 N N   . PRO A 51 ? 0.3317 0.2341 0.2612 -0.0071 0.0127  -0.0112 51 PRO A N   
708 C CA  . PRO A 51 ? 0.3183 0.2674 0.2701 -0.0091 0.0422  -0.0136 51 PRO A CA  
709 C C   . PRO A 51 ? 0.3150 0.2992 0.2882 -0.0076 0.0510  0.0019  51 PRO A C   
710 O O   . PRO A 51 ? 0.3366 0.3149 0.2998 0.0022  0.0318  -0.0207 51 PRO A O   
711 C CB  . PRO A 51 ? 0.3397 0.2528 0.2617 0.0022  0.0227  -0.0195 51 PRO A CB  
712 C CG  . PRO A 51 ? 0.3425 0.2122 0.2206 -0.0043 0.0310  0.0195  51 PRO A CG  
713 C CD  . PRO A 51 ? 0.3381 0.2168 0.2285 0.0027  0.0002  -0.0011 51 PRO A CD  
721 N N   . LEU A 52 ? 0.2741 0.3345 0.3003 -0.0309 0.0365  -0.0069 52 LEU A N   
722 C CA  . LEU A 52 ? 0.2928 0.3549 0.2714 -0.0403 0.0442  0.0100  52 LEU A CA  
723 C C   . LEU A 52 ? 0.2983 0.4076 0.2714 -0.0219 0.0408  -0.0155 52 LEU A C   
724 O O   . LEU A 52 ? 0.3414 0.4134 0.2722 -0.0158 0.0543  -0.0269 52 LEU A O   
725 C CB  . LEU A 52 ? 0.3119 0.3487 0.2736 -0.0500 0.0366  0.0487  52 LEU A CB  
726 C CG  . LEU A 52 ? 0.3533 0.3459 0.3249 -0.0567 0.0168  0.0421  52 LEU A CG  
727 C CD1 . LEU A 52 ? 0.3662 0.3367 0.3295 -0.0675 -0.0032 0.0439  52 LEU A CD1 
728 C CD2 . LEU A 52 ? 0.3502 0.4036 0.3950 -0.0510 0.0056  -0.0021 52 LEU A CD2 
740 N N   . GLN A 53 ? 0.2725 0.4259 0.2862 -0.0274 0.0309  -0.0268 53 GLN A N   
741 C CA  . GLN A 53 ? 0.2766 0.4331 0.2751 -0.0326 -0.0020 -0.0556 53 GLN A CA  
742 C C   . GLN A 53 ? 0.3172 0.4626 0.3344 -0.0147 0.0297  -0.0294 53 GLN A C   
743 O O   . GLN A 53 ? 0.3360 0.4867 0.3520 -0.0094 0.0231  -0.0416 53 GLN A O   
744 C CB  . GLN A 53 ? 0.3173 0.4033 0.3231 -0.0161 0.0012  -0.0477 53 GLN A CB  
745 C CG  . GLN A 53 ? 0.3384 0.3517 0.3410 -0.0106 0.0081  -0.0182 53 GLN A CG  
746 C CD  . GLN A 53 ? 0.3527 0.3142 0.3074 -0.0073 0.0154  0.0073  53 GLN A CD  
747 O OE1 . GLN A 53 ? 0.3409 0.2752 0.2915 -0.0271 -0.0033 -0.0070 53 GLN A OE1 
748 N NE2 . GLN A 53 ? 0.4111 0.3468 0.3420 0.0443  -0.0019 0.0217  53 GLN A NE2 
757 N N   . GLU A 54 ? 0.3530 0.4636 0.4082 -0.0034 0.0641  0.0005  54 GLU A N   
758 C CA  . GLU A 54 ? 0.3650 0.4787 0.4975 0.0158  0.0999  0.0393  54 GLU A CA  
759 C C   . GLU A 54 ? 0.3354 0.4678 0.5432 0.0178  0.0740  0.0385  54 GLU A C   
760 O O   . GLU A 54 ? 0.3281 0.4623 0.5078 0.0117  0.0384  0.0429  54 GLU A O   
761 C CB  . GLU A 54 ? 0.4514 0.5054 0.5770 0.0391  0.1311  0.0587  54 GLU A CB  
762 C CG  . GLU A 54 ? 0.5046 0.5576 0.6671 0.0506  0.1470  0.0369  54 GLU A CG  
763 C CD  . GLU A 54 ? 0.5579 0.6303 0.7503 0.0721  0.1731  0.0089  54 GLU A CD  
764 O OE1 . GLU A 54 ? 0.5556 0.6780 0.7722 0.0853  0.2031  0.0003  54 GLU A OE1 
765 O OE2 . GLU A 54 ? 0.5962 0.6434 0.7849 0.0784  0.1623  -0.0015 54 GLU A OE2 
772 N N   . ALA A 55 ? 0.3732 0.4633 0.6354 0.0362  0.0448  0.0014  55 ALA A N   
773 C CA  . ALA A 55 ? 0.4172 0.4557 0.6925 0.0556  0.0207  -0.0260 55 ALA A CA  
774 C C   . ALA A 55 ? 0.4713 0.4138 0.7195 0.0768  -0.0020 0.0005  55 ALA A C   
775 O O   . ALA A 55 ? 0.4915 0.3922 0.6808 0.0597  -0.0131 0.0147  55 ALA A O   
776 C CB  . ALA A 55 ? 0.4118 0.4769 0.7162 0.0501  0.0049  -0.0685 55 ALA A CB  
782 N N   . GLU A 56 ? 0.5297 0.4131 0.7533 0.1367  -0.0128 0.0293  56 GLU A N   
783 C CA  . GLU A 56 ? 0.5999 0.4139 0.7641 0.1866  0.0052  0.0518  56 GLU A CA  
784 C C   . GLU A 56 ? 0.6127 0.4410 0.7692 0.2136  0.0486  0.0541  56 GLU A C   
785 O O   . GLU A 56 ? 0.6056 0.4703 0.7675 0.2337  0.1051  0.0674  56 GLU A O   
787 C C1  . GAL B .  ? 0.4475 0.3675 0.2437 -0.0603 -0.0811 0.0070  1  GAL B C1  
788 C C2  . GAL B .  ? 0.4392 0.3591 0.2816 -0.0448 -0.0630 0.0006  1  GAL B C2  
789 C C3  . GAL B .  ? 0.3865 0.3059 0.2657 -0.0525 -0.0718 0.0147  1  GAL B C3  
790 C C4  . GAL B .  ? 0.3653 0.3214 0.2601 -0.0477 -0.0864 0.0191  1  GAL B C4  
791 C C5  . GAL B .  ? 0.3883 0.3520 0.2415 -0.0520 -0.0865 0.0063  1  GAL B C5  
792 C C6  . GAL B .  ? 0.4199 0.3589 0.2228 -0.0631 -0.0864 -0.0192 1  GAL B C6  
793 O O1  . GAL B .  ? 0.5465 0.4169 0.3256 -0.0315 -0.0767 -0.0176 1  GAL B O1  
794 O O2  . GAL B .  ? 0.4508 0.3771 0.3377 -0.0586 0.0097  0.0034  1  GAL B O2  
795 O O3  . GAL B .  ? 0.3635 0.2748 0.2578 -0.0591 -0.0872 -0.0063 1  GAL B O3  
796 O O4  . GAL B .  ? 0.3401 0.3021 0.2562 -0.0453 -0.0871 0.0392  1  GAL B O4  
797 O O5  . GAL B .  ? 0.3991 0.3907 0.2324 -0.0373 -0.0921 0.0098  1  GAL B O5  
798 O O6  . GAL B .  ? 0.4560 0.3618 0.3017 -0.0662 -0.0417 -0.0203 1  GAL B O6  
810 C C1  . NDG B .  ? 0.2999 0.3178 0.2739 -0.0378 -0.0625 0.0337  2  NDG B C1  
811 C C2  . NDG B .  ? 0.3313 0.3388 0.3392 -0.0149 -0.0657 0.0302  2  NDG B C2  
812 C C3  . NDG B .  ? 0.2953 0.3203 0.3422 -0.0265 -0.0515 0.0359  2  NDG B C3  
813 C C4  . NDG B .  ? 0.2700 0.2917 0.3159 -0.0406 -0.0180 0.0314  2  NDG B C4  
814 C C5  . NDG B .  ? 0.2891 0.2805 0.2492 -0.0300 -0.0321 0.0371  2  NDG B C5  
815 C C6  . NDG B .  ? 0.3208 0.2856 0.2103 -0.0180 -0.0278 0.0142  2  NDG B C6  
816 C C7  . NDG B .  ? 0.3874 0.3786 0.4033 0.0059  -0.1172 0.0145  2  NDG B C7  
817 C C8  . NDG B .  ? 0.4195 0.4031 0.3975 0.0084  -0.1559 -0.0315 2  NDG B C8  
818 O O5  . NDG B .  ? 0.2941 0.2959 0.2693 -0.0425 -0.0563 0.0150  2  NDG B O5  
819 O O3  . NDG B .  ? 0.2775 0.3577 0.3879 -0.0332 -0.0462 0.0212  2  NDG B O3  
820 O O4  . NDG B .  ? 0.3052 0.2723 0.3215 -0.0209 -0.0480 0.0232  2  NDG B O4  
821 O O6  . NDG B .  ? 0.3516 0.2657 0.2255 -0.0267 -0.0124 -0.0042 2  NDG B O6  
822 O O7  . NDG B .  ? 0.3900 0.3611 0.4441 -0.0116 -0.0932 0.0261  2  NDG B O7  
823 N N2  . NDG B .  ? 0.3591 0.3572 0.3708 0.0000  -0.0828 0.0374  2  NDG B N2  
# 
loop_
_pdbx_poly_seq_scheme.asym_id 
_pdbx_poly_seq_scheme.entity_id 
_pdbx_poly_seq_scheme.seq_id 
_pdbx_poly_seq_scheme.mon_id 
_pdbx_poly_seq_scheme.ndb_seq_num 
_pdbx_poly_seq_scheme.pdb_seq_num 
_pdbx_poly_seq_scheme.auth_seq_num 
_pdbx_poly_seq_scheme.pdb_mon_id 
_pdbx_poly_seq_scheme.auth_mon_id 
_pdbx_poly_seq_scheme.pdb_strand_id 
_pdbx_poly_seq_scheme.pdb_ins_code 
_pdbx_poly_seq_scheme.hetero 
A 1 1  GLU 1  1  ?  ?   ?   A . n 
A 1 2  GLU 2  2  ?  ?   ?   A . n 
A 1 3  TYR 3  3  ?  ?   ?   A . n 
A 1 4  VAL 4  4  4  VAL VAL A . n 
A 1 5  GLY 5  5  5  GLY GLY A . n 
A 1 6  LEU 6  6  6  LEU LEU A . n 
A 1 7  SER 7  7  7  SER SER A . n 
A 1 8  ALA 8  8  8  ALA ALA A . n 
A 1 9  ASN 9  9  9  ASN ASN A . n 
A 1 10 GLN 10 10 10 GLN GLN A . n 
A 1 11 CYS 11 11 11 CYS CYS A . n 
A 1 12 ALA 12 12 12 ALA ALA A . n 
A 1 13 VAL 13 13 13 VAL VAL A . n 
A 1 14 PRO 14 14 14 PRO PRO A . n 
A 1 15 ALA 15 15 15 ALA ALA A . n 
A 1 16 MLY 16 16 16 MLY MLY A . n 
A 1 17 ASP 17 17 17 ASP ASP A . n 
A 1 18 ARG 18 18 18 ARG ARG A . n 
A 1 19 VAL 19 19 19 VAL VAL A . n 
A 1 20 ASP 20 20 20 ASP ASP A . n 
A 1 21 CYS 21 21 21 CYS CYS A . n 
A 1 22 GLY 22 22 22 GLY GLY A . n 
A 1 23 TYR 23 23 23 TYR TYR A . n 
A 1 24 PRO 24 24 24 PRO PRO A . n 
A 1 25 HIS 25 25 25 HIS HIS A . n 
A 1 26 VAL 26 26 26 VAL VAL A . n 
A 1 27 THR 27 27 27 THR THR A . n 
A 1 28 PRO 28 28 28 PRO PRO A . n 
A 1 29 MLY 29 29 29 MLY MLY A . n 
A 1 30 GLU 30 30 30 GLU GLU A . n 
A 1 31 CYS 31 31 31 CYS CYS A . n 
A 1 32 ASN 32 32 32 ASN ASN A . n 
A 1 33 ASN 33 33 33 ASN ASN A . n 
A 1 34 ARG 34 34 34 ARG ARG A . n 
A 1 35 GLY 35 35 35 GLY GLY A . n 
A 1 36 CYS 36 36 36 CYS CYS A . n 
A 1 37 CYS 37 37 37 CYS CYS A . n 
A 1 38 PHE 38 38 38 PHE PHE A . n 
A 1 39 ASP 39 39 39 ASP ASP A . n 
A 1 40 SER 40 40 40 SER SER A . n 
A 1 41 ARG 41 41 41 ARG ARG A . n 
A 1 42 ILE 42 42 42 ILE ILE A . n 
A 1 43 PRO 43 43 43 PRO PRO A . n 
A 1 44 GLY 44 44 44 GLY GLY A . n 
A 1 45 VAL 45 45 45 VAL VAL A . n 
A 1 46 PRO 46 46 46 PRO PRO A . n 
A 1 47 TRP 47 47 47 TRP TRP A . n 
A 1 48 CYS 48 48 48 CYS CYS A . n 
A 1 49 PHE 49 49 49 PHE PHE A . n 
A 1 50 MLY 50 50 50 MLY MLY A . n 
A 1 51 PRO 51 51 51 PRO PRO A . n 
A 1 52 LEU 52 52 52 LEU LEU A . n 
A 1 53 GLN 53 53 53 GLN GLN A . n 
A 1 54 GLU 54 54 54 GLU GLU A . n 
A 1 55 ALA 55 55 55 ALA ALA A . n 
A 1 56 GLU 56 56 56 GLU GLU A . n 
A 1 57 SER 57 57 ?  ?   ?   A . n 
A 1 58 THR 58 58 ?  ?   ?   A . n 
A 1 59 LEU 59 59 ?  ?   ?   A . n 
A 1 60 GLU 60 60 ?  ?   ?   A . n 
A 1 61 MLY 61 61 ?  ?   ?   A . n 
# 
loop_
_pdbx_nonpoly_scheme.asym_id 
_pdbx_nonpoly_scheme.entity_id 
_pdbx_nonpoly_scheme.mon_id 
_pdbx_nonpoly_scheme.ndb_seq_num 
_pdbx_nonpoly_scheme.pdb_seq_num 
_pdbx_nonpoly_scheme.auth_seq_num 
_pdbx_nonpoly_scheme.pdb_mon_id 
_pdbx_nonpoly_scheme.auth_mon_id 
_pdbx_nonpoly_scheme.pdb_strand_id 
_pdbx_nonpoly_scheme.pdb_ins_code 
C 3 HOH 1  201 11 HOH HOH A . 
C 3 HOH 2  202 17 HOH HOH A . 
C 3 HOH 3  203 15 HOH HOH A . 
C 3 HOH 4  204 22 HOH HOH A . 
C 3 HOH 5  205 5  HOH HOH A . 
C 3 HOH 6  206 3  HOH HOH A . 
C 3 HOH 7  207 1  HOH HOH A . 
C 3 HOH 8  208 7  HOH HOH A . 
C 3 HOH 9  209 8  HOH HOH A . 
C 3 HOH 10 210 4  HOH HOH A . 
C 3 HOH 11 211 14 HOH HOH A . 
C 3 HOH 12 212 2  HOH HOH A . 
C 3 HOH 13 213 38 HOH HOH A . 
C 3 HOH 14 214 28 HOH HOH A . 
C 3 HOH 15 215 18 HOH HOH A . 
C 3 HOH 16 216 24 HOH HOH A . 
C 3 HOH 17 217 16 HOH HOH A . 
C 3 HOH 18 218 10 HOH HOH A . 
C 3 HOH 19 219 34 HOH HOH A . 
C 3 HOH 20 220 13 HOH HOH A . 
C 3 HOH 21 221 37 HOH HOH A . 
C 3 HOH 22 222 19 HOH HOH A . 
C 3 HOH 23 223 12 HOH HOH A . 
C 3 HOH 24 224 6  HOH HOH A . 
C 3 HOH 25 225 32 HOH HOH A . 
C 3 HOH 26 226 23 HOH HOH A . 
C 3 HOH 27 227 36 HOH HOH A . 
C 3 HOH 28 228 20 HOH HOH A . 
C 3 HOH 29 229 25 HOH HOH A . 
C 3 HOH 30 230 27 HOH HOH A . 
C 3 HOH 31 231 35 HOH HOH A . 
C 3 HOH 32 232 9  HOH HOH A . 
C 3 HOH 33 233 29 HOH HOH A . 
C 3 HOH 34 234 26 HOH HOH A . 
C 3 HOH 35 235 33 HOH HOH A . 
C 3 HOH 36 236 39 HOH HOH A . 
C 3 HOH 37 237 31 HOH HOH A . 
C 3 HOH 38 238 21 HOH HOH A . 
# 
loop_
_pdbx_struct_mod_residue.id 
_pdbx_struct_mod_residue.label_asym_id 
_pdbx_struct_mod_residue.label_comp_id 
_pdbx_struct_mod_residue.label_seq_id 
_pdbx_struct_mod_residue.auth_asym_id 
_pdbx_struct_mod_residue.auth_comp_id 
_pdbx_struct_mod_residue.auth_seq_id 
_pdbx_struct_mod_residue.PDB_ins_code 
_pdbx_struct_mod_residue.parent_comp_id 
_pdbx_struct_mod_residue.details 
1 A MLY 16 A MLY 16 ? LYS 'modified residue' 
2 A MLY 29 A MLY 29 ? LYS 'modified residue' 
3 A MLY 50 A MLY 50 ? LYS 'modified residue' 
# 
_pdbx_struct_assembly.id                   1 
_pdbx_struct_assembly.details              author_defined_assembly 
_pdbx_struct_assembly.method_details       ? 
_pdbx_struct_assembly.oligomeric_details   monomeric 
_pdbx_struct_assembly.oligomeric_count     1 
# 
_pdbx_struct_assembly_gen.assembly_id       1 
_pdbx_struct_assembly_gen.oper_expression   1 
_pdbx_struct_assembly_gen.asym_id_list      A,B,C 
# 
_pdbx_struct_oper_list.id                   1 
_pdbx_struct_oper_list.type                 'identity operation' 
_pdbx_struct_oper_list.name                 1_555 
_pdbx_struct_oper_list.symmetry_operation   x,y,z 
_pdbx_struct_oper_list.matrix[1][1]         1.0000000000 
_pdbx_struct_oper_list.matrix[1][2]         0.0000000000 
_pdbx_struct_oper_list.matrix[1][3]         0.0000000000 
_pdbx_struct_oper_list.vector[1]            0.0000000000 
_pdbx_struct_oper_list.matrix[2][1]         0.0000000000 
_pdbx_struct_oper_list.matrix[2][2]         1.0000000000 
_pdbx_struct_oper_list.matrix[2][3]         0.0000000000 
_pdbx_struct_oper_list.vector[2]            0.0000000000 
_pdbx_struct_oper_list.matrix[3][1]         0.0000000000 
_pdbx_struct_oper_list.matrix[3][2]         0.0000000000 
_pdbx_struct_oper_list.matrix[3][3]         1.0000000000 
_pdbx_struct_oper_list.vector[3]            0.0000000000 
# 
_pdbx_struct_special_symmetry.id              1 
_pdbx_struct_special_symmetry.PDB_model_num   1 
_pdbx_struct_special_symmetry.auth_asym_id    A 
_pdbx_struct_special_symmetry.auth_comp_id    HOH 
_pdbx_struct_special_symmetry.auth_seq_id     238 
_pdbx_struct_special_symmetry.PDB_ins_code    ? 
_pdbx_struct_special_symmetry.label_asym_id   C 
_pdbx_struct_special_symmetry.label_comp_id   HOH 
_pdbx_struct_special_symmetry.label_seq_id    . 
# 
loop_
_pdbx_audit_revision_history.ordinal 
_pdbx_audit_revision_history.data_content_type 
_pdbx_audit_revision_history.major_revision 
_pdbx_audit_revision_history.minor_revision 
_pdbx_audit_revision_history.revision_date 
1 'Structure model' 1 0 2019-12-11 
2 'Structure model' 1 1 2020-05-27 
3 'Structure model' 2 0 2020-07-29 
4 'Structure model' 2 1 2023-10-11 
# 
loop_
_pdbx_audit_revision_details.ordinal 
_pdbx_audit_revision_details.revision_ordinal 
_pdbx_audit_revision_details.data_content_type 
_pdbx_audit_revision_details.provider 
_pdbx_audit_revision_details.type 
_pdbx_audit_revision_details.description 
_pdbx_audit_revision_details.details 
1 1 'Structure model' repository 'Initial release' ?                          ? 
2 3 'Structure model' repository Remediation       'Carbohydrate remediation' ? 
# 
loop_
_pdbx_audit_revision_group.ordinal 
_pdbx_audit_revision_group.revision_ordinal 
_pdbx_audit_revision_group.data_content_type 
_pdbx_audit_revision_group.group 
1  2 'Structure model' 'Database references'        
2  3 'Structure model' 'Atomic model'               
3  3 'Structure model' 'Author supporting evidence' 
4  3 'Structure model' 'Data collection'            
5  3 'Structure model' 'Derived calculations'       
6  3 'Structure model' 'Non-polymer description'    
7  3 'Structure model' 'Structure summary'          
8  4 'Structure model' 'Data collection'            
9  4 'Structure model' 'Database references'        
10 4 'Structure model' 'Refinement description'     
11 4 'Structure model' 'Structure summary'          
# 
loop_
_pdbx_audit_revision_category.ordinal 
_pdbx_audit_revision_category.revision_ordinal 
_pdbx_audit_revision_category.data_content_type 
_pdbx_audit_revision_category.category 
1  2 'Structure model' citation                      
2  2 'Structure model' citation_author               
3  3 'Structure model' atom_site                     
4  3 'Structure model' atom_site_anisotrop           
5  3 'Structure model' chem_comp                     
6  3 'Structure model' entity                        
7  3 'Structure model' pdbx_branch_scheme            
8  3 'Structure model' pdbx_chem_comp_identifier     
9  3 'Structure model' pdbx_entity_branch            
10 3 'Structure model' pdbx_entity_branch_descriptor 
11 3 'Structure model' pdbx_entity_branch_link       
12 3 'Structure model' pdbx_entity_branch_list       
13 3 'Structure model' pdbx_entity_instance_feature  
14 3 'Structure model' pdbx_entity_nonpoly           
15 3 'Structure model' pdbx_nonpoly_scheme           
16 3 'Structure model' struct_conn                   
17 3 'Structure model' struct_site                   
18 3 'Structure model' struct_site_gen               
19 4 'Structure model' chem_comp                     
20 4 'Structure model' chem_comp_atom                
21 4 'Structure model' chem_comp_bond                
22 4 'Structure model' database_2                    
23 4 'Structure model' pdbx_initial_refinement_model 
# 
loop_
_pdbx_audit_revision_item.ordinal 
_pdbx_audit_revision_item.revision_ordinal 
_pdbx_audit_revision_item.data_content_type 
_pdbx_audit_revision_item.item 
1  2 'Structure model' '_citation.country'                       
2  2 'Structure model' '_citation.journal_abbrev'                
3  2 'Structure model' '_citation.journal_id_ISSN'               
4  2 'Structure model' '_citation.journal_volume'                
5  2 'Structure model' '_citation.page_first'                    
6  2 'Structure model' '_citation.page_last'                     
7  2 'Structure model' '_citation.pdbx_database_id_DOI'          
8  2 'Structure model' '_citation.pdbx_database_id_PubMed'       
9  2 'Structure model' '_citation.title'                         
10 2 'Structure model' '_citation.year'                          
11 3 'Structure model' '_atom_site.B_iso_or_equiv'               
12 3 'Structure model' '_atom_site.Cartn_x'                      
13 3 'Structure model' '_atom_site.Cartn_y'                      
14 3 'Structure model' '_atom_site.Cartn_z'                      
15 3 'Structure model' '_atom_site.auth_asym_id'                 
16 3 'Structure model' '_atom_site.auth_atom_id'                 
17 3 'Structure model' '_atom_site.auth_comp_id'                 
18 3 'Structure model' '_atom_site.auth_seq_id'                  
19 3 'Structure model' '_atom_site.label_atom_id'                
20 3 'Structure model' '_atom_site.label_comp_id'                
21 3 'Structure model' '_atom_site.type_symbol'                  
22 3 'Structure model' '_atom_site_anisotrop.U[1][1]'            
23 3 'Structure model' '_atom_site_anisotrop.U[1][2]'            
24 3 'Structure model' '_atom_site_anisotrop.U[1][3]'            
25 3 'Structure model' '_atom_site_anisotrop.U[2][2]'            
26 3 'Structure model' '_atom_site_anisotrop.U[2][3]'            
27 3 'Structure model' '_atom_site_anisotrop.U[3][3]'            
28 3 'Structure model' '_atom_site_anisotrop.id'                 
29 3 'Structure model' '_atom_site_anisotrop.pdbx_auth_asym_id'  
30 3 'Structure model' '_atom_site_anisotrop.pdbx_auth_atom_id'  
31 3 'Structure model' '_atom_site_anisotrop.pdbx_auth_comp_id'  
32 3 'Structure model' '_atom_site_anisotrop.pdbx_auth_seq_id'   
33 3 'Structure model' '_atom_site_anisotrop.pdbx_label_atom_id' 
34 3 'Structure model' '_atom_site_anisotrop.pdbx_label_comp_id' 
35 3 'Structure model' '_atom_site_anisotrop.type_symbol'        
36 3 'Structure model' '_chem_comp.formula'                      
37 3 'Structure model' '_chem_comp.formula_weight'               
38 3 'Structure model' '_chem_comp.id'                           
39 3 'Structure model' '_chem_comp.mon_nstd_flag'                
40 3 'Structure model' '_chem_comp.name'                         
41 3 'Structure model' '_chem_comp.type'                         
42 3 'Structure model' '_entity.formula_weight'                  
43 3 'Structure model' '_entity.pdbx_description'                
44 3 'Structure model' '_entity.src_method'                      
45 3 'Structure model' '_entity.type'                            
46 4 'Structure model' '_chem_comp.pdbx_synonyms'                
47 4 'Structure model' '_database_2.pdbx_DOI'                    
48 4 'Structure model' '_database_2.pdbx_database_accession'     
# 
_phasing.method   MR 
# 
loop_
_software.citation_id 
_software.classification 
_software.compiler_name 
_software.compiler_version 
_software.contact_author 
_software.contact_author_email 
_software.date 
_software.description 
_software.dependencies 
_software.hardware 
_software.language 
_software.location 
_software.mods 
_software.name 
_software.os 
_software.os_version 
_software.type 
_software.version 
_software.pdbx_ordinal 
? 'data reduction'  ? ? 'Wolfgang Kabsch' Wolfgang.Kabsch@mpimf-heidelberg.mpg.de ?              ? ? ? ?   
http://www.mpimf-heidelberg.mpg.de/~kabsch/xds/     ? XDS         ? ? package .         1 
? 'data scaling'    ? ? 'Phil Evans'      ?                                       15/08/18       ? ? ? ?   
http://www.mrc-lmb.cam.ac.uk/harry/pre/aimless.html ? Aimless     ? ? program 0.7.3     2 
? phasing           ? ? 'Randy J. Read'   cimr-phaser@lists.cam.ac.uk             ?              ? ? ? ?   
http://www-structmed.cimr.cam.ac.uk/phaser/         ? PHASER      ? ? program .         3 
? refinement        ? ? 'Paul D. Adams'   PDAdams@lbl.gov                         ?              ? ? ? C++ 
http://www.phenix-online.org/                       ? PHENIX      ? ? package 1.16_3549 4 
? 'data extraction' ? ? PDB               deposit@deposit.rcsb.org                'Apr. 1, 2019' ? ? ? C++ 
http://sw-tools.pdb.org/apps/PDB_EXTRACT/           ? PDB_EXTRACT ? ? package 3.25      5 
# 
_pdbx_entry_details.entry_id                 6V1C 
_pdbx_entry_details.has_ligand_of_interest   Y 
_pdbx_entry_details.compound_details         ? 
_pdbx_entry_details.source_details           ? 
_pdbx_entry_details.nonpolymer_details       ? 
_pdbx_entry_details.sequence_details         ? 
# 
loop_
_pdbx_unobs_or_zero_occ_atoms.id 
_pdbx_unobs_or_zero_occ_atoms.PDB_model_num 
_pdbx_unobs_or_zero_occ_atoms.polymer_flag 
_pdbx_unobs_or_zero_occ_atoms.occupancy_flag 
_pdbx_unobs_or_zero_occ_atoms.auth_asym_id 
_pdbx_unobs_or_zero_occ_atoms.auth_comp_id 
_pdbx_unobs_or_zero_occ_atoms.auth_seq_id 
_pdbx_unobs_or_zero_occ_atoms.PDB_ins_code 
_pdbx_unobs_or_zero_occ_atoms.auth_atom_id 
_pdbx_unobs_or_zero_occ_atoms.label_alt_id 
_pdbx_unobs_or_zero_occ_atoms.label_asym_id 
_pdbx_unobs_or_zero_occ_atoms.label_comp_id 
_pdbx_unobs_or_zero_occ_atoms.label_seq_id 
_pdbx_unobs_or_zero_occ_atoms.label_atom_id 
1 1 Y 1 A GLU 56 ? CB  ? A GLU 56 CB  
2 1 Y 1 A GLU 56 ? CG  ? A GLU 56 CG  
3 1 Y 1 A GLU 56 ? CD  ? A GLU 56 CD  
4 1 Y 1 A GLU 56 ? OE1 ? A GLU 56 OE1 
5 1 Y 1 A GLU 56 ? OE2 ? A GLU 56 OE2 
# 
loop_
_pdbx_unobs_or_zero_occ_residues.id 
_pdbx_unobs_or_zero_occ_residues.PDB_model_num 
_pdbx_unobs_or_zero_occ_residues.polymer_flag 
_pdbx_unobs_or_zero_occ_residues.occupancy_flag 
_pdbx_unobs_or_zero_occ_residues.auth_asym_id 
_pdbx_unobs_or_zero_occ_residues.auth_comp_id 
_pdbx_unobs_or_zero_occ_residues.auth_seq_id 
_pdbx_unobs_or_zero_occ_residues.PDB_ins_code 
_pdbx_unobs_or_zero_occ_residues.label_asym_id 
_pdbx_unobs_or_zero_occ_residues.label_comp_id 
_pdbx_unobs_or_zero_occ_residues.label_seq_id 
1 1 Y 1 A GLU 1  ? A GLU 1  
2 1 Y 1 A GLU 2  ? A GLU 2  
3 1 Y 1 A TYR 3  ? A TYR 3  
4 1 Y 1 A SER 57 ? A SER 57 
5 1 Y 1 A THR 58 ? A THR 58 
6 1 Y 1 A LEU 59 ? A LEU 59 
7 1 Y 1 A GLU 60 ? A GLU 60 
8 1 Y 1 A MLY 61 ? A MLY 61 
# 
loop_
_chem_comp_atom.comp_id 
_chem_comp_atom.atom_id 
_chem_comp_atom.type_symbol 
_chem_comp_atom.pdbx_aromatic_flag 
_chem_comp_atom.pdbx_stereo_config 
_chem_comp_atom.pdbx_ordinal 
ALA N    N N N 1   
ALA CA   C N S 2   
ALA C    C N N 3   
ALA O    O N N 4   
ALA CB   C N N 5   
ALA OXT  O N N 6   
ALA H    H N N 7   
ALA H2   H N N 8   
ALA HA   H N N 9   
ALA HB1  H N N 10  
ALA HB2  H N N 11  
ALA HB3  H N N 12  
ALA HXT  H N N 13  
ARG N    N N N 14  
ARG CA   C N S 15  
ARG C    C N N 16  
ARG O    O N N 17  
ARG CB   C N N 18  
ARG CG   C N N 19  
ARG CD   C N N 20  
ARG NE   N N N 21  
ARG CZ   C N N 22  
ARG NH1  N N N 23  
ARG NH2  N N N 24  
ARG OXT  O N N 25  
ARG H    H N N 26  
ARG H2   H N N 27  
ARG HA   H N N 28  
ARG HB2  H N N 29  
ARG HB3  H N N 30  
ARG HG2  H N N 31  
ARG HG3  H N N 32  
ARG HD2  H N N 33  
ARG HD3  H N N 34  
ARG HE   H N N 35  
ARG HH11 H N N 36  
ARG HH12 H N N 37  
ARG HH21 H N N 38  
ARG HH22 H N N 39  
ARG HXT  H N N 40  
ASN N    N N N 41  
ASN CA   C N S 42  
ASN C    C N N 43  
ASN O    O N N 44  
ASN CB   C N N 45  
ASN CG   C N N 46  
ASN OD1  O N N 47  
ASN ND2  N N N 48  
ASN OXT  O N N 49  
ASN H    H N N 50  
ASN H2   H N N 51  
ASN HA   H N N 52  
ASN HB2  H N N 53  
ASN HB3  H N N 54  
ASN HD21 H N N 55  
ASN HD22 H N N 56  
ASN HXT  H N N 57  
ASP N    N N N 58  
ASP CA   C N S 59  
ASP C    C N N 60  
ASP O    O N N 61  
ASP CB   C N N 62  
ASP CG   C N N 63  
ASP OD1  O N N 64  
ASP OD2  O N N 65  
ASP OXT  O N N 66  
ASP H    H N N 67  
ASP H2   H N N 68  
ASP HA   H N N 69  
ASP HB2  H N N 70  
ASP HB3  H N N 71  
ASP HD2  H N N 72  
ASP HXT  H N N 73  
CYS N    N N N 74  
CYS CA   C N R 75  
CYS C    C N N 76  
CYS O    O N N 77  
CYS CB   C N N 78  
CYS SG   S N N 79  
CYS OXT  O N N 80  
CYS H    H N N 81  
CYS H2   H N N 82  
CYS HA   H N N 83  
CYS HB2  H N N 84  
CYS HB3  H N N 85  
CYS HG   H N N 86  
CYS HXT  H N N 87  
GAL C1   C N R 88  
GAL C2   C N R 89  
GAL C3   C N S 90  
GAL C4   C N R 91  
GAL C5   C N R 92  
GAL C6   C N N 93  
GAL O1   O N N 94  
GAL O2   O N N 95  
GAL O3   O N N 96  
GAL O4   O N N 97  
GAL O5   O N N 98  
GAL O6   O N N 99  
GAL H1   H N N 100 
GAL H2   H N N 101 
GAL H3   H N N 102 
GAL H4   H N N 103 
GAL H5   H N N 104 
GAL H61  H N N 105 
GAL H62  H N N 106 
GAL HO1  H N N 107 
GAL HO2  H N N 108 
GAL HO3  H N N 109 
GAL HO4  H N N 110 
GAL HO6  H N N 111 
GLN N    N N N 112 
GLN CA   C N S 113 
GLN C    C N N 114 
GLN O    O N N 115 
GLN CB   C N N 116 
GLN CG   C N N 117 
GLN CD   C N N 118 
GLN OE1  O N N 119 
GLN NE2  N N N 120 
GLN OXT  O N N 121 
GLN H    H N N 122 
GLN H2   H N N 123 
GLN HA   H N N 124 
GLN HB2  H N N 125 
GLN HB3  H N N 126 
GLN HG2  H N N 127 
GLN HG3  H N N 128 
GLN HE21 H N N 129 
GLN HE22 H N N 130 
GLN HXT  H N N 131 
GLU N    N N N 132 
GLU CA   C N S 133 
GLU C    C N N 134 
GLU O    O N N 135 
GLU CB   C N N 136 
GLU CG   C N N 137 
GLU CD   C N N 138 
GLU OE1  O N N 139 
GLU OE2  O N N 140 
GLU OXT  O N N 141 
GLU H    H N N 142 
GLU H2   H N N 143 
GLU HA   H N N 144 
GLU HB2  H N N 145 
GLU HB3  H N N 146 
GLU HG2  H N N 147 
GLU HG3  H N N 148 
GLU HE2  H N N 149 
GLU HXT  H N N 150 
GLY N    N N N 151 
GLY CA   C N N 152 
GLY C    C N N 153 
GLY O    O N N 154 
GLY OXT  O N N 155 
GLY H    H N N 156 
GLY H2   H N N 157 
GLY HA2  H N N 158 
GLY HA3  H N N 159 
GLY HXT  H N N 160 
HIS N    N N N 161 
HIS CA   C N S 162 
HIS C    C N N 163 
HIS O    O N N 164 
HIS CB   C N N 165 
HIS CG   C Y N 166 
HIS ND1  N Y N 167 
HIS CD2  C Y N 168 
HIS CE1  C Y N 169 
HIS NE2  N Y N 170 
HIS OXT  O N N 171 
HIS H    H N N 172 
HIS H2   H N N 173 
HIS HA   H N N 174 
HIS HB2  H N N 175 
HIS HB3  H N N 176 
HIS HD1  H N N 177 
HIS HD2  H N N 178 
HIS HE1  H N N 179 
HIS HE2  H N N 180 
HIS HXT  H N N 181 
HOH O    O N N 182 
HOH H1   H N N 183 
HOH H2   H N N 184 
ILE N    N N N 185 
ILE CA   C N S 186 
ILE C    C N N 187 
ILE O    O N N 188 
ILE CB   C N S 189 
ILE CG1  C N N 190 
ILE CG2  C N N 191 
ILE CD1  C N N 192 
ILE OXT  O N N 193 
ILE H    H N N 194 
ILE H2   H N N 195 
ILE HA   H N N 196 
ILE HB   H N N 197 
ILE HG12 H N N 198 
ILE HG13 H N N 199 
ILE HG21 H N N 200 
ILE HG22 H N N 201 
ILE HG23 H N N 202 
ILE HD11 H N N 203 
ILE HD12 H N N 204 
ILE HD13 H N N 205 
ILE HXT  H N N 206 
LEU N    N N N 207 
LEU CA   C N S 208 
LEU C    C N N 209 
LEU O    O N N 210 
LEU CB   C N N 211 
LEU CG   C N N 212 
LEU CD1  C N N 213 
LEU CD2  C N N 214 
LEU OXT  O N N 215 
LEU H    H N N 216 
LEU H2   H N N 217 
LEU HA   H N N 218 
LEU HB2  H N N 219 
LEU HB3  H N N 220 
LEU HG   H N N 221 
LEU HD11 H N N 222 
LEU HD12 H N N 223 
LEU HD13 H N N 224 
LEU HD21 H N N 225 
LEU HD22 H N N 226 
LEU HD23 H N N 227 
LEU HXT  H N N 228 
MLY N    N N N 229 
MLY CA   C N S 230 
MLY CB   C N N 231 
MLY CG   C N N 232 
MLY CD   C N N 233 
MLY CE   C N N 234 
MLY NZ   N N N 235 
MLY CH1  C N N 236 
MLY CH2  C N N 237 
MLY C    C N N 238 
MLY O    O N N 239 
MLY OXT  O N N 240 
MLY H    H N N 241 
MLY H2   H N N 242 
MLY HA   H N N 243 
MLY HB2  H N N 244 
MLY HB3  H N N 245 
MLY HG2  H N N 246 
MLY HG3  H N N 247 
MLY HD2  H N N 248 
MLY HD3  H N N 249 
MLY HE2  H N N 250 
MLY HE3  H N N 251 
MLY HH11 H N N 252 
MLY HH12 H N N 253 
MLY HH13 H N N 254 
MLY HH21 H N N 255 
MLY HH22 H N N 256 
MLY HH23 H N N 257 
MLY HXT  H N N 258 
NDG C1   C N S 259 
NDG C2   C N R 260 
NDG C3   C N R 261 
NDG C4   C N S 262 
NDG C5   C N R 263 
NDG C6   C N N 264 
NDG C7   C N N 265 
NDG C8   C N N 266 
NDG O5   O N N 267 
NDG O3   O N N 268 
NDG O4   O N N 269 
NDG O6   O N N 270 
NDG O7   O N N 271 
NDG N2   N N N 272 
NDG O1   O N N 273 
NDG H1   H N N 274 
NDG H2   H N N 275 
NDG H3   H N N 276 
NDG H4   H N N 277 
NDG H5   H N N 278 
NDG H61  H N N 279 
NDG H62  H N N 280 
NDG H81  H N N 281 
NDG H82  H N N 282 
NDG H83  H N N 283 
NDG HO3  H N N 284 
NDG HO4  H N N 285 
NDG HO6  H N N 286 
NDG HN2  H N N 287 
NDG HO1  H N N 288 
PHE N    N N N 289 
PHE CA   C N S 290 
PHE C    C N N 291 
PHE O    O N N 292 
PHE CB   C N N 293 
PHE CG   C Y N 294 
PHE CD1  C Y N 295 
PHE CD2  C Y N 296 
PHE CE1  C Y N 297 
PHE CE2  C Y N 298 
PHE CZ   C Y N 299 
PHE OXT  O N N 300 
PHE H    H N N 301 
PHE H2   H N N 302 
PHE HA   H N N 303 
PHE HB2  H N N 304 
PHE HB3  H N N 305 
PHE HD1  H N N 306 
PHE HD2  H N N 307 
PHE HE1  H N N 308 
PHE HE2  H N N 309 
PHE HZ   H N N 310 
PHE HXT  H N N 311 
PRO N    N N N 312 
PRO CA   C N S 313 
PRO C    C N N 314 
PRO O    O N N 315 
PRO CB   C N N 316 
PRO CG   C N N 317 
PRO CD   C N N 318 
PRO OXT  O N N 319 
PRO H    H N N 320 
PRO HA   H N N 321 
PRO HB2  H N N 322 
PRO HB3  H N N 323 
PRO HG2  H N N 324 
PRO HG3  H N N 325 
PRO HD2  H N N 326 
PRO HD3  H N N 327 
PRO HXT  H N N 328 
SER N    N N N 329 
SER CA   C N S 330 
SER C    C N N 331 
SER O    O N N 332 
SER CB   C N N 333 
SER OG   O N N 334 
SER OXT  O N N 335 
SER H    H N N 336 
SER H2   H N N 337 
SER HA   H N N 338 
SER HB2  H N N 339 
SER HB3  H N N 340 
SER HG   H N N 341 
SER HXT  H N N 342 
THR N    N N N 343 
THR CA   C N S 344 
THR C    C N N 345 
THR O    O N N 346 
THR CB   C N R 347 
THR OG1  O N N 348 
THR CG2  C N N 349 
THR OXT  O N N 350 
THR H    H N N 351 
THR H2   H N N 352 
THR HA   H N N 353 
THR HB   H N N 354 
THR HG1  H N N 355 
THR HG21 H N N 356 
THR HG22 H N N 357 
THR HG23 H N N 358 
THR HXT  H N N 359 
TRP N    N N N 360 
TRP CA   C N S 361 
TRP C    C N N 362 
TRP O    O N N 363 
TRP CB   C N N 364 
TRP CG   C Y N 365 
TRP CD1  C Y N 366 
TRP CD2  C Y N 367 
TRP NE1  N Y N 368 
TRP CE2  C Y N 369 
TRP CE3  C Y N 370 
TRP CZ2  C Y N 371 
TRP CZ3  C Y N 372 
TRP CH2  C Y N 373 
TRP OXT  O N N 374 
TRP H    H N N 375 
TRP H2   H N N 376 
TRP HA   H N N 377 
TRP HB2  H N N 378 
TRP HB3  H N N 379 
TRP HD1  H N N 380 
TRP HE1  H N N 381 
TRP HE3  H N N 382 
TRP HZ2  H N N 383 
TRP HZ3  H N N 384 
TRP HH2  H N N 385 
TRP HXT  H N N 386 
TYR N    N N N 387 
TYR CA   C N S 388 
TYR C    C N N 389 
TYR O    O N N 390 
TYR CB   C N N 391 
TYR CG   C Y N 392 
TYR CD1  C Y N 393 
TYR CD2  C Y N 394 
TYR CE1  C Y N 395 
TYR CE2  C Y N 396 
TYR CZ   C Y N 397 
TYR OH   O N N 398 
TYR OXT  O N N 399 
TYR H    H N N 400 
TYR H2   H N N 401 
TYR HA   H N N 402 
TYR HB2  H N N 403 
TYR HB3  H N N 404 
TYR HD1  H N N 405 
TYR HD2  H N N 406 
TYR HE1  H N N 407 
TYR HE2  H N N 408 
TYR HH   H N N 409 
TYR HXT  H N N 410 
VAL N    N N N 411 
VAL CA   C N S 412 
VAL C    C N N 413 
VAL O    O N N 414 
VAL CB   C N N 415 
VAL CG1  C N N 416 
VAL CG2  C N N 417 
VAL OXT  O N N 418 
VAL H    H N N 419 
VAL H2   H N N 420 
VAL HA   H N N 421 
VAL HB   H N N 422 
VAL HG11 H N N 423 
VAL HG12 H N N 424 
VAL HG13 H N N 425 
VAL HG21 H N N 426 
VAL HG22 H N N 427 
VAL HG23 H N N 428 
VAL HXT  H N N 429 
# 
loop_
_chem_comp_bond.comp_id 
_chem_comp_bond.atom_id_1 
_chem_comp_bond.atom_id_2 
_chem_comp_bond.value_order 
_chem_comp_bond.pdbx_aromatic_flag 
_chem_comp_bond.pdbx_stereo_config 
_chem_comp_bond.pdbx_ordinal 
ALA N   CA   sing N N 1   
ALA N   H    sing N N 2   
ALA N   H2   sing N N 3   
ALA CA  C    sing N N 4   
ALA CA  CB   sing N N 5   
ALA CA  HA   sing N N 6   
ALA C   O    doub N N 7   
ALA C   OXT  sing N N 8   
ALA CB  HB1  sing N N 9   
ALA CB  HB2  sing N N 10  
ALA CB  HB3  sing N N 11  
ALA OXT HXT  sing N N 12  
ARG N   CA   sing N N 13  
ARG N   H    sing N N 14  
ARG N   H2   sing N N 15  
ARG CA  C    sing N N 16  
ARG CA  CB   sing N N 17  
ARG CA  HA   sing N N 18  
ARG C   O    doub N N 19  
ARG C   OXT  sing N N 20  
ARG CB  CG   sing N N 21  
ARG CB  HB2  sing N N 22  
ARG CB  HB3  sing N N 23  
ARG CG  CD   sing N N 24  
ARG CG  HG2  sing N N 25  
ARG CG  HG3  sing N N 26  
ARG CD  NE   sing N N 27  
ARG CD  HD2  sing N N 28  
ARG CD  HD3  sing N N 29  
ARG NE  CZ   sing N N 30  
ARG NE  HE   sing N N 31  
ARG CZ  NH1  sing N N 32  
ARG CZ  NH2  doub N N 33  
ARG NH1 HH11 sing N N 34  
ARG NH1 HH12 sing N N 35  
ARG NH2 HH21 sing N N 36  
ARG NH2 HH22 sing N N 37  
ARG OXT HXT  sing N N 38  
ASN N   CA   sing N N 39  
ASN N   H    sing N N 40  
ASN N   H2   sing N N 41  
ASN CA  C    sing N N 42  
ASN CA  CB   sing N N 43  
ASN CA  HA   sing N N 44  
ASN C   O    doub N N 45  
ASN C   OXT  sing N N 46  
ASN CB  CG   sing N N 47  
ASN CB  HB2  sing N N 48  
ASN CB  HB3  sing N N 49  
ASN CG  OD1  doub N N 50  
ASN CG  ND2  sing N N 51  
ASN ND2 HD21 sing N N 52  
ASN ND2 HD22 sing N N 53  
ASN OXT HXT  sing N N 54  
ASP N   CA   sing N N 55  
ASP N   H    sing N N 56  
ASP N   H2   sing N N 57  
ASP CA  C    sing N N 58  
ASP CA  CB   sing N N 59  
ASP CA  HA   sing N N 60  
ASP C   O    doub N N 61  
ASP C   OXT  sing N N 62  
ASP CB  CG   sing N N 63  
ASP CB  HB2  sing N N 64  
ASP CB  HB3  sing N N 65  
ASP CG  OD1  doub N N 66  
ASP CG  OD2  sing N N 67  
ASP OD2 HD2  sing N N 68  
ASP OXT HXT  sing N N 69  
CYS N   CA   sing N N 70  
CYS N   H    sing N N 71  
CYS N   H2   sing N N 72  
CYS CA  C    sing N N 73  
CYS CA  CB   sing N N 74  
CYS CA  HA   sing N N 75  
CYS C   O    doub N N 76  
CYS C   OXT  sing N N 77  
CYS CB  SG   sing N N 78  
CYS CB  HB2  sing N N 79  
CYS CB  HB3  sing N N 80  
CYS SG  HG   sing N N 81  
CYS OXT HXT  sing N N 82  
GAL C1  C2   sing N N 83  
GAL C1  O1   sing N N 84  
GAL C1  O5   sing N N 85  
GAL C1  H1   sing N N 86  
GAL C2  C3   sing N N 87  
GAL C2  O2   sing N N 88  
GAL C2  H2   sing N N 89  
GAL C3  C4   sing N N 90  
GAL C3  O3   sing N N 91  
GAL C3  H3   sing N N 92  
GAL C4  C5   sing N N 93  
GAL C4  O4   sing N N 94  
GAL C4  H4   sing N N 95  
GAL C5  C6   sing N N 96  
GAL C5  O5   sing N N 97  
GAL C5  H5   sing N N 98  
GAL C6  O6   sing N N 99  
GAL C6  H61  sing N N 100 
GAL C6  H62  sing N N 101 
GAL O1  HO1  sing N N 102 
GAL O2  HO2  sing N N 103 
GAL O3  HO3  sing N N 104 
GAL O4  HO4  sing N N 105 
GAL O6  HO6  sing N N 106 
GLN N   CA   sing N N 107 
GLN N   H    sing N N 108 
GLN N   H2   sing N N 109 
GLN CA  C    sing N N 110 
GLN CA  CB   sing N N 111 
GLN CA  HA   sing N N 112 
GLN C   O    doub N N 113 
GLN C   OXT  sing N N 114 
GLN CB  CG   sing N N 115 
GLN CB  HB2  sing N N 116 
GLN CB  HB3  sing N N 117 
GLN CG  CD   sing N N 118 
GLN CG  HG2  sing N N 119 
GLN CG  HG3  sing N N 120 
GLN CD  OE1  doub N N 121 
GLN CD  NE2  sing N N 122 
GLN NE2 HE21 sing N N 123 
GLN NE2 HE22 sing N N 124 
GLN OXT HXT  sing N N 125 
GLU N   CA   sing N N 126 
GLU N   H    sing N N 127 
GLU N   H2   sing N N 128 
GLU CA  C    sing N N 129 
GLU CA  CB   sing N N 130 
GLU CA  HA   sing N N 131 
GLU C   O    doub N N 132 
GLU C   OXT  sing N N 133 
GLU CB  CG   sing N N 134 
GLU CB  HB2  sing N N 135 
GLU CB  HB3  sing N N 136 
GLU CG  CD   sing N N 137 
GLU CG  HG2  sing N N 138 
GLU CG  HG3  sing N N 139 
GLU CD  OE1  doub N N 140 
GLU CD  OE2  sing N N 141 
GLU OE2 HE2  sing N N 142 
GLU OXT HXT  sing N N 143 
GLY N   CA   sing N N 144 
GLY N   H    sing N N 145 
GLY N   H2   sing N N 146 
GLY CA  C    sing N N 147 
GLY CA  HA2  sing N N 148 
GLY CA  HA3  sing N N 149 
GLY C   O    doub N N 150 
GLY C   OXT  sing N N 151 
GLY OXT HXT  sing N N 152 
HIS N   CA   sing N N 153 
HIS N   H    sing N N 154 
HIS N   H2   sing N N 155 
HIS CA  C    sing N N 156 
HIS CA  CB   sing N N 157 
HIS CA  HA   sing N N 158 
HIS C   O    doub N N 159 
HIS C   OXT  sing N N 160 
HIS CB  CG   sing N N 161 
HIS CB  HB2  sing N N 162 
HIS CB  HB3  sing N N 163 
HIS CG  ND1  sing Y N 164 
HIS CG  CD2  doub Y N 165 
HIS ND1 CE1  doub Y N 166 
HIS ND1 HD1  sing N N 167 
HIS CD2 NE2  sing Y N 168 
HIS CD2 HD2  sing N N 169 
HIS CE1 NE2  sing Y N 170 
HIS CE1 HE1  sing N N 171 
HIS NE2 HE2  sing N N 172 
HIS OXT HXT  sing N N 173 
HOH O   H1   sing N N 174 
HOH O   H2   sing N N 175 
ILE N   CA   sing N N 176 
ILE N   H    sing N N 177 
ILE N   H2   sing N N 178 
ILE CA  C    sing N N 179 
ILE CA  CB   sing N N 180 
ILE CA  HA   sing N N 181 
ILE C   O    doub N N 182 
ILE C   OXT  sing N N 183 
ILE CB  CG1  sing N N 184 
ILE CB  CG2  sing N N 185 
ILE CB  HB   sing N N 186 
ILE CG1 CD1  sing N N 187 
ILE CG1 HG12 sing N N 188 
ILE CG1 HG13 sing N N 189 
ILE CG2 HG21 sing N N 190 
ILE CG2 HG22 sing N N 191 
ILE CG2 HG23 sing N N 192 
ILE CD1 HD11 sing N N 193 
ILE CD1 HD12 sing N N 194 
ILE CD1 HD13 sing N N 195 
ILE OXT HXT  sing N N 196 
LEU N   CA   sing N N 197 
LEU N   H    sing N N 198 
LEU N   H2   sing N N 199 
LEU CA  C    sing N N 200 
LEU CA  CB   sing N N 201 
LEU CA  HA   sing N N 202 
LEU C   O    doub N N 203 
LEU C   OXT  sing N N 204 
LEU CB  CG   sing N N 205 
LEU CB  HB2  sing N N 206 
LEU CB  HB3  sing N N 207 
LEU CG  CD1  sing N N 208 
LEU CG  CD2  sing N N 209 
LEU CG  HG   sing N N 210 
LEU CD1 HD11 sing N N 211 
LEU CD1 HD12 sing N N 212 
LEU CD1 HD13 sing N N 213 
LEU CD2 HD21 sing N N 214 
LEU CD2 HD22 sing N N 215 
LEU CD2 HD23 sing N N 216 
LEU OXT HXT  sing N N 217 
MLY N   CA   sing N N 218 
MLY N   H    sing N N 219 
MLY N   H2   sing N N 220 
MLY CA  CB   sing N N 221 
MLY CA  C    sing N N 222 
MLY CA  HA   sing N N 223 
MLY CB  CG   sing N N 224 
MLY CB  HB2  sing N N 225 
MLY CB  HB3  sing N N 226 
MLY CG  CD   sing N N 227 
MLY CG  HG2  sing N N 228 
MLY CG  HG3  sing N N 229 
MLY CD  CE   sing N N 230 
MLY CD  HD2  sing N N 231 
MLY CD  HD3  sing N N 232 
MLY CE  NZ   sing N N 233 
MLY CE  HE2  sing N N 234 
MLY CE  HE3  sing N N 235 
MLY NZ  CH1  sing N N 236 
MLY NZ  CH2  sing N N 237 
MLY CH1 HH11 sing N N 238 
MLY CH1 HH12 sing N N 239 
MLY CH1 HH13 sing N N 240 
MLY CH2 HH21 sing N N 241 
MLY CH2 HH22 sing N N 242 
MLY CH2 HH23 sing N N 243 
MLY C   O    doub N N 244 
MLY C   OXT  sing N N 245 
MLY OXT HXT  sing N N 246 
NDG C1  C2   sing N N 247 
NDG C1  O5   sing N N 248 
NDG C1  O1   sing N N 249 
NDG C1  H1   sing N N 250 
NDG C2  C3   sing N N 251 
NDG C2  N2   sing N N 252 
NDG C2  H2   sing N N 253 
NDG C3  C4   sing N N 254 
NDG C3  O3   sing N N 255 
NDG C3  H3   sing N N 256 
NDG C4  C5   sing N N 257 
NDG C4  O4   sing N N 258 
NDG C4  H4   sing N N 259 
NDG C5  C6   sing N N 260 
NDG C5  O5   sing N N 261 
NDG C5  H5   sing N N 262 
NDG C6  O6   sing N N 263 
NDG C6  H61  sing N N 264 
NDG C6  H62  sing N N 265 
NDG C7  C8   sing N N 266 
NDG C7  O7   doub N N 267 
NDG C7  N2   sing N N 268 
NDG C8  H81  sing N N 269 
NDG C8  H82  sing N N 270 
NDG C8  H83  sing N N 271 
NDG O3  HO3  sing N N 272 
NDG O4  HO4  sing N N 273 
NDG O6  HO6  sing N N 274 
NDG N2  HN2  sing N N 275 
NDG O1  HO1  sing N N 276 
PHE N   CA   sing N N 277 
PHE N   H    sing N N 278 
PHE N   H2   sing N N 279 
PHE CA  C    sing N N 280 
PHE CA  CB   sing N N 281 
PHE CA  HA   sing N N 282 
PHE C   O    doub N N 283 
PHE C   OXT  sing N N 284 
PHE CB  CG   sing N N 285 
PHE CB  HB2  sing N N 286 
PHE CB  HB3  sing N N 287 
PHE CG  CD1  doub Y N 288 
PHE CG  CD2  sing Y N 289 
PHE CD1 CE1  sing Y N 290 
PHE CD1 HD1  sing N N 291 
PHE CD2 CE2  doub Y N 292 
PHE CD2 HD2  sing N N 293 
PHE CE1 CZ   doub Y N 294 
PHE CE1 HE1  sing N N 295 
PHE CE2 CZ   sing Y N 296 
PHE CE2 HE2  sing N N 297 
PHE CZ  HZ   sing N N 298 
PHE OXT HXT  sing N N 299 
PRO N   CA   sing N N 300 
PRO N   CD   sing N N 301 
PRO N   H    sing N N 302 
PRO CA  C    sing N N 303 
PRO CA  CB   sing N N 304 
PRO CA  HA   sing N N 305 
PRO C   O    doub N N 306 
PRO C   OXT  sing N N 307 
PRO CB  CG   sing N N 308 
PRO CB  HB2  sing N N 309 
PRO CB  HB3  sing N N 310 
PRO CG  CD   sing N N 311 
PRO CG  HG2  sing N N 312 
PRO CG  HG3  sing N N 313 
PRO CD  HD2  sing N N 314 
PRO CD  HD3  sing N N 315 
PRO OXT HXT  sing N N 316 
SER N   CA   sing N N 317 
SER N   H    sing N N 318 
SER N   H2   sing N N 319 
SER CA  C    sing N N 320 
SER CA  CB   sing N N 321 
SER CA  HA   sing N N 322 
SER C   O    doub N N 323 
SER C   OXT  sing N N 324 
SER CB  OG   sing N N 325 
SER CB  HB2  sing N N 326 
SER CB  HB3  sing N N 327 
SER OG  HG   sing N N 328 
SER OXT HXT  sing N N 329 
THR N   CA   sing N N 330 
THR N   H    sing N N 331 
THR N   H2   sing N N 332 
THR CA  C    sing N N 333 
THR CA  CB   sing N N 334 
THR CA  HA   sing N N 335 
THR C   O    doub N N 336 
THR C   OXT  sing N N 337 
THR CB  OG1  sing N N 338 
THR CB  CG2  sing N N 339 
THR CB  HB   sing N N 340 
THR OG1 HG1  sing N N 341 
THR CG2 HG21 sing N N 342 
THR CG2 HG22 sing N N 343 
THR CG2 HG23 sing N N 344 
THR OXT HXT  sing N N 345 
TRP N   CA   sing N N 346 
TRP N   H    sing N N 347 
TRP N   H2   sing N N 348 
TRP CA  C    sing N N 349 
TRP CA  CB   sing N N 350 
TRP CA  HA   sing N N 351 
TRP C   O    doub N N 352 
TRP C   OXT  sing N N 353 
TRP CB  CG   sing N N 354 
TRP CB  HB2  sing N N 355 
TRP CB  HB3  sing N N 356 
TRP CG  CD1  doub Y N 357 
TRP CG  CD2  sing Y N 358 
TRP CD1 NE1  sing Y N 359 
TRP CD1 HD1  sing N N 360 
TRP CD2 CE2  doub Y N 361 
TRP CD2 CE3  sing Y N 362 
TRP NE1 CE2  sing Y N 363 
TRP NE1 HE1  sing N N 364 
TRP CE2 CZ2  sing Y N 365 
TRP CE3 CZ3  doub Y N 366 
TRP CE3 HE3  sing N N 367 
TRP CZ2 CH2  doub Y N 368 
TRP CZ2 HZ2  sing N N 369 
TRP CZ3 CH2  sing Y N 370 
TRP CZ3 HZ3  sing N N 371 
TRP CH2 HH2  sing N N 372 
TRP OXT HXT  sing N N 373 
TYR N   CA   sing N N 374 
TYR N   H    sing N N 375 
TYR N   H2   sing N N 376 
TYR CA  C    sing N N 377 
TYR CA  CB   sing N N 378 
TYR CA  HA   sing N N 379 
TYR C   O    doub N N 380 
TYR C   OXT  sing N N 381 
TYR CB  CG   sing N N 382 
TYR CB  HB2  sing N N 383 
TYR CB  HB3  sing N N 384 
TYR CG  CD1  doub Y N 385 
TYR CG  CD2  sing Y N 386 
TYR CD1 CE1  sing Y N 387 
TYR CD1 HD1  sing N N 388 
TYR CD2 CE2  doub Y N 389 
TYR CD2 HD2  sing N N 390 
TYR CE1 CZ   doub Y N 391 
TYR CE1 HE1  sing N N 392 
TYR CE2 CZ   sing Y N 393 
TYR CE2 HE2  sing N N 394 
TYR CZ  OH   sing N N 395 
TYR OH  HH   sing N N 396 
TYR OXT HXT  sing N N 397 
VAL N   CA   sing N N 398 
VAL N   H    sing N N 399 
VAL N   H2   sing N N 400 
VAL CA  C    sing N N 401 
VAL CA  CB   sing N N 402 
VAL CA  HA   sing N N 403 
VAL C   O    doub N N 404 
VAL C   OXT  sing N N 405 
VAL CB  CG1  sing N N 406 
VAL CB  CG2  sing N N 407 
VAL CB  HB   sing N N 408 
VAL CG1 HG11 sing N N 409 
VAL CG1 HG12 sing N N 410 
VAL CG1 HG13 sing N N 411 
VAL CG2 HG21 sing N N 412 
VAL CG2 HG22 sing N N 413 
VAL CG2 HG23 sing N N 414 
VAL OXT HXT  sing N N 415 
# 
_pdbx_audit_support.funding_organization   'National Health and Medical Research Council (NHMRC, Australia)' 
_pdbx_audit_support.country                Australia 
_pdbx_audit_support.grant_number           GNT1139549 
_pdbx_audit_support.ordinal                1 
# 
loop_
_pdbx_branch_scheme.asym_id 
_pdbx_branch_scheme.entity_id 
_pdbx_branch_scheme.mon_id 
_pdbx_branch_scheme.num 
_pdbx_branch_scheme.pdb_asym_id 
_pdbx_branch_scheme.pdb_mon_id 
_pdbx_branch_scheme.pdb_seq_num 
_pdbx_branch_scheme.auth_asym_id 
_pdbx_branch_scheme.auth_mon_id 
_pdbx_branch_scheme.auth_seq_num 
_pdbx_branch_scheme.hetero 
B 2 GAL 1 B GAL 1 A GNG 101 n 
B 2 NDG 2 B NDG 2 A GNG 101 n 
# 
loop_
_pdbx_chem_comp_identifier.comp_id 
_pdbx_chem_comp_identifier.type 
_pdbx_chem_comp_identifier.program 
_pdbx_chem_comp_identifier.program_version 
_pdbx_chem_comp_identifier.identifier 
GAL 'CONDENSED IUPAC CARBOHYDRATE SYMBOL' GMML     1.0 DGalpb                         
GAL 'COMMON NAME'                         GMML     1.0 b-D-galactopyranose            
GAL 'IUPAC CARBOHYDRATE SYMBOL'           PDB-CARE 1.0 b-D-Galp                       
GAL 'SNFG CARBOHYDRATE SYMBOL'            GMML     1.0 Gal                            
NDG 'CONDENSED IUPAC CARBOHYDRATE SYMBOL' GMML     1.0 DGlcpNAca                      
NDG 'COMMON NAME'                         GMML     1.0 N-acetyl-a-D-glucopyranosamine 
NDG 'IUPAC CARBOHYDRATE SYMBOL'           PDB-CARE 1.0 a-D-GlcpNAc                    
NDG 'SNFG CARBOHYDRATE SYMBOL'            GMML     1.0 GlcNAc                         
# 
_pdbx_entity_branch.entity_id   2 
_pdbx_entity_branch.type        oligosaccharide 
# 
loop_
_pdbx_entity_branch_descriptor.ordinal 
_pdbx_entity_branch_descriptor.entity_id 
_pdbx_entity_branch_descriptor.descriptor 
_pdbx_entity_branch_descriptor.type 
_pdbx_entity_branch_descriptor.program 
_pdbx_entity_branch_descriptor.program_version 
1 2 DGlcpNAca1-4DGalpb1-ROH                                              'Glycam Condensed Sequence' GMML       1.0   
2 2 'WURCS=2.0/2,2,1/[a2112h-1b_1-5][a2122h-1a_1-5_2*NCC/3=O]/1-2/a4-b1' WURCS                       PDB2Glycan 1.1.0 
3 2 '[][b-D-Galp]{[(4+1)][a-D-GlcpNAc]{}}'                               LINUCS                      PDB-CARE   ?     
# 
_pdbx_entity_branch_link.link_id                    1 
_pdbx_entity_branch_link.entity_id                  2 
_pdbx_entity_branch_link.entity_branch_list_num_1   2 
_pdbx_entity_branch_link.comp_id_1                  NDG 
_pdbx_entity_branch_link.atom_id_1                  C1 
_pdbx_entity_branch_link.leaving_atom_id_1          O1 
_pdbx_entity_branch_link.entity_branch_list_num_2   1 
_pdbx_entity_branch_link.comp_id_2                  GAL 
_pdbx_entity_branch_link.atom_id_2                  O4 
_pdbx_entity_branch_link.leaving_atom_id_2          HO4 
_pdbx_entity_branch_link.value_order                sing 
_pdbx_entity_branch_link.details                    ? 
# 
loop_
_pdbx_entity_branch_list.entity_id 
_pdbx_entity_branch_list.comp_id 
_pdbx_entity_branch_list.num 
_pdbx_entity_branch_list.hetero 
2 GAL 1 n 
2 NDG 2 n 
# 
loop_
_pdbx_entity_instance_feature.ordinal 
_pdbx_entity_instance_feature.comp_id 
_pdbx_entity_instance_feature.asym_id 
_pdbx_entity_instance_feature.seq_num 
_pdbx_entity_instance_feature.auth_comp_id 
_pdbx_entity_instance_feature.auth_asym_id 
_pdbx_entity_instance_feature.auth_seq_num 
_pdbx_entity_instance_feature.feature_type 
_pdbx_entity_instance_feature.details 
1 NDG ? ? NDG ? ? 'SUBJECT OF INVESTIGATION' ? 
2 GAL ? ? GAL ? ? 'SUBJECT OF INVESTIGATION' ? 
# 
_pdbx_entity_nonpoly.entity_id   3 
_pdbx_entity_nonpoly.name        water 
_pdbx_entity_nonpoly.comp_id     HOH 
# 
_pdbx_initial_refinement_model.id               1 
_pdbx_initial_refinement_model.entity_id_list   ? 
_pdbx_initial_refinement_model.type             'experimental model' 
_pdbx_initial_refinement_model.source_name      PDB 
_pdbx_initial_refinement_model.accession_code   2PSP 
_pdbx_initial_refinement_model.details          ? 
# 
_pdbx_struct_assembly_auth_evidence.id                     1 
_pdbx_struct_assembly_auth_evidence.assembly_id            1 
_pdbx_struct_assembly_auth_evidence.experimental_support   'isothermal titration calorimetry' 
_pdbx_struct_assembly_auth_evidence.details                ? 
# 
